data_3UUW
#
_entry.id   3UUW
#
_cell.length_a   69.521
_cell.length_b   69.535
_cell.length_c   83.098
_cell.angle_alpha   98.10
_cell.angle_beta   106.97
_cell.angle_gamma   115.73
#
_symmetry.space_group_name_H-M   'P 1'
#
loop_
_entity.id
_entity.type
_entity.pdbx_description
1 polymer 'Putative oxidoreductase with NAD(P)-binding Rossmann-fold domain'
2 non-polymer 'CHLORIDE ION'
3 non-polymer GLYCEROL
4 non-polymer DI(HYDROXYETHYL)ETHER
5 non-polymer 'PENTAETHYLENE GLYCOL'
6 non-polymer 'TRIETHYLENE GLYCOL'
7 water water
#
_entity_poly.entity_id   1
_entity_poly.type   'polypeptide(L)'
_entity_poly.pdbx_seq_one_letter_code
;SNAMKNIKMGMIGLGSIAQKAYLPILTKSERFEFVGAFTPNKVKREKICSDYRIMPFDSIESLAKKCDCIFLHSSTETHY
EIIKILLNLGVHVYVDKPLASTVSQGEELIELSTKKNLNLMVGFNRRFCPMYKEIKNNATEIVSINICKHGLNSLRNVRF
DSTLIDDYIHVIDTALWLANEDVEISGEDLFLTDNKNLIFVSHKLKGKNFSINTSMHRDSGTKLEQVEILSKGKIQRVKN
LNVLEIEEGGNLTLKQSGAWVNILKQKGFEDISNHFIDCIENNIKPAINGEECIKAQRLLEKIINSVK
;
_entity_poly.pdbx_strand_id   A,B,C,D
#
loop_
_chem_comp.id
_chem_comp.type
_chem_comp.name
_chem_comp.formula
1PE non-polymer 'PENTAETHYLENE GLYCOL' 'C10 H22 O6'
CL non-polymer 'CHLORIDE ION' 'Cl -1'
GOL non-polymer GLYCEROL 'C3 H8 O3'
PEG non-polymer DI(HYDROXYETHYL)ETHER 'C4 H10 O3'
PGE non-polymer 'TRIETHYLENE GLYCOL' 'C6 H14 O4'
#
# COMPACT_ATOMS: atom_id res chain seq x y z
N LYS A 5 5.79 -9.44 -46.69
CA LYS A 5 6.97 -8.81 -46.03
C LYS A 5 8.18 -9.71 -46.12
N ASN A 6 9.32 -9.17 -45.73
CA ASN A 6 10.58 -9.87 -45.84
C ASN A 6 10.58 -11.16 -45.01
N ILE A 7 10.17 -11.06 -43.75
CA ILE A 7 10.27 -12.21 -42.87
C ILE A 7 8.96 -13.01 -42.77
N LYS A 8 9.07 -14.32 -42.98
CA LYS A 8 7.94 -15.25 -42.92
C LYS A 8 8.04 -16.03 -41.62
N MET A 9 6.99 -15.97 -40.81
CA MET A 9 6.98 -16.66 -39.51
C MET A 9 5.85 -17.69 -39.45
N GLY A 10 6.14 -18.80 -38.80
CA GLY A 10 5.14 -19.82 -38.51
C GLY A 10 5.18 -20.10 -37.02
N MET A 11 4.12 -20.70 -36.52
CA MET A 11 4.04 -21.10 -35.13
C MET A 11 3.76 -22.58 -35.04
N ILE A 12 4.50 -23.27 -34.16
CA ILE A 12 4.26 -24.68 -33.89
C ILE A 12 3.92 -24.85 -32.42
N GLY A 13 2.79 -25.49 -32.14
CA GLY A 13 2.31 -25.69 -30.78
C GLY A 13 1.34 -24.56 -30.46
N LEU A 14 0.06 -24.88 -30.39
CA LEU A 14 -0.96 -23.87 -30.13
C LEU A 14 -1.67 -24.15 -28.81
N GLY A 15 -0.88 -24.54 -27.81
CA GLY A 15 -1.37 -24.84 -26.47
C GLY A 15 -1.68 -23.60 -25.63
N SER A 16 -1.84 -23.78 -24.33
CA SER A 16 -2.29 -22.66 -23.49
C SER A 16 -1.27 -21.50 -23.46
N ILE A 17 0.02 -21.81 -23.42
CA ILE A 17 1.06 -20.77 -23.42
C ILE A 17 1.05 -19.99 -24.74
N ALA A 18 0.98 -20.69 -25.87
CA ALA A 18 0.90 -19.98 -27.14
C ALA A 18 -0.34 -19.07 -27.17
N GLN A 19 -1.46 -19.60 -26.70
CA GLN A 19 -2.72 -18.86 -26.72
C GLN A 19 -2.75 -17.62 -25.84
N LYS A 20 -2.07 -17.65 -24.69
CA LYS A 20 -2.13 -16.50 -23.79
C LYS A 20 -0.93 -15.55 -23.83
N ALA A 21 0.25 -16.08 -24.20
CA ALA A 21 1.53 -15.30 -24.12
C ALA A 21 2.13 -14.89 -25.45
N TYR A 22 1.73 -15.55 -26.55
CA TYR A 22 2.31 -15.29 -27.87
C TYR A 22 1.33 -14.87 -28.95
N LEU A 23 0.28 -15.67 -29.16
CA LEU A 23 -0.73 -15.36 -30.18
C LEU A 23 -1.27 -13.94 -30.03
N PRO A 24 -1.56 -13.49 -28.79
CA PRO A 24 -2.13 -12.14 -28.72
C PRO A 24 -1.24 -11.04 -29.27
N ILE A 25 0.07 -11.24 -29.25
CA ILE A 25 0.97 -10.22 -29.82
C ILE A 25 1.32 -10.50 -31.29
N LEU A 26 1.58 -11.78 -31.63
CA LEU A 26 2.07 -12.10 -32.95
C LEU A 26 0.99 -12.06 -34.02
N THR A 27 -0.28 -12.15 -33.62
CA THR A 27 -1.37 -12.10 -34.58
C THR A 27 -1.63 -10.69 -35.10
N LYS A 28 -1.04 -9.68 -34.45
CA LYS A 28 -0.96 -8.31 -34.97
C LYS A 28 0.41 -8.32 -35.67
N SER A 29 0.39 -8.80 -36.89
CA SER A 29 1.62 -9.18 -37.59
C SER A 29 2.20 -8.02 -38.36
N GLU A 30 2.86 -7.11 -37.64
CA GLU A 30 3.37 -5.85 -38.22
C GLU A 30 4.70 -5.97 -38.95
N ARG A 31 5.61 -6.76 -38.42
CA ARG A 31 7.00 -6.82 -38.94
C ARG A 31 7.35 -8.13 -39.64
N PHE A 32 6.32 -8.92 -39.94
CA PHE A 32 6.50 -10.20 -40.59
C PHE A 32 5.18 -10.65 -41.16
N GLU A 33 5.25 -11.68 -42.01
CA GLU A 33 4.05 -12.34 -42.50
C GLU A 33 3.82 -13.58 -41.64
N PHE A 34 2.62 -13.72 -41.09
CA PHE A 34 2.24 -14.90 -40.29
C PHE A 34 1.74 -15.95 -41.29
N VAL A 35 2.68 -16.77 -41.77
CA VAL A 35 2.42 -17.73 -42.84
C VAL A 35 1.44 -18.82 -42.47
N GLY A 36 1.54 -19.32 -41.24
CA GLY A 36 0.68 -20.41 -40.81
C GLY A 36 1.04 -20.96 -39.46
N ALA A 37 0.28 -21.97 -39.04
CA ALA A 37 0.50 -22.57 -37.76
C ALA A 37 0.14 -24.06 -37.80
N PHE A 38 0.80 -24.81 -36.94
CA PHE A 38 0.57 -26.24 -36.82
C PHE A 38 0.54 -26.59 -35.35
N THR A 39 -0.38 -27.49 -35.03
CA THR A 39 -0.42 -28.15 -33.74
C THR A 39 -0.98 -29.58 -34.03
N PRO A 40 -0.54 -30.59 -33.27
CA PRO A 40 -0.96 -31.97 -33.62
C PRO A 40 -2.45 -32.24 -33.64
N ASN A 41 -3.21 -31.56 -32.78
CA ASN A 41 -4.65 -31.80 -32.69
C ASN A 41 -5.31 -31.00 -33.80
N LYS A 42 -5.76 -31.71 -34.85
CA LYS A 42 -6.33 -31.07 -36.02
C LYS A 42 -7.53 -30.17 -35.71
N VAL A 43 -8.40 -30.61 -34.80
CA VAL A 43 -9.59 -29.84 -34.45
C VAL A 43 -9.18 -28.50 -33.82
N LYS A 44 -8.25 -28.57 -32.87
CA LYS A 44 -7.79 -27.38 -32.20
C LYS A 44 -7.08 -26.48 -33.19
N ARG A 45 -6.26 -27.10 -34.05
CA ARG A 45 -5.50 -26.36 -35.06
C ARG A 45 -6.42 -25.53 -35.94
N GLU A 46 -7.45 -26.17 -36.45
CA GLU A 46 -8.36 -25.49 -37.38
C GLU A 46 -9.16 -24.38 -36.69
N LYS A 47 -9.56 -24.60 -35.44
N LYS A 47 -9.55 -24.59 -35.44
CA LYS A 47 -10.33 -23.61 -34.70
CA LYS A 47 -10.28 -23.57 -34.69
C LYS A 47 -9.48 -22.37 -34.42
C LYS A 47 -9.44 -22.31 -34.47
N ILE A 48 -8.28 -22.57 -33.86
N ILE A 48 -8.27 -22.50 -33.86
CA ILE A 48 -7.38 -21.45 -33.57
CA ILE A 48 -7.38 -21.38 -33.56
C ILE A 48 -7.03 -20.68 -34.84
C ILE A 48 -6.94 -20.65 -34.83
N CYS A 49 -6.61 -21.39 -35.89
CA CYS A 49 -6.26 -20.74 -37.16
C CYS A 49 -7.44 -19.95 -37.75
N SER A 50 -8.64 -20.51 -37.66
CA SER A 50 -9.84 -19.82 -38.13
C SER A 50 -10.09 -18.54 -37.32
N ASP A 51 -9.94 -18.61 -36.01
CA ASP A 51 -10.18 -17.46 -35.14
C ASP A 51 -9.32 -16.28 -35.58
N TYR A 52 -8.08 -16.56 -35.98
CA TYR A 52 -7.13 -15.51 -36.33
C TYR A 52 -6.86 -15.32 -37.82
N ARG A 53 -7.56 -16.09 -38.65
CA ARG A 53 -7.41 -16.01 -40.11
C ARG A 53 -6.00 -16.33 -40.54
N ILE A 54 -5.45 -17.37 -39.92
CA ILE A 54 -4.13 -17.88 -40.21
C ILE A 54 -4.33 -19.19 -40.96
N MET A 55 -3.40 -19.50 -41.84
N MET A 55 -3.42 -19.50 -41.87
CA MET A 55 -3.46 -20.74 -42.62
CA MET A 55 -3.51 -20.74 -42.64
C MET A 55 -3.01 -21.91 -41.76
C MET A 55 -3.01 -21.92 -41.80
N PRO A 56 -3.86 -22.94 -41.62
CA PRO A 56 -3.42 -24.15 -40.89
C PRO A 56 -2.54 -25.04 -41.78
N PHE A 57 -1.50 -25.61 -41.19
CA PHE A 57 -0.62 -26.55 -41.89
C PHE A 57 -0.76 -27.95 -41.28
N ASP A 58 -0.52 -28.97 -42.08
CA ASP A 58 -0.75 -30.34 -41.63
C ASP A 58 0.48 -31.01 -40.99
N SER A 59 1.63 -30.34 -41.03
CA SER A 59 2.83 -30.88 -40.41
C SER A 59 3.88 -29.82 -40.13
N ILE A 60 4.80 -30.17 -39.23
CA ILE A 60 5.94 -29.34 -38.90
C ILE A 60 6.75 -29.06 -40.15
N GLU A 61 6.97 -30.10 -40.95
CA GLU A 61 7.82 -29.96 -42.14
C GLU A 61 7.21 -29.06 -43.20
N SER A 62 5.93 -29.24 -43.51
CA SER A 62 5.29 -28.41 -44.54
C SER A 62 5.28 -26.94 -44.16
N LEU A 63 5.09 -26.66 -42.87
CA LEU A 63 5.08 -25.27 -42.43
C LEU A 63 6.49 -24.68 -42.51
N ALA A 64 7.47 -25.42 -41.98
CA ALA A 64 8.84 -24.93 -41.91
C ALA A 64 9.40 -24.58 -43.29
N LYS A 65 9.02 -25.37 -44.30
CA LYS A 65 9.48 -25.13 -45.68
C LYS A 65 8.98 -23.81 -46.27
N LYS A 66 7.96 -23.23 -45.66
CA LYS A 66 7.40 -21.96 -46.11
C LYS A 66 7.73 -20.78 -45.20
N CYS A 67 8.60 -20.98 -44.22
CA CYS A 67 8.93 -19.95 -43.21
C CYS A 67 10.41 -19.67 -43.12
N ASP A 68 10.77 -18.49 -42.63
CA ASP A 68 12.15 -18.14 -42.32
C ASP A 68 12.43 -18.40 -40.83
N CYS A 69 11.37 -18.41 -40.02
CA CYS A 69 11.51 -18.60 -38.58
C CYS A 69 10.24 -19.19 -37.99
N ILE A 70 10.40 -19.81 -36.83
CA ILE A 70 9.32 -20.48 -36.14
C ILE A 70 9.35 -20.14 -34.66
N PHE A 71 8.17 -19.86 -34.11
CA PHE A 71 7.92 -19.78 -32.66
C PHE A 71 7.38 -21.16 -32.27
N LEU A 72 8.14 -21.84 -31.42
CA LEU A 72 7.83 -23.20 -30.97
C LEU A 72 7.40 -23.21 -29.50
N HIS A 73 6.16 -23.63 -29.27
CA HIS A 73 5.59 -23.60 -27.91
C HIS A 73 5.11 -24.97 -27.51
N SER A 74 5.85 -25.99 -27.93
CA SER A 74 5.51 -27.39 -27.61
C SER A 74 6.07 -27.83 -26.26
N SER A 75 5.69 -29.02 -25.82
CA SER A 75 6.13 -29.55 -24.55
C SER A 75 7.64 -29.71 -24.56
N THR A 76 8.24 -29.50 -23.39
CA THR A 76 9.69 -29.59 -23.25
C THR A 76 10.29 -30.85 -23.83
N GLU A 77 9.63 -31.99 -23.63
CA GLU A 77 10.19 -33.26 -24.10
C GLU A 77 10.27 -33.38 -25.64
N THR A 78 9.46 -32.61 -26.36
CA THR A 78 9.47 -32.65 -27.82
C THR A 78 10.44 -31.64 -28.43
N HIS A 79 11.00 -30.75 -27.62
CA HIS A 79 11.88 -29.72 -28.18
C HIS A 79 13.04 -30.28 -29.00
N TYR A 80 13.78 -31.21 -28.44
CA TYR A 80 15.00 -31.73 -29.06
C TYR A 80 14.77 -32.25 -30.48
N GLU A 81 13.79 -33.14 -30.66
CA GLU A 81 13.52 -33.67 -31.98
C GLU A 81 12.94 -32.63 -32.93
N ILE A 82 12.05 -31.78 -32.45
CA ILE A 82 11.47 -30.78 -33.33
C ILE A 82 12.51 -29.75 -33.77
N ILE A 83 13.32 -29.25 -32.85
CA ILE A 83 14.30 -28.23 -33.21
C ILE A 83 15.35 -28.76 -34.19
N LYS A 84 15.74 -30.02 -34.05
N LYS A 84 15.74 -30.03 -34.05
CA LYS A 84 16.69 -30.61 -34.96
CA LYS A 84 16.68 -30.64 -34.99
C LYS A 84 16.12 -30.57 -36.39
C LYS A 84 16.10 -30.54 -36.40
N ILE A 85 14.84 -30.94 -36.55
CA ILE A 85 14.16 -30.86 -37.86
C ILE A 85 14.15 -29.43 -38.42
N LEU A 86 13.79 -28.48 -37.57
CA LEU A 86 13.63 -27.09 -37.99
C LEU A 86 14.94 -26.45 -38.43
N LEU A 87 15.98 -26.64 -37.61
CA LEU A 87 17.29 -26.09 -37.94
C LEU A 87 17.80 -26.72 -39.24
N ASN A 88 17.54 -28.00 -39.45
CA ASN A 88 18.01 -28.65 -40.67
C ASN A 88 17.24 -28.20 -41.91
N LEU A 89 16.03 -27.66 -41.70
CA LEU A 89 15.22 -27.07 -42.77
C LEU A 89 15.50 -25.57 -42.95
N GLY A 90 16.46 -25.01 -42.19
CA GLY A 90 16.93 -23.65 -42.42
C GLY A 90 16.11 -22.54 -41.80
N VAL A 91 15.40 -22.84 -40.71
CA VAL A 91 14.59 -21.82 -40.07
C VAL A 91 15.15 -21.44 -38.69
N HIS A 92 15.11 -20.15 -38.37
CA HIS A 92 15.47 -19.66 -37.04
C HIS A 92 14.40 -20.14 -36.09
N VAL A 93 14.76 -20.36 -34.82
CA VAL A 93 13.81 -20.92 -33.87
C VAL A 93 13.79 -20.17 -32.55
N TYR A 94 12.60 -19.73 -32.17
CA TYR A 94 12.33 -19.25 -30.82
C TYR A 94 11.57 -20.35 -30.08
N VAL A 95 12.04 -20.72 -28.90
CA VAL A 95 11.38 -21.79 -28.13
C VAL A 95 11.24 -21.38 -26.67
N ASP A 96 10.15 -21.78 -26.03
CA ASP A 96 10.01 -21.57 -24.60
C ASP A 96 11.05 -22.37 -23.83
N LYS A 97 11.37 -21.89 -22.62
CA LYS A 97 12.34 -22.55 -21.79
C LYS A 97 11.78 -23.88 -21.28
N PRO A 98 12.67 -24.85 -21.01
CA PRO A 98 14.11 -24.84 -21.27
C PRO A 98 14.34 -25.25 -22.74
N LEU A 99 15.54 -25.04 -23.24
CA LEU A 99 15.87 -25.36 -24.63
C LEU A 99 15.51 -26.81 -24.95
N ALA A 100 16.07 -27.74 -24.19
CA ALA A 100 15.77 -29.15 -24.36
C ALA A 100 15.68 -29.86 -22.99
N SER A 101 15.27 -31.13 -22.99
CA SER A 101 15.15 -31.86 -21.73
C SER A 101 16.45 -31.90 -20.92
N THR A 102 17.58 -31.97 -21.61
CA THR A 102 18.88 -31.98 -20.96
C THR A 102 19.78 -30.88 -21.53
N VAL A 103 20.74 -30.43 -20.75
CA VAL A 103 21.71 -29.44 -21.24
C VAL A 103 22.52 -30.00 -22.41
N SER A 104 22.89 -31.27 -22.32
CA SER A 104 23.67 -31.91 -23.38
C SER A 104 22.94 -31.82 -24.73
N GLN A 105 21.64 -32.12 -24.72
CA GLN A 105 20.83 -31.95 -25.93
C GLN A 105 20.84 -30.50 -26.38
N GLY A 106 20.67 -29.57 -25.44
CA GLY A 106 20.75 -28.16 -25.76
C GLY A 106 22.07 -27.75 -26.44
N GLU A 107 23.19 -28.26 -25.92
CA GLU A 107 24.50 -27.95 -26.50
C GLU A 107 24.61 -28.41 -27.95
N GLU A 108 24.00 -29.56 -28.25
CA GLU A 108 24.01 -30.10 -29.60
C GLU A 108 23.20 -29.21 -30.55
N LEU A 109 22.03 -28.78 -30.08
CA LEU A 109 21.17 -27.89 -30.87
C LEU A 109 21.84 -26.55 -31.13
N ILE A 110 22.52 -26.01 -30.13
CA ILE A 110 23.23 -24.73 -30.28
C ILE A 110 24.27 -24.84 -31.38
N GLU A 111 25.04 -25.93 -31.37
CA GLU A 111 26.07 -26.08 -32.40
C GLU A 111 25.44 -26.23 -33.77
N LEU A 112 24.36 -26.98 -33.87
CA LEU A 112 23.64 -27.11 -35.16
C LEU A 112 23.18 -25.73 -35.65
N SER A 113 22.65 -24.91 -34.76
CA SER A 113 22.17 -23.58 -35.15
C SER A 113 23.33 -22.71 -35.66
N THR A 114 24.48 -22.76 -34.98
CA THR A 114 25.61 -21.93 -35.41
C THR A 114 26.19 -22.41 -36.77
N LYS A 115 26.22 -23.73 -36.98
CA LYS A 115 26.66 -24.28 -38.26
C LYS A 115 25.78 -23.75 -39.40
N LYS A 116 24.46 -23.66 -39.14
CA LYS A 116 23.49 -23.24 -40.15
C LYS A 116 23.34 -21.71 -40.25
N ASN A 117 24.06 -20.99 -39.39
CA ASN A 117 23.95 -19.54 -39.27
C ASN A 117 22.51 -19.12 -38.95
N LEU A 118 21.94 -19.80 -37.95
CA LEU A 118 20.58 -19.55 -37.53
C LEU A 118 20.54 -19.18 -36.04
N ASN A 119 19.56 -18.36 -35.67
CA ASN A 119 19.36 -18.00 -34.28
C ASN A 119 18.44 -19.00 -33.62
N LEU A 120 18.91 -19.51 -32.49
CA LEU A 120 18.13 -20.41 -31.63
C LEU A 120 18.04 -19.66 -30.33
N MET A 121 16.85 -19.14 -30.02
CA MET A 121 16.64 -18.30 -28.83
C MET A 121 15.65 -18.97 -27.87
N VAL A 122 15.98 -18.91 -26.57
CA VAL A 122 15.11 -19.43 -25.53
C VAL A 122 14.37 -18.27 -24.88
N GLY A 123 13.07 -18.50 -24.63
CA GLY A 123 12.16 -17.46 -24.17
C GLY A 123 12.22 -17.08 -22.71
N PHE A 124 13.34 -16.51 -22.32
CA PHE A 124 13.47 -15.98 -20.95
C PHE A 124 12.90 -14.58 -20.95
N ASN A 125 11.58 -14.50 -20.94
CA ASN A 125 10.89 -13.21 -21.05
C ASN A 125 11.27 -12.18 -19.99
N ARG A 126 11.64 -12.65 -18.80
CA ARG A 126 11.96 -11.73 -17.72
C ARG A 126 13.14 -10.81 -18.04
N ARG A 127 14.06 -11.27 -18.91
CA ARG A 127 15.18 -10.42 -19.35
C ARG A 127 14.71 -9.21 -20.17
N PHE A 128 13.45 -9.24 -20.61
CA PHE A 128 12.84 -8.17 -21.39
C PHE A 128 11.67 -7.50 -20.67
N CYS A 129 11.43 -7.91 -19.42
CA CYS A 129 10.41 -7.29 -18.60
C CYS A 129 10.81 -5.82 -18.42
N PRO A 130 9.97 -4.89 -18.84
CA PRO A 130 10.40 -3.48 -18.79
C PRO A 130 10.80 -3.01 -17.39
N MET A 131 10.09 -3.41 -16.35
CA MET A 131 10.43 -2.90 -15.01
C MET A 131 11.67 -3.57 -14.45
N TYR A 132 11.91 -4.82 -14.83
CA TYR A 132 13.14 -5.49 -14.42
C TYR A 132 14.34 -4.83 -15.09
N LYS A 133 14.21 -4.50 -16.37
CA LYS A 133 15.26 -3.79 -17.05
C LYS A 133 15.54 -2.44 -16.38
N GLU A 134 14.48 -1.73 -16.00
CA GLU A 134 14.65 -0.43 -15.37
C GLU A 134 15.44 -0.54 -14.07
N ILE A 135 15.09 -1.47 -13.20
CA ILE A 135 15.78 -1.54 -11.91
C ILE A 135 17.20 -2.03 -12.11
N LYS A 136 17.42 -2.89 -13.10
CA LYS A 136 18.77 -3.37 -13.39
C LYS A 136 19.63 -2.20 -13.86
N ASN A 137 19.06 -1.40 -14.75
CA ASN A 137 19.80 -0.26 -15.34
C ASN A 137 20.11 0.83 -14.31
N ASN A 138 19.25 0.97 -13.29
CA ASN A 138 19.39 2.04 -12.31
C ASN A 138 20.09 1.66 -11.00
N ALA A 139 20.47 0.39 -10.89
CA ALA A 139 21.12 -0.12 -9.67
C ALA A 139 22.62 0.03 -9.80
N THR A 140 23.23 0.64 -8.81
CA THR A 140 24.68 0.76 -8.76
C THR A 140 25.14 0.45 -7.33
N GLU A 141 26.30 -0.19 -7.20
CA GLU A 141 26.83 -0.53 -5.88
C GLU A 141 25.84 -1.42 -5.10
N ILE A 142 25.43 -2.49 -5.77
CA ILE A 142 24.55 -3.47 -5.20
C ILE A 142 25.19 -4.22 -4.04
N VAL A 143 24.43 -4.40 -2.95
CA VAL A 143 24.90 -5.19 -1.85
C VAL A 143 24.16 -6.55 -1.70
N SER A 144 22.97 -6.68 -2.28
CA SER A 144 22.20 -7.93 -2.17
C SER A 144 21.02 -7.89 -3.12
N ILE A 145 20.60 -9.06 -3.60
CA ILE A 145 19.40 -9.16 -4.42
C ILE A 145 18.59 -10.33 -3.88
N ASN A 146 17.30 -10.13 -3.79
CA ASN A 146 16.38 -11.21 -3.40
C ASN A 146 15.37 -11.43 -4.51
N ILE A 147 15.12 -12.69 -4.89
CA ILE A 147 14.16 -12.99 -5.92
C ILE A 147 13.29 -14.12 -5.44
N CYS A 148 11.98 -13.94 -5.48
CA CYS A 148 11.10 -15.02 -5.12
C CYS A 148 9.97 -15.19 -6.11
N LYS A 149 9.43 -16.40 -6.16
CA LYS A 149 8.30 -16.73 -7.03
C LYS A 149 7.51 -17.83 -6.35
N HIS A 150 6.39 -17.42 -5.75
CA HIS A 150 5.57 -18.30 -4.94
C HIS A 150 4.24 -18.56 -5.59
N GLY A 151 3.65 -19.71 -5.27
CA GLY A 151 2.39 -20.03 -5.88
C GLY A 151 1.38 -20.45 -4.86
N LEU A 152 0.11 -20.35 -5.25
CA LEU A 152 -1.04 -20.73 -4.45
C LEU A 152 -1.59 -22.04 -5.01
N ASN A 153 -1.70 -23.06 -4.16
CA ASN A 153 -2.19 -24.37 -4.60
C ASN A 153 -1.45 -24.85 -5.86
N SER A 154 -0.12 -24.63 -5.89
CA SER A 154 0.74 -25.00 -7.03
C SER A 154 1.48 -26.33 -6.79
N LEU A 155 1.09 -27.04 -5.73
CA LEU A 155 1.71 -28.29 -5.33
C LEU A 155 1.00 -29.41 -6.10
N ARG A 156 1.73 -30.07 -6.99
CA ARG A 156 1.17 -31.11 -7.86
C ARG A 156 2.00 -32.39 -7.86
N ASN A 157 1.47 -33.44 -8.49
CA ASN A 157 2.17 -34.72 -8.48
C ASN A 157 3.08 -34.92 -9.70
N VAL A 158 4.16 -34.14 -9.73
CA VAL A 158 5.19 -34.29 -10.74
C VAL A 158 6.48 -34.28 -9.96
N ARG A 159 7.48 -35.04 -10.41
CA ARG A 159 8.73 -35.09 -9.68
C ARG A 159 9.35 -33.67 -9.60
N PHE A 160 10.01 -33.39 -8.49
CA PHE A 160 10.55 -32.03 -8.25
C PHE A 160 11.46 -31.51 -9.36
N ASP A 161 12.25 -32.39 -9.99
CA ASP A 161 13.15 -31.93 -11.05
C ASP A 161 12.43 -31.27 -12.22
N SER A 162 11.25 -31.78 -12.56
CA SER A 162 10.44 -31.18 -13.63
C SER A 162 10.04 -29.75 -13.26
N THR A 163 9.59 -29.56 -12.02
CA THR A 163 9.20 -28.23 -11.55
C THR A 163 10.40 -27.27 -11.51
N LEU A 164 11.56 -27.76 -11.10
CA LEU A 164 12.73 -26.91 -11.09
C LEU A 164 13.09 -26.38 -12.50
N ILE A 165 13.16 -27.30 -13.46
N ILE A 165 13.21 -27.25 -13.50
CA ILE A 165 13.53 -26.97 -14.84
CA ILE A 165 13.62 -26.78 -14.84
C ILE A 165 12.49 -26.13 -15.56
C ILE A 165 12.48 -26.08 -15.59
N ASP A 166 11.23 -26.31 -15.18
CA ASP A 166 10.08 -25.68 -15.82
C ASP A 166 9.76 -24.31 -15.26
N ASP A 167 9.93 -24.12 -13.95
CA ASP A 167 9.52 -22.87 -13.31
C ASP A 167 10.61 -22.19 -12.49
N TYR A 168 11.32 -22.93 -11.64
CA TYR A 168 12.39 -22.31 -10.86
C TYR A 168 13.47 -21.76 -11.78
N ILE A 169 13.54 -22.27 -12.99
CA ILE A 169 14.52 -21.81 -13.98
C ILE A 169 14.37 -20.32 -14.23
N HIS A 170 13.13 -19.81 -14.16
CA HIS A 170 12.92 -18.37 -14.33
C HIS A 170 13.59 -17.55 -13.24
N VAL A 171 13.54 -18.05 -12.01
CA VAL A 171 14.16 -17.39 -10.87
C VAL A 171 15.70 -17.38 -11.02
N ILE A 172 16.25 -18.56 -11.32
CA ILE A 172 17.70 -18.73 -11.51
C ILE A 172 18.18 -17.91 -12.71
N ASP A 173 17.48 -17.98 -13.84
CA ASP A 173 17.93 -17.20 -14.98
C ASP A 173 17.93 -15.69 -14.69
N THR A 174 16.88 -15.21 -14.04
CA THR A 174 16.82 -13.77 -13.71
C THR A 174 17.97 -13.40 -12.78
N ALA A 175 18.26 -14.27 -11.81
CA ALA A 175 19.38 -14.08 -10.89
C ALA A 175 20.70 -13.93 -11.64
N LEU A 176 20.97 -14.84 -12.57
CA LEU A 176 22.24 -14.85 -13.26
C LEU A 176 22.35 -13.63 -14.19
N TRP A 177 21.22 -13.21 -14.77
CA TRP A 177 21.17 -12.03 -15.64
C TRP A 177 21.44 -10.76 -14.84
N LEU A 178 20.91 -10.71 -13.62
CA LEU A 178 21.17 -9.58 -12.72
C LEU A 178 22.57 -9.61 -12.12
N ALA A 179 23.09 -10.80 -11.84
CA ALA A 179 24.42 -10.91 -11.25
C ALA A 179 25.45 -10.32 -12.20
N ASN A 180 25.32 -10.65 -13.48
CA ASN A 180 26.28 -10.24 -14.49
C ASN A 180 27.74 -10.51 -14.05
N GLU A 181 27.91 -11.55 -13.25
CA GLU A 181 29.22 -11.99 -12.78
C GLU A 181 29.07 -13.45 -12.40
N ASP A 182 30.18 -14.16 -12.28
CA ASP A 182 30.13 -15.57 -11.91
C ASP A 182 29.62 -15.70 -10.48
N VAL A 183 28.85 -16.74 -10.24
CA VAL A 183 28.35 -17.00 -8.90
C VAL A 183 28.51 -18.47 -8.54
N GLU A 184 28.52 -18.74 -7.24
CA GLU A 184 28.66 -20.07 -6.69
C GLU A 184 27.54 -20.30 -5.70
N ILE A 185 26.96 -21.51 -5.66
CA ILE A 185 25.96 -21.84 -4.64
C ILE A 185 26.60 -21.90 -3.25
N SER A 186 26.09 -21.08 -2.32
CA SER A 186 26.63 -21.03 -0.96
C SER A 186 25.59 -21.42 0.10
N GLY A 187 24.41 -21.83 -0.34
CA GLY A 187 23.35 -22.25 0.56
C GLY A 187 22.22 -22.82 -0.27
N GLU A 188 21.52 -23.81 0.30
CA GLU A 188 20.39 -24.48 -0.34
C GLU A 188 19.39 -25.03 0.67
N ASP A 189 18.11 -24.81 0.40
CA ASP A 189 17.02 -25.51 1.08
C ASP A 189 16.28 -26.24 -0.04
N LEU A 190 15.97 -27.50 0.15
CA LEU A 190 15.18 -28.20 -0.84
C LEU A 190 14.26 -29.15 -0.11
N PHE A 191 12.97 -28.80 -0.07
CA PHE A 191 11.97 -29.55 0.68
C PHE A 191 11.00 -30.22 -0.28
N LEU A 192 10.88 -31.54 -0.12
CA LEU A 192 10.08 -32.37 -0.99
C LEU A 192 9.04 -33.14 -0.20
N THR A 193 7.93 -33.46 -0.87
CA THR A 193 6.92 -34.33 -0.28
C THR A 193 7.51 -35.75 -0.22
N ASP A 194 6.81 -36.63 0.47
CA ASP A 194 7.22 -38.03 0.55
C ASP A 194 7.34 -38.62 -0.86
N ASN A 195 6.46 -38.18 -1.76
CA ASN A 195 6.46 -38.66 -3.15
C ASN A 195 7.38 -37.85 -4.08
N LYS A 196 8.33 -37.10 -3.50
CA LYS A 196 9.32 -36.34 -4.27
C LYS A 196 8.80 -35.17 -5.11
N ASN A 197 7.67 -34.59 -4.69
CA ASN A 197 7.16 -33.39 -5.34
C ASN A 197 7.80 -32.16 -4.65
N LEU A 198 8.03 -31.08 -5.40
CA LEU A 198 8.62 -29.87 -4.84
C LEU A 198 7.66 -29.10 -3.95
N ILE A 199 8.08 -28.82 -2.73
CA ILE A 199 7.35 -27.93 -1.82
C ILE A 199 8.01 -26.55 -1.80
N PHE A 200 9.28 -26.53 -1.47
CA PHE A 200 10.03 -25.27 -1.34
C PHE A 200 11.47 -25.47 -1.77
N VAL A 201 12.03 -24.46 -2.43
CA VAL A 201 13.44 -24.46 -2.79
C VAL A 201 13.98 -23.07 -2.62
N SER A 202 15.22 -23.01 -2.17
N SER A 202 15.20 -22.99 -2.12
CA SER A 202 15.91 -21.75 -2.02
CA SER A 202 15.90 -21.71 -1.98
C SER A 202 17.40 -21.93 -2.17
C SER A 202 17.40 -21.91 -2.12
N HIS A 203 18.06 -20.90 -2.68
CA HIS A 203 19.50 -20.89 -2.83
C HIS A 203 20.08 -19.54 -2.51
N LYS A 204 21.32 -19.56 -2.08
CA LYS A 204 22.10 -18.36 -2.01
C LYS A 204 23.19 -18.50 -3.07
N LEU A 205 23.23 -17.52 -3.98
CA LEU A 205 24.19 -17.47 -5.07
C LEU A 205 25.19 -16.35 -4.76
N LYS A 206 26.43 -16.75 -4.48
CA LYS A 206 27.46 -15.81 -4.07
C LYS A 206 28.36 -15.32 -5.20
N GLY A 207 28.44 -14.00 -5.36
CA GLY A 207 29.36 -13.36 -6.32
C GLY A 207 30.43 -12.60 -5.56
N LYS A 208 31.42 -12.05 -6.27
CA LYS A 208 32.47 -11.26 -5.63
C LYS A 208 31.93 -10.06 -4.88
N ASN A 209 30.94 -9.40 -5.48
CA ASN A 209 30.42 -8.13 -4.98
C ASN A 209 29.15 -8.20 -4.15
N PHE A 210 28.35 -9.24 -4.39
CA PHE A 210 27.10 -9.42 -3.66
C PHE A 210 26.54 -10.81 -3.90
N SER A 211 25.53 -11.17 -3.13
CA SER A 211 24.87 -12.46 -3.28
C SER A 211 23.42 -12.28 -3.70
N ILE A 212 22.88 -13.33 -4.32
N ILE A 212 22.85 -13.34 -4.27
CA ILE A 212 21.49 -13.34 -4.70
CA ILE A 212 21.47 -13.31 -4.72
C ILE A 212 20.82 -14.44 -3.91
C ILE A 212 20.72 -14.46 -4.06
N ASN A 213 19.69 -14.11 -3.31
CA ASN A 213 18.90 -15.09 -2.58
C ASN A 213 17.64 -15.37 -3.36
N THR A 214 17.53 -16.63 -3.80
CA THR A 214 16.43 -17.09 -4.64
C THR A 214 15.53 -17.99 -3.86
N SER A 215 14.22 -17.87 -4.07
N SER A 215 14.24 -17.92 -4.10
CA SER A 215 13.22 -18.65 -3.28
CA SER A 215 13.34 -18.85 -3.45
C SER A 215 11.91 -18.93 -4.03
C SER A 215 12.06 -19.07 -4.22
N MET A 216 11.40 -20.15 -3.86
CA MET A 216 10.15 -20.56 -4.49
C MET A 216 9.37 -21.53 -3.58
N HIS A 217 8.21 -21.07 -3.13
CA HIS A 217 7.31 -21.88 -2.30
C HIS A 217 6.07 -22.18 -3.14
N ARG A 218 5.85 -23.45 -3.38
CA ARG A 218 4.77 -23.94 -4.23
C ARG A 218 3.43 -24.05 -3.51
N ASP A 219 3.45 -23.92 -2.18
CA ASP A 219 2.23 -24.06 -1.38
C ASP A 219 2.12 -22.86 -0.45
N SER A 220 2.19 -21.67 -1.05
CA SER A 220 2.14 -20.38 -0.34
C SER A 220 0.71 -19.84 -0.21
N GLY A 221 0.58 -18.57 0.17
CA GLY A 221 -0.73 -17.97 0.40
C GLY A 221 -1.23 -17.12 -0.73
N THR A 222 -0.40 -16.98 -1.75
CA THR A 222 -0.75 -16.20 -2.92
C THR A 222 0.24 -16.49 -4.02
N LYS A 223 -0.12 -16.08 -5.23
CA LYS A 223 0.80 -16.12 -6.35
C LYS A 223 1.49 -14.76 -6.36
N LEU A 224 2.80 -14.78 -6.11
N LEU A 224 2.80 -14.75 -6.18
CA LEU A 224 3.64 -13.59 -6.01
CA LEU A 224 3.55 -13.49 -6.17
C LEU A 224 4.93 -13.80 -6.80
C LEU A 224 4.99 -13.69 -6.58
N GLU A 225 5.47 -12.74 -7.38
CA GLU A 225 6.84 -12.76 -7.85
C GLU A 225 7.40 -11.43 -7.41
N GLN A 226 8.65 -11.44 -6.95
CA GLN A 226 9.29 -10.20 -6.58
C GLN A 226 10.79 -10.27 -6.78
N VAL A 227 11.34 -9.20 -7.36
CA VAL A 227 12.78 -8.96 -7.39
C VAL A 227 13.04 -7.71 -6.53
N GLU A 228 13.99 -7.81 -5.61
CA GLU A 228 14.36 -6.71 -4.72
C GLU A 228 15.85 -6.55 -4.81
N ILE A 229 16.28 -5.34 -5.14
CA ILE A 229 17.70 -5.03 -5.20
C ILE A 229 18.05 -4.02 -4.12
N LEU A 230 18.97 -4.39 -3.23
N LEU A 230 18.97 -4.39 -3.24
CA LEU A 230 19.49 -3.49 -2.20
CA LEU A 230 19.50 -3.50 -2.23
C LEU A 230 20.82 -2.90 -2.70
C LEU A 230 20.77 -2.89 -2.83
N SER A 231 20.87 -1.57 -2.81
CA SER A 231 22.08 -0.90 -3.30
C SER A 231 22.38 0.33 -2.45
N LYS A 232 23.53 0.95 -2.69
CA LYS A 232 23.90 2.11 -1.91
C LYS A 232 22.80 3.16 -1.95
N GLY A 233 22.22 3.46 -0.80
CA GLY A 233 21.19 4.48 -0.66
C GLY A 233 19.85 4.17 -1.26
N LYS A 234 19.58 2.91 -1.60
CA LYS A 234 18.37 2.61 -2.34
C LYS A 234 17.89 1.18 -2.18
N ILE A 235 16.58 1.00 -2.17
CA ILE A 235 15.98 -0.33 -2.35
C ILE A 235 15.08 -0.19 -3.57
N GLN A 236 15.19 -1.14 -4.50
CA GLN A 236 14.27 -1.18 -5.63
C GLN A 236 13.54 -2.53 -5.60
N ARG A 237 12.25 -2.52 -5.88
CA ARG A 237 11.52 -3.78 -5.96
C ARG A 237 10.58 -3.74 -7.14
N VAL A 238 10.42 -4.88 -7.78
CA VAL A 238 9.39 -5.02 -8.81
C VAL A 238 8.52 -6.20 -8.37
N LYS A 239 7.22 -5.95 -8.23
CA LYS A 239 6.29 -6.96 -7.79
C LYS A 239 5.39 -7.38 -8.92
N ASN A 240 5.27 -8.69 -9.09
CA ASN A 240 4.41 -9.30 -10.14
C ASN A 240 4.66 -8.73 -11.53
N LEU A 241 5.92 -8.38 -11.78
CA LEU A 241 6.41 -7.81 -13.04
C LEU A 241 5.80 -6.49 -13.44
N ASN A 242 4.96 -5.88 -12.60
CA ASN A 242 4.21 -4.73 -13.06
C ASN A 242 4.00 -3.56 -12.11
N VAL A 243 4.61 -3.63 -10.92
CA VAL A 243 4.63 -2.51 -10.00
C VAL A 243 6.08 -2.30 -9.56
N LEU A 244 6.56 -1.07 -9.66
CA LEU A 244 7.93 -0.74 -9.31
C LEU A 244 7.96 0.16 -8.07
N GLU A 245 8.70 -0.26 -7.04
CA GLU A 245 8.84 0.50 -5.81
C GLU A 245 10.28 0.91 -5.62
N ILE A 246 10.50 2.14 -5.16
CA ILE A 246 11.82 2.62 -4.85
C ILE A 246 11.81 3.26 -3.48
N GLU A 247 12.70 2.80 -2.61
CA GLU A 247 12.87 3.40 -1.29
C GLU A 247 14.19 4.16 -1.34
N GLU A 248 14.10 5.46 -1.14
CA GLU A 248 15.25 6.33 -1.23
C GLU A 248 14.96 7.59 -0.45
N GLY A 249 15.94 8.09 0.27
CA GLY A 249 15.75 9.31 1.08
C GLY A 249 14.66 9.27 2.14
N GLY A 250 14.37 8.06 2.64
CA GLY A 250 13.35 7.86 3.66
C GLY A 250 11.91 7.83 3.15
N ASN A 251 11.74 7.78 1.82
CA ASN A 251 10.40 7.72 1.20
C ASN A 251 10.27 6.51 0.29
N LEU A 252 9.05 6.00 0.16
CA LEU A 252 8.75 4.88 -0.74
C LEU A 252 7.97 5.43 -1.92
N THR A 253 8.53 5.29 -3.12
CA THR A 253 7.89 5.79 -4.32
C THR A 253 7.37 4.61 -5.11
N LEU A 254 6.09 4.63 -5.45
CA LEU A 254 5.46 3.54 -6.14
C LEU A 254 5.00 3.99 -7.53
N LYS A 255 5.35 3.20 -8.54
N LYS A 255 5.39 3.22 -8.54
CA LYS A 255 4.95 3.46 -9.92
CA LYS A 255 5.05 3.51 -9.93
C LYS A 255 4.20 2.25 -10.44
C LYS A 255 4.43 2.27 -10.55
N GLN A 256 3.03 2.50 -11.02
N GLN A 256 3.17 2.39 -10.94
CA GLN A 256 2.26 1.46 -11.64
CA GLN A 256 2.49 1.28 -11.56
C GLN A 256 2.65 1.36 -13.11
C GLN A 256 2.66 1.34 -13.07
N SER A 257 2.38 0.23 -13.72
CA SER A 257 2.43 0.14 -15.17
C SER A 257 1.33 1.05 -15.71
N GLY A 258 1.58 1.66 -16.85
CA GLY A 258 0.59 2.52 -17.48
C GLY A 258 -0.74 1.81 -17.66
N ALA A 259 -1.80 2.60 -17.62
CA ALA A 259 -3.17 2.07 -17.77
C ALA A 259 -3.41 1.30 -19.07
N TRP A 260 -2.66 1.61 -20.12
CA TRP A 260 -2.83 0.95 -21.42
C TRP A 260 -1.64 0.07 -21.83
N VAL A 261 -0.80 -0.29 -20.85
CA VAL A 261 0.32 -1.20 -21.09
C VAL A 261 -0.26 -2.61 -20.95
N ASN A 262 -0.28 -3.34 -22.05
CA ASN A 262 -0.86 -4.67 -22.04
C ASN A 262 -0.02 -5.65 -21.23
N ILE A 263 -0.61 -6.74 -20.76
CA ILE A 263 0.11 -7.61 -19.84
C ILE A 263 1.31 -8.31 -20.49
N LEU A 264 1.31 -8.49 -21.81
CA LEU A 264 2.43 -9.18 -22.46
C LEU A 264 3.61 -8.23 -22.60
N LYS A 265 3.30 -6.95 -22.73
CA LYS A 265 4.32 -5.92 -22.70
C LYS A 265 4.90 -5.89 -21.28
N GLN A 266 4.02 -5.92 -20.27
CA GLN A 266 4.48 -5.89 -18.88
C GLN A 266 5.44 -7.02 -18.57
N LYS A 267 5.10 -8.24 -19.03
CA LYS A 267 5.87 -9.42 -18.64
C LYS A 267 7.10 -9.65 -19.48
N GLY A 268 7.27 -8.90 -20.57
CA GLY A 268 8.44 -9.04 -21.42
C GLY A 268 8.22 -9.89 -22.68
N PHE A 269 7.06 -10.51 -22.80
CA PHE A 269 6.78 -11.35 -23.97
C PHE A 269 6.74 -10.53 -25.25
N GLU A 270 6.18 -9.32 -25.19
CA GLU A 270 6.12 -8.49 -26.37
C GLU A 270 7.51 -8.10 -26.88
N ASP A 271 8.35 -7.65 -25.98
CA ASP A 271 9.66 -7.19 -26.40
C ASP A 271 10.58 -8.34 -26.81
N ILE A 272 10.48 -9.47 -26.12
CA ILE A 272 11.36 -10.59 -26.47
C ILE A 272 10.99 -11.13 -27.86
N SER A 273 9.69 -11.22 -28.14
CA SER A 273 9.24 -11.76 -29.42
C SER A 273 9.66 -10.79 -30.55
N ASN A 274 9.46 -9.49 -30.34
CA ASN A 274 9.84 -8.52 -31.34
C ASN A 274 11.35 -8.44 -31.54
N HIS A 275 12.11 -8.63 -30.48
CA HIS A 275 13.54 -8.66 -30.58
C HIS A 275 14.01 -9.84 -31.42
N PHE A 276 13.43 -11.00 -31.21
CA PHE A 276 13.73 -12.19 -32.03
C PHE A 276 13.61 -11.86 -33.51
N ILE A 277 12.51 -11.23 -33.89
CA ILE A 277 12.29 -10.86 -35.28
C ILE A 277 13.29 -9.79 -35.75
N ASP A 278 13.50 -8.78 -34.93
N ASP A 278 13.51 -8.80 -34.91
CA ASP A 278 14.43 -7.69 -35.28
CA ASP A 278 14.41 -7.68 -35.25
C ASP A 278 15.83 -8.21 -35.55
C ASP A 278 15.84 -8.16 -35.49
N CYS A 279 16.26 -9.18 -34.77
CA CYS A 279 17.60 -9.75 -34.94
C CYS A 279 17.73 -10.48 -36.27
N ILE A 280 16.66 -11.15 -36.69
CA ILE A 280 16.64 -11.78 -37.99
C ILE A 280 16.75 -10.68 -39.06
N GLU A 281 15.95 -9.64 -38.91
CA GLU A 281 15.97 -8.52 -39.85
C GLU A 281 17.35 -7.89 -40.00
N ASN A 282 18.10 -7.80 -38.90
CA ASN A 282 19.37 -7.11 -38.91
C ASN A 282 20.59 -8.03 -38.96
N ASN A 283 20.36 -9.31 -39.17
CA ASN A 283 21.45 -10.30 -39.30
C ASN A 283 22.39 -10.35 -38.08
N ILE A 284 21.78 -10.38 -36.90
CA ILE A 284 22.55 -10.43 -35.65
C ILE A 284 21.95 -11.46 -34.73
N LYS A 285 22.73 -11.80 -33.71
CA LYS A 285 22.34 -12.77 -32.70
C LYS A 285 21.72 -12.07 -31.46
N PRO A 286 20.57 -12.58 -30.95
CA PRO A 286 20.04 -12.01 -29.68
C PRO A 286 20.97 -12.31 -28.52
N ALA A 287 20.92 -11.55 -27.40
CA ALA A 287 21.88 -11.80 -26.29
C ALA A 287 21.65 -13.18 -25.69
N ILE A 288 20.38 -13.62 -25.70
CA ILE A 288 20.06 -14.99 -25.33
C ILE A 288 20.48 -15.90 -26.50
N ASN A 289 21.74 -16.29 -26.51
CA ASN A 289 22.26 -17.24 -27.47
C ASN A 289 23.36 -18.03 -26.81
N GLY A 290 23.65 -19.20 -27.35
CA GLY A 290 24.74 -20.00 -26.84
C GLY A 290 24.56 -20.35 -25.38
N GLU A 291 25.61 -20.19 -24.58
CA GLU A 291 25.56 -20.58 -23.17
C GLU A 291 24.46 -19.84 -22.42
N GLU A 292 24.08 -18.66 -22.88
CA GLU A 292 22.99 -17.93 -22.24
C GLU A 292 21.67 -18.73 -22.26
N CYS A 293 21.49 -19.57 -23.28
CA CYS A 293 20.27 -20.37 -23.40
C CYS A 293 20.18 -21.49 -22.36
N ILE A 294 21.32 -21.89 -21.80
CA ILE A 294 21.39 -23.11 -20.99
C ILE A 294 22.11 -22.95 -19.66
N LYS A 295 22.60 -21.74 -19.35
CA LYS A 295 23.39 -21.60 -18.13
C LYS A 295 22.57 -21.80 -16.86
N ALA A 296 21.34 -21.28 -16.83
CA ALA A 296 20.46 -21.51 -15.69
C ALA A 296 20.13 -23.01 -15.57
N GLN A 297 19.85 -23.64 -16.71
CA GLN A 297 19.54 -25.07 -16.71
C GLN A 297 20.72 -25.93 -16.22
N ARG A 298 21.92 -25.53 -16.59
CA ARG A 298 23.13 -26.21 -16.17
C ARG A 298 23.24 -26.15 -14.65
N LEU A 299 22.95 -25.00 -14.06
CA LEU A 299 23.03 -24.86 -12.63
C LEU A 299 21.99 -25.75 -11.97
N LEU A 300 20.79 -25.79 -12.56
CA LEU A 300 19.72 -26.65 -12.03
C LEU A 300 20.02 -28.15 -12.13
N GLU A 301 20.68 -28.57 -13.20
CA GLU A 301 21.09 -29.97 -13.32
C GLU A 301 22.08 -30.35 -12.22
N LYS A 302 22.97 -29.43 -11.89
CA LYS A 302 23.92 -29.65 -10.80
C LYS A 302 23.17 -29.82 -9.47
N ILE A 303 22.17 -28.97 -9.25
CA ILE A 303 21.34 -29.06 -8.05
C ILE A 303 20.58 -30.39 -8.03
N ILE A 304 19.92 -30.73 -9.14
CA ILE A 304 19.17 -31.97 -9.25
C ILE A 304 20.07 -33.20 -9.02
N ASN A 305 21.26 -33.17 -9.58
CA ASN A 305 22.20 -34.29 -9.43
C ASN A 305 22.81 -34.44 -8.03
N SER A 306 22.74 -33.38 -7.23
CA SER A 306 23.26 -33.39 -5.86
C SER A 306 22.26 -34.00 -4.89
N VAL A 307 21.04 -34.27 -5.35
CA VAL A 307 19.98 -34.84 -4.51
C VAL A 307 20.17 -36.34 -4.38
N LYS A 308 20.52 -36.78 -3.17
CA LYS A 308 20.79 -38.19 -2.87
C LYS A 308 19.54 -39.06 -3.00
N LYS B 5 4.11 0.73 47.16
CA LYS B 5 3.96 -0.69 46.73
C LYS B 5 5.11 -1.52 47.27
N ASN B 6 5.04 -2.82 47.06
CA ASN B 6 6.05 -3.74 47.56
C ASN B 6 7.38 -3.59 46.83
N ILE B 7 7.33 -3.31 45.53
CA ILE B 7 8.56 -3.25 44.73
C ILE B 7 9.08 -1.82 44.55
N LYS B 8 10.34 -1.61 44.93
CA LYS B 8 11.01 -0.33 44.80
C LYS B 8 11.93 -0.40 43.57
N MET B 9 11.73 0.52 42.63
CA MET B 9 12.52 0.55 41.40
C MET B 9 13.32 1.85 41.26
N GLY B 10 14.54 1.73 40.77
CA GLY B 10 15.35 2.89 40.43
C GLY B 10 15.85 2.73 39.00
N MET B 11 16.29 3.84 38.41
CA MET B 11 16.80 3.87 37.04
C MET B 11 18.18 4.48 37.02
N ILE B 12 19.11 3.83 36.32
CA ILE B 12 20.45 4.35 36.12
C ILE B 12 20.66 4.55 34.64
N GLY B 13 21.04 5.78 34.27
CA GLY B 13 21.22 6.16 32.87
C GLY B 13 19.97 6.88 32.41
N LEU B 14 20.06 8.18 32.17
CA LEU B 14 18.89 8.96 31.79
C LEU B 14 19.06 9.64 30.43
N GLY B 15 19.76 8.94 29.56
CA GLY B 15 20.04 9.40 28.19
C GLY B 15 18.89 9.18 27.22
N SER B 16 19.20 9.24 25.93
N SER B 16 19.20 9.25 25.93
CA SER B 16 18.19 9.15 24.88
CA SER B 16 18.19 9.15 24.88
C SER B 16 17.32 7.90 24.97
C SER B 16 17.31 7.90 24.94
N ILE B 17 17.93 6.74 25.13
CA ILE B 17 17.18 5.49 25.21
C ILE B 17 16.22 5.47 26.41
N ALA B 18 16.70 5.84 27.59
CA ALA B 18 15.84 5.92 28.77
C ALA B 18 14.68 6.89 28.51
N GLN B 19 14.97 8.04 27.93
CA GLN B 19 13.95 9.06 27.71
C GLN B 19 12.86 8.70 26.71
N LYS B 20 13.21 7.95 25.68
CA LYS B 20 12.24 7.61 24.63
C LYS B 20 11.61 6.25 24.77
N ALA B 21 12.36 5.28 25.30
CA ALA B 21 11.91 3.87 25.38
C ALA B 21 11.47 3.38 26.72
N TYR B 22 11.84 4.04 27.82
CA TYR B 22 11.52 3.54 29.17
C TYR B 22 10.77 4.48 30.08
N LEU B 23 11.31 5.68 30.26
CA LEU B 23 10.67 6.70 31.11
C LEU B 23 9.21 6.97 30.77
N PRO B 24 8.85 7.02 29.46
CA PRO B 24 7.42 7.25 29.16
C PRO B 24 6.47 6.18 29.72
N ILE B 25 6.97 4.97 29.91
CA ILE B 25 6.23 3.86 30.51
C ILE B 25 6.33 3.84 32.03
N LEU B 26 7.58 3.85 32.52
CA LEU B 26 7.84 3.60 33.93
C LEU B 26 7.44 4.76 34.85
N THR B 27 7.35 5.97 34.30
CA THR B 27 6.95 7.14 35.09
C THR B 27 5.44 7.16 35.45
N LYS B 28 4.65 6.32 34.80
CA LYS B 28 3.25 6.08 35.20
C LYS B 28 3.43 4.84 36.07
N SER B 29 3.77 5.07 37.32
CA SER B 29 4.28 3.99 38.17
C SER B 29 3.16 3.28 38.92
N GLU B 30 2.54 2.34 38.23
CA GLU B 30 1.37 1.62 38.74
C GLU B 30 1.69 0.41 39.60
N ARG B 31 2.76 -0.31 39.25
CA ARG B 31 3.08 -1.58 39.89
C ARG B 31 4.33 -1.57 40.78
N PHE B 32 4.84 -0.37 41.04
CA PHE B 32 6.08 -0.20 41.82
C PHE B 32 6.21 1.24 42.25
N GLU B 33 7.12 1.48 43.18
CA GLU B 33 7.44 2.83 43.59
C GLU B 33 8.68 3.22 42.80
N PHE B 34 8.64 4.35 42.12
CA PHE B 34 9.80 4.85 41.39
C PHE B 34 10.57 5.64 42.42
N VAL B 35 11.51 4.96 43.08
CA VAL B 35 12.30 5.53 44.20
C VAL B 35 13.22 6.66 43.82
N GLY B 36 13.84 6.56 42.66
CA GLY B 36 14.76 7.59 42.22
C GLY B 36 15.56 7.21 41.00
N ALA B 37 16.43 8.11 40.58
CA ALA B 37 17.21 7.87 39.40
C ALA B 37 18.56 8.55 39.50
N PHE B 38 19.51 8.02 38.74
CA PHE B 38 20.85 8.56 38.69
C PHE B 38 21.39 8.54 37.29
N THR B 39 22.13 9.59 36.95
CA THR B 39 22.93 9.66 35.75
C THR B 39 24.11 10.58 36.12
N PRO B 40 25.29 10.37 35.52
CA PRO B 40 26.47 11.15 35.92
C PRO B 40 26.38 12.66 35.79
N ASN B 41 25.73 13.17 34.75
CA ASN B 41 25.63 14.61 34.59
C ASN B 41 24.57 15.15 35.56
N LYS B 42 25.02 15.89 36.57
CA LYS B 42 24.13 16.43 37.60
C LYS B 42 23.02 17.33 37.04
N VAL B 43 23.34 18.23 36.12
CA VAL B 43 22.32 19.11 35.59
C VAL B 43 21.22 18.30 34.89
N LYS B 44 21.63 17.33 34.06
CA LYS B 44 20.68 16.51 33.33
C LYS B 44 19.91 15.65 34.31
N ARG B 45 20.62 15.10 35.29
CA ARG B 45 19.96 14.28 36.31
C ARG B 45 18.84 15.06 37.00
N GLU B 46 19.16 16.26 37.48
CA GLU B 46 18.18 17.04 38.24
C GLU B 46 17.04 17.53 37.35
N LYS B 47 17.32 17.84 36.09
CA LYS B 47 16.28 18.26 35.15
C LYS B 47 15.28 17.14 34.88
N ILE B 48 15.79 15.95 34.54
CA ILE B 48 14.91 14.83 34.21
C ILE B 48 14.13 14.37 35.44
N CYS B 49 14.80 14.27 36.59
CA CYS B 49 14.10 13.93 37.84
C CYS B 49 13.02 14.97 38.21
N SER B 50 13.33 16.25 38.05
CA SER B 50 12.37 17.32 38.30
C SER B 50 11.16 17.19 37.36
N ASP B 51 11.42 16.86 36.10
CA ASP B 51 10.35 16.75 35.09
C ASP B 51 9.31 15.75 35.51
N TYR B 52 9.77 14.67 36.11
CA TYR B 52 8.93 13.55 36.48
C TYR B 52 8.61 13.42 37.97
N ARG B 53 9.08 14.39 38.76
CA ARG B 53 8.88 14.41 40.22
C ARG B 53 9.44 13.15 40.87
N ILE B 54 10.64 12.78 40.41
N ILE B 54 10.63 12.76 40.42
CA ILE B 54 11.38 11.63 40.92
CA ILE B 54 11.34 11.61 40.96
C ILE B 54 12.58 12.15 41.73
C ILE B 54 12.53 12.16 41.75
N MET B 55 12.96 11.42 42.78
CA MET B 55 14.09 11.83 43.61
C MET B 55 15.41 11.57 42.89
N PRO B 56 16.27 12.61 42.72
CA PRO B 56 17.57 12.35 42.17
C PRO B 56 18.53 11.80 43.23
N PHE B 57 19.36 10.86 42.84
CA PHE B 57 20.39 10.28 43.71
C PHE B 57 21.77 10.66 43.18
N ASP B 58 22.74 10.76 44.08
CA ASP B 58 24.07 11.24 43.69
C ASP B 58 25.07 10.14 43.30
N SER B 59 24.66 8.87 43.39
CA SER B 59 25.53 7.77 42.97
C SER B 59 24.74 6.50 42.70
N ILE B 60 25.40 5.58 42.01
N ILE B 60 25.35 5.54 42.01
CA ILE B 60 24.86 4.25 41.73
CA ILE B 60 24.66 4.28 41.76
C ILE B 60 24.57 3.52 43.02
C ILE B 60 24.56 3.45 43.04
N GLU B 61 25.52 3.58 43.95
CA GLU B 61 25.45 2.85 45.21
C GLU B 61 24.33 3.38 46.11
N SER B 62 24.20 4.69 46.23
CA SER B 62 23.17 5.26 47.10
C SER B 62 21.77 4.90 46.61
N LEU B 63 21.59 4.92 45.30
CA LEU B 63 20.31 4.54 44.73
C LEU B 63 20.03 3.05 44.93
N ALA B 64 20.99 2.19 44.59
CA ALA B 64 20.82 0.75 44.71
C ALA B 64 20.42 0.29 46.12
N LYS B 65 20.99 0.93 47.14
CA LYS B 65 20.69 0.61 48.54
C LYS B 65 19.25 0.87 48.93
N LYS B 66 18.53 1.69 48.16
CA LYS B 66 17.12 2.01 48.40
C LYS B 66 16.14 1.31 47.44
N CYS B 67 16.65 0.44 46.57
CA CYS B 67 15.84 -0.23 45.57
C CYS B 67 15.88 -1.74 45.66
N ASP B 68 14.85 -2.39 45.11
CA ASP B 68 14.78 -3.85 44.95
C ASP B 68 15.27 -4.23 43.55
N CYS B 69 15.11 -3.31 42.61
CA CYS B 69 15.50 -3.54 41.23
C CYS B 69 15.85 -2.26 40.51
N ILE B 70 16.67 -2.39 39.48
CA ILE B 70 17.15 -1.27 38.70
C ILE B 70 17.01 -1.52 37.18
N PHE B 71 16.52 -0.51 36.48
CA PHE B 71 16.54 -0.44 35.01
C PHE B 71 17.78 0.32 34.68
N LEU B 72 18.68 -0.32 33.95
CA LEU B 72 19.98 0.24 33.57
C LEU B 72 20.03 0.52 32.08
N HIS B 73 20.23 1.80 31.72
CA HIS B 73 20.22 2.24 30.33
C HIS B 73 21.48 3.00 30.04
N SER B 74 22.62 2.48 30.48
CA SER B 74 23.91 3.12 30.20
C SER B 74 24.59 2.51 28.98
N SER B 75 25.70 3.12 28.58
CA SER B 75 26.49 2.65 27.45
C SER B 75 26.95 1.21 27.65
N THR B 76 27.01 0.45 26.56
CA THR B 76 27.43 -0.95 26.60
C THR B 76 28.73 -1.19 27.37
N GLU B 77 29.71 -0.32 27.14
CA GLU B 77 31.01 -0.47 27.79
C GLU B 77 30.94 -0.34 29.33
N THR B 78 29.92 0.31 29.85
CA THR B 78 29.79 0.47 31.30
C THR B 78 28.93 -0.62 31.96
N HIS B 79 28.26 -1.47 31.17
CA HIS B 79 27.41 -2.50 31.74
C HIS B 79 28.12 -3.41 32.75
N TYR B 80 29.26 -3.96 32.35
CA TYR B 80 29.94 -4.94 33.19
C TYR B 80 30.24 -4.40 34.59
N GLU B 81 30.89 -3.26 34.70
CA GLU B 81 31.26 -2.76 36.02
C GLU B 81 30.04 -2.35 36.83
N ILE B 82 29.06 -1.76 36.19
CA ILE B 82 27.86 -1.29 36.91
C ILE B 82 27.02 -2.46 37.41
N ILE B 83 26.80 -3.45 36.55
CA ILE B 83 26.00 -4.61 36.90
C ILE B 83 26.66 -5.39 38.07
N LYS B 84 27.99 -5.47 38.08
N LYS B 84 27.99 -5.49 38.08
CA LYS B 84 28.66 -6.17 39.17
CA LYS B 84 28.68 -6.17 39.20
C LYS B 84 28.35 -5.49 40.51
C LYS B 84 28.35 -5.47 40.51
N ILE B 85 28.43 -4.16 40.51
CA ILE B 85 28.13 -3.36 41.71
C ILE B 85 26.68 -3.61 42.13
N LEU B 86 25.76 -3.58 41.18
CA LEU B 86 24.36 -3.72 41.50
C LEU B 86 24.02 -5.11 42.02
N LEU B 87 24.50 -6.17 41.35
CA LEU B 87 24.18 -7.52 41.81
C LEU B 87 24.75 -7.77 43.22
N ASN B 88 25.94 -7.23 43.48
CA ASN B 88 26.57 -7.40 44.77
C ASN B 88 25.86 -6.59 45.86
N LEU B 89 25.06 -5.61 45.45
CA LEU B 89 24.22 -4.86 46.38
C LEU B 89 22.81 -5.45 46.55
N GLY B 90 22.55 -6.62 45.93
CA GLY B 90 21.28 -7.32 46.07
C GLY B 90 20.10 -6.80 45.27
N VAL B 91 20.34 -6.18 44.12
CA VAL B 91 19.24 -5.66 43.29
C VAL B 91 19.14 -6.41 41.98
N HIS B 92 17.90 -6.70 41.60
CA HIS B 92 17.62 -7.31 40.31
C HIS B 92 17.93 -6.27 39.27
N VAL B 93 18.36 -6.71 38.08
CA VAL B 93 18.76 -5.78 37.02
C VAL B 93 18.14 -6.07 35.67
N TYR B 94 17.56 -5.02 35.07
CA TYR B 94 17.15 -5.04 33.67
C TYR B 94 18.14 -4.15 32.95
N VAL B 95 18.74 -4.64 31.87
CA VAL B 95 19.68 -3.85 31.11
C VAL B 95 19.40 -3.97 29.61
N ASP B 96 19.61 -2.91 28.86
CA ASP B 96 19.47 -3.01 27.40
C ASP B 96 20.57 -3.92 26.84
N LYS B 97 20.29 -4.49 25.67
CA LYS B 97 21.27 -5.29 24.95
C LYS B 97 22.48 -4.46 24.49
N PRO B 98 23.64 -5.10 24.38
CA PRO B 98 23.92 -6.46 24.83
C PRO B 98 24.23 -6.45 26.32
N LEU B 99 24.22 -7.63 26.94
CA LEU B 99 24.51 -7.75 28.37
C LEU B 99 25.80 -6.99 28.76
N ALA B 100 26.92 -7.36 28.12
CA ALA B 100 28.19 -6.68 28.33
C ALA B 100 28.94 -6.64 27.00
N SER B 101 30.08 -5.96 27.01
CA SER B 101 30.90 -5.84 25.80
C SER B 101 31.37 -7.15 25.22
N THR B 102 31.61 -8.15 26.08
CA THR B 102 32.03 -9.45 25.61
C THR B 102 31.14 -10.56 26.21
N VAL B 103 31.07 -11.71 25.54
CA VAL B 103 30.28 -12.82 26.06
C VAL B 103 30.87 -13.30 27.39
N SER B 104 32.21 -13.33 27.50
CA SER B 104 32.89 -13.70 28.76
C SER B 104 32.40 -12.91 29.96
N GLN B 105 32.35 -11.59 29.79
CA GLN B 105 31.86 -10.68 30.82
C GLN B 105 30.41 -10.99 31.14
N GLY B 106 29.60 -11.21 30.09
CA GLY B 106 28.20 -11.62 30.28
C GLY B 106 28.07 -12.90 31.06
N GLU B 107 28.87 -13.91 30.70
CA GLU B 107 28.87 -15.17 31.44
C GLU B 107 29.16 -14.94 32.93
N GLU B 108 30.13 -14.07 33.24
CA GLU B 108 30.48 -13.78 34.61
C GLU B 108 29.30 -13.15 35.37
N LEU B 109 28.62 -12.22 34.71
CA LEU B 109 27.48 -11.54 35.31
C LEU B 109 26.30 -12.50 35.55
N ILE B 110 26.07 -13.42 34.62
CA ILE B 110 25.02 -14.43 34.77
C ILE B 110 25.30 -15.30 36.00
N GLU B 111 26.55 -15.75 36.13
N GLU B 111 26.55 -15.76 36.15
CA GLU B 111 26.99 -16.58 37.26
CA GLU B 111 26.90 -16.60 37.30
C GLU B 111 26.75 -15.85 38.59
C GLU B 111 26.73 -15.85 38.62
N LEU B 112 27.12 -14.58 38.63
CA LEU B 112 26.95 -13.73 39.80
C LEU B 112 25.50 -13.58 40.14
N SER B 113 24.65 -13.42 39.14
CA SER B 113 23.21 -13.26 39.40
C SER B 113 22.63 -14.56 40.01
N THR B 114 23.08 -15.71 39.52
CA THR B 114 22.64 -17.00 40.08
C THR B 114 23.10 -17.16 41.52
N LYS B 115 24.37 -16.86 41.78
CA LYS B 115 24.93 -16.93 43.14
C LYS B 115 24.14 -16.05 44.12
N LYS B 116 23.74 -14.86 43.68
CA LYS B 116 23.02 -13.93 44.53
C LYS B 116 21.49 -14.10 44.51
N ASN B 117 21.00 -15.05 43.72
N ASN B 117 20.99 -15.04 43.72
CA ASN B 117 19.57 -15.30 43.54
CA ASN B 117 19.54 -15.26 43.59
C ASN B 117 18.80 -14.04 43.11
C ASN B 117 18.80 -14.02 43.13
N LEU B 118 19.29 -13.42 42.04
CA LEU B 118 18.71 -12.21 41.49
C LEU B 118 18.44 -12.42 40.01
N ASN B 119 17.46 -11.71 39.50
CA ASN B 119 17.16 -11.72 38.10
C ASN B 119 18.02 -10.73 37.36
N LEU B 120 18.67 -11.19 36.30
CA LEU B 120 19.42 -10.35 35.36
C LEU B 120 18.79 -10.59 33.98
N MET B 121 18.12 -9.56 33.46
CA MET B 121 17.37 -9.65 32.21
C MET B 121 17.89 -8.68 31.19
N VAL B 122 18.08 -9.16 29.97
CA VAL B 122 18.50 -8.30 28.86
C VAL B 122 17.26 -7.90 28.05
N GLY B 123 17.23 -6.63 27.65
CA GLY B 123 16.07 -6.03 26.98
C GLY B 123 15.90 -6.30 25.52
N PHE B 124 15.65 -7.57 25.17
CA PHE B 124 15.32 -7.94 23.79
C PHE B 124 13.79 -7.72 23.61
N ASN B 125 13.43 -6.45 23.44
CA ASN B 125 12.05 -6.03 23.33
C ASN B 125 11.28 -6.73 22.25
N ARG B 126 11.94 -7.13 21.17
CA ARG B 126 11.23 -7.74 20.05
C ARG B 126 10.54 -9.05 20.44
N ARG B 127 11.06 -9.75 21.44
CA ARG B 127 10.40 -10.97 21.90
C ARG B 127 9.04 -10.67 22.56
N PHE B 128 8.80 -9.40 22.89
CA PHE B 128 7.52 -8.96 23.48
C PHE B 128 6.73 -8.05 22.55
N CYS B 129 7.22 -7.88 21.32
CA CYS B 129 6.50 -7.06 20.31
C CYS B 129 5.18 -7.77 20.01
N PRO B 130 4.04 -7.11 20.24
CA PRO B 130 2.77 -7.83 20.09
C PRO B 130 2.57 -8.45 18.71
N MET B 131 2.90 -7.73 17.65
CA MET B 131 2.69 -8.29 16.32
C MET B 131 3.66 -9.42 15.99
N TYR B 132 4.88 -9.35 16.50
CA TYR B 132 5.82 -10.47 16.33
C TYR B 132 5.28 -11.73 17.04
N LYS B 133 4.78 -11.57 18.26
CA LYS B 133 4.21 -12.69 19.00
C LYS B 133 3.01 -13.26 18.25
N GLU B 134 2.20 -12.39 17.66
CA GLU B 134 1.05 -12.85 16.90
C GLU B 134 1.44 -13.72 15.70
N ILE B 135 2.39 -13.27 14.88
CA ILE B 135 2.77 -14.09 13.72
C ILE B 135 3.48 -15.38 14.15
N LYS B 136 4.24 -15.33 15.25
CA LYS B 136 4.92 -16.52 15.72
CA LYS B 136 4.92 -16.51 15.76
C LYS B 136 3.87 -17.53 16.20
N ASN B 137 2.86 -17.04 16.89
CA ASN B 137 1.80 -17.93 17.42
C ASN B 137 0.95 -18.55 16.33
N ASN B 138 0.78 -17.84 15.22
CA ASN B 138 -0.12 -18.30 14.15
C ASN B 138 0.57 -19.00 12.97
N ALA B 139 1.88 -19.15 13.03
CA ALA B 139 2.59 -19.84 11.96
C ALA B 139 2.72 -21.32 12.32
N THR B 140 2.36 -22.17 11.39
CA THR B 140 2.64 -23.58 11.52
C THR B 140 3.14 -24.07 10.17
N GLU B 141 3.98 -25.09 10.25
CA GLU B 141 4.61 -25.68 9.09
C GLU B 141 5.35 -24.62 8.29
N ILE B 142 6.22 -23.93 9.01
CA ILE B 142 7.08 -22.88 8.42
C ILE B 142 8.09 -23.47 7.44
N VAL B 143 8.30 -22.80 6.29
CA VAL B 143 9.34 -23.22 5.32
C VAL B 143 10.52 -22.25 5.26
N SER B 144 10.31 -21.01 5.69
CA SER B 144 11.37 -20.03 5.64
C SER B 144 10.97 -18.79 6.39
N ILE B 145 11.98 -18.10 6.93
CA ILE B 145 11.77 -16.81 7.58
C ILE B 145 12.84 -15.84 7.08
N ASN B 146 12.45 -14.60 6.80
CA ASN B 146 13.35 -13.54 6.38
C ASN B 146 13.26 -12.40 7.35
N ILE B 147 14.39 -11.89 7.83
CA ILE B 147 14.39 -10.79 8.75
C ILE B 147 15.37 -9.77 8.31
N CYS B 148 14.92 -8.53 8.20
CA CYS B 148 15.85 -7.45 7.84
C CYS B 148 15.68 -6.24 8.71
N LYS B 149 16.76 -5.47 8.84
CA LYS B 149 16.74 -4.23 9.59
C LYS B 149 17.72 -3.30 8.92
N HIS B 150 17.16 -2.37 8.15
CA HIS B 150 17.96 -1.46 7.32
C HIS B 150 17.86 -0.05 7.82
N GLY B 151 18.87 0.75 7.50
CA GLY B 151 18.90 2.13 7.95
C GLY B 151 19.21 3.09 6.85
N LEU B 152 18.73 4.33 7.01
CA LEU B 152 19.04 5.46 6.14
C LEU B 152 20.18 6.28 6.74
N ASN B 153 21.26 6.45 5.99
CA ASN B 153 22.42 7.24 6.46
C ASN B 153 22.82 6.80 7.87
N SER B 154 22.96 5.49 8.05
CA SER B 154 23.22 4.91 9.35
C SER B 154 24.62 4.34 9.50
N LEU B 155 25.55 4.76 8.63
CA LEU B 155 26.92 4.29 8.76
C LEU B 155 27.46 4.95 10.03
N ARG B 156 28.10 4.16 10.87
CA ARG B 156 28.62 4.63 12.15
C ARG B 156 30.13 4.66 12.14
N ASN B 157 30.70 5.66 12.81
CA ASN B 157 32.15 5.82 12.91
C ASN B 157 32.72 4.96 14.05
N VAL B 158 32.32 3.70 14.09
CA VAL B 158 32.84 2.75 15.07
C VAL B 158 33.12 1.48 14.30
N ARG B 159 33.94 0.63 14.91
CA ARG B 159 34.33 -0.60 14.28
C ARG B 159 33.06 -1.49 14.16
N PHE B 160 33.03 -2.27 13.07
CA PHE B 160 31.88 -3.10 12.74
C PHE B 160 31.42 -3.98 13.89
N ASP B 161 32.35 -4.47 14.69
CA ASP B 161 31.97 -5.35 15.79
C ASP B 161 31.02 -4.70 16.80
N SER B 162 31.22 -3.42 17.09
CA SER B 162 30.35 -2.68 17.96
C SER B 162 28.94 -2.59 17.40
N THR B 163 28.84 -2.30 16.10
CA THR B 163 27.55 -2.19 15.43
C THR B 163 26.82 -3.55 15.38
N LEU B 164 27.57 -4.63 15.20
CA LEU B 164 26.96 -5.96 15.24
C LEU B 164 26.34 -6.25 16.60
N ILE B 165 27.08 -6.04 17.70
CA ILE B 165 26.52 -6.40 19.01
C ILE B 165 25.51 -5.37 19.53
N ASP B 166 25.53 -4.17 19.00
CA ASP B 166 24.58 -3.11 19.37
C ASP B 166 23.24 -3.20 18.62
N ASP B 167 23.31 -3.58 17.35
CA ASP B 167 22.14 -3.47 16.47
C ASP B 167 21.77 -4.76 15.71
N TYR B 168 22.75 -5.40 15.06
CA TYR B 168 22.45 -6.65 14.36
C TYR B 168 21.99 -7.69 15.35
N ILE B 169 22.41 -7.56 16.59
CA ILE B 169 21.99 -8.47 17.64
C ILE B 169 20.48 -8.62 17.71
N HIS B 170 19.73 -7.57 17.39
CA HIS B 170 18.26 -7.66 17.39
C HIS B 170 17.75 -8.61 16.35
N VAL B 171 18.39 -8.57 15.19
CA VAL B 171 18.00 -9.41 14.06
C VAL B 171 18.30 -10.88 14.43
N ILE B 172 19.52 -11.12 14.92
CA ILE B 172 19.93 -12.48 15.31
C ILE B 172 19.08 -13.00 16.45
N ASP B 173 18.85 -12.19 17.49
CA ASP B 173 18.05 -12.68 18.60
C ASP B 173 16.62 -13.03 18.19
N THR B 174 16.02 -12.17 17.37
CA THR B 174 14.66 -12.41 16.91
C THR B 174 14.63 -13.72 16.07
N ALA B 175 15.65 -13.93 15.24
CA ALA B 175 15.76 -15.15 14.44
C ALA B 175 15.79 -16.39 15.33
N LEU B 176 16.63 -16.37 16.35
CA LEU B 176 16.76 -17.52 17.24
C LEU B 176 15.49 -17.76 18.03
N TRP B 177 14.80 -16.67 18.40
CA TRP B 177 13.55 -16.78 19.14
C TRP B 177 12.44 -17.42 18.27
N LEU B 178 12.44 -17.06 16.99
CA LEU B 178 11.49 -17.61 16.03
C LEU B 178 11.82 -19.04 15.61
N ALA B 179 13.11 -19.39 15.60
CA ALA B 179 13.53 -20.69 15.12
C ALA B 179 12.98 -21.80 16.02
N ASN B 180 13.08 -21.57 17.33
CA ASN B 180 12.70 -22.55 18.33
C ASN B 180 13.20 -23.96 17.96
N GLU B 181 14.43 -23.99 17.46
CA GLU B 181 15.16 -25.21 17.14
C GLU B 181 16.60 -24.77 16.88
N ASP B 182 17.55 -25.68 17.06
CA ASP B 182 18.94 -25.33 16.81
C ASP B 182 19.15 -24.92 15.35
N VAL B 183 20.09 -24.01 15.15
CA VAL B 183 20.43 -23.55 13.81
C VAL B 183 21.95 -23.45 13.64
N GLU B 184 22.40 -23.51 12.39
CA GLU B 184 23.80 -23.36 12.03
C GLU B 184 23.96 -22.26 11.00
N ILE B 185 25.05 -21.50 11.05
N ILE B 185 24.92 -21.37 11.27
CA ILE B 185 25.36 -20.55 9.98
CA ILE B 185 25.14 -20.18 10.47
C ILE B 185 25.75 -21.31 8.69
C ILE B 185 26.05 -20.45 9.31
N SER B 186 25.02 -21.09 7.61
N SER B 186 25.72 -19.82 8.20
CA SER B 186 25.29 -21.77 6.34
CA SER B 186 26.47 -19.96 6.97
C SER B 186 25.56 -20.79 5.21
C SER B 186 26.06 -18.83 6.06
N GLY B 187 25.61 -19.51 5.53
N GLY B 187 26.56 -18.88 4.82
CA GLY B 187 25.89 -18.46 4.56
CA GLY B 187 26.21 -17.92 3.80
C GLY B 187 26.18 -17.14 5.25
C GLY B 187 26.46 -16.49 4.21
N GLU B 188 27.03 -16.32 4.63
N GLU B 188 27.54 -16.26 4.94
CA GLU B 188 27.41 -15.02 5.21
CA GLU B 188 27.80 -14.90 5.41
C GLU B 188 27.96 -14.03 4.20
C GLU B 188 28.19 -13.95 4.32
N ASP B 189 27.58 -12.76 4.37
CA ASP B 189 28.14 -11.64 3.64
C ASP B 189 28.44 -10.59 4.70
N LEU B 190 29.63 -10.01 4.63
CA LEU B 190 30.01 -8.97 5.58
C LEU B 190 30.82 -7.97 4.81
N PHE B 191 30.20 -6.82 4.51
CA PHE B 191 30.85 -5.78 3.74
C PHE B 191 31.16 -4.60 4.65
N LEU B 192 32.43 -4.19 4.63
CA LEU B 192 32.94 -3.15 5.52
C LEU B 192 33.51 -1.98 4.74
N THR B 193 33.54 -0.81 5.37
CA THR B 193 34.25 0.34 4.79
C THR B 193 35.75 0.10 4.91
N ASP B 194 36.53 0.99 4.29
CA ASP B 194 37.98 0.91 4.40
C ASP B 194 38.44 1.09 5.86
N ASN B 195 37.68 1.86 6.64
CA ASN B 195 37.94 2.06 8.08
C ASN B 195 37.30 0.97 8.95
N LYS B 196 36.85 -0.12 8.32
CA LYS B 196 36.28 -1.28 9.04
C LYS B 196 34.95 -0.97 9.71
N ASN B 197 34.19 -0.04 9.14
CA ASN B 197 32.83 0.23 9.64
C ASN B 197 31.87 -0.69 8.93
N LEU B 198 30.76 -1.03 9.59
CA LEU B 198 29.79 -1.92 8.98
C LEU B 198 28.97 -1.24 7.87
N ILE B 199 28.93 -1.85 6.69
CA ILE B 199 28.03 -1.42 5.62
C ILE B 199 26.83 -2.37 5.50
N PHE B 200 27.13 -3.65 5.34
CA PHE B 200 26.11 -4.67 5.13
C PHE B 200 26.52 -6.00 5.74
N VAL B 201 25.55 -6.68 6.35
CA VAL B 201 25.78 -8.02 6.87
C VAL B 201 24.54 -8.86 6.61
N SER B 202 24.75 -10.11 6.24
CA SER B 202 23.66 -11.06 6.08
C SER B 202 24.13 -12.46 6.37
N HIS B 203 23.19 -13.29 6.85
CA HIS B 203 23.43 -14.68 7.13
C HIS B 203 22.26 -15.55 6.78
N LYS B 204 22.57 -16.83 6.65
CA LYS B 204 21.53 -17.84 6.55
C LYS B 204 21.73 -18.71 7.76
N LEU B 205 20.65 -18.90 8.52
CA LEU B 205 20.69 -19.72 9.71
C LEU B 205 19.82 -20.93 9.41
N LYS B 206 20.47 -22.08 9.27
CA LYS B 206 19.81 -23.28 8.83
C LYS B 206 19.42 -24.18 9.98
N GLY B 207 18.13 -24.48 10.06
CA GLY B 207 17.61 -25.45 11.04
C GLY B 207 17.15 -26.70 10.31
N LYS B 208 16.73 -27.72 11.06
CA LYS B 208 16.29 -28.96 10.44
C LYS B 208 15.05 -28.75 9.58
N ASN B 209 14.12 -27.91 10.05
CA ASN B 209 12.81 -27.73 9.40
C ASN B 209 12.73 -26.54 8.45
N PHE B 210 13.52 -25.50 8.71
CA PHE B 210 13.55 -24.34 7.85
C PHE B 210 14.77 -23.49 8.16
N SER B 211 15.00 -22.49 7.32
CA SER B 211 16.10 -21.56 7.48
C SER B 211 15.59 -20.15 7.71
N ILE B 212 16.44 -19.35 8.34
CA ILE B 212 16.16 -17.94 8.55
C ILE B 212 17.23 -17.12 7.86
N ASN B 213 16.81 -16.23 6.98
CA ASN B 213 17.73 -15.34 6.30
C ASN B 213 17.67 -13.99 6.97
N THR B 214 18.82 -13.54 7.47
CA THR B 214 18.94 -12.28 8.20
C THR B 214 19.77 -11.27 7.41
N SER B 215 19.43 -10.00 7.54
CA SER B 215 20.18 -8.98 6.83
C SER B 215 20.04 -7.60 7.44
N MET B 216 21.09 -6.80 7.24
CA MET B 216 21.12 -5.45 7.72
C MET B 216 22.01 -4.60 6.82
N HIS B 217 21.42 -3.60 6.18
CA HIS B 217 22.12 -2.66 5.33
C HIS B 217 22.07 -1.29 6.02
N ARG B 218 23.25 -0.75 6.33
CA ARG B 218 23.37 0.48 7.08
C ARG B 218 23.26 1.75 6.22
N ASP B 219 23.34 1.58 4.89
CA ASP B 219 23.37 2.67 3.93
C ASP B 219 22.27 2.39 2.89
N SER B 220 21.06 2.15 3.40
CA SER B 220 19.91 1.82 2.55
C SER B 220 19.11 3.08 2.17
N GLY B 221 17.90 2.89 1.65
CA GLY B 221 17.11 4.00 1.20
C GLY B 221 16.07 4.45 2.19
N THR B 222 15.96 3.74 3.30
CA THR B 222 14.98 4.05 4.32
C THR B 222 15.31 3.25 5.58
N LYS B 223 14.77 3.70 6.70
CA LYS B 223 14.81 2.92 7.94
C LYS B 223 13.59 1.99 7.89
N LEU B 224 13.87 0.71 7.89
CA LEU B 224 12.84 -0.32 7.79
C LEU B 224 13.24 -1.56 8.53
N GLU B 225 12.26 -2.17 9.18
CA GLU B 225 12.45 -3.48 9.78
C GLU B 225 11.31 -4.35 9.27
N GLN B 226 11.61 -5.62 8.99
CA GLN B 226 10.58 -6.56 8.55
C GLN B 226 10.90 -7.97 8.94
N VAL B 227 9.88 -8.67 9.43
CA VAL B 227 9.93 -10.12 9.64
C VAL B 227 8.89 -10.70 8.68
N GLU B 228 9.29 -11.69 7.90
CA GLU B 228 8.39 -12.37 6.98
C GLU B 228 8.51 -13.85 7.22
N ILE B 229 7.37 -14.49 7.45
CA ILE B 229 7.34 -15.92 7.69
C ILE B 229 6.54 -16.59 6.56
N LEU B 230 7.18 -17.53 5.87
N LEU B 230 7.18 -17.52 5.87
CA LEU B 230 6.51 -18.31 4.83
CA LEU B 230 6.53 -18.33 4.86
C LEU B 230 6.17 -19.67 5.43
C LEU B 230 6.15 -19.63 5.55
N SER B 231 4.89 -20.02 5.42
CA SER B 231 4.41 -21.29 6.02
C SER B 231 3.37 -21.90 5.06
N LYS B 232 2.94 -23.12 5.35
CA LYS B 232 2.00 -23.79 4.47
C LYS B 232 0.76 -22.94 4.30
N GLY B 233 0.48 -22.58 3.05
CA GLY B 233 -0.69 -21.79 2.69
C GLY B 233 -0.74 -20.36 3.16
N LYS B 234 0.39 -19.79 3.58
CA LYS B 234 0.35 -18.47 4.16
C LYS B 234 1.69 -17.73 4.12
N ILE B 235 1.60 -16.42 3.97
CA ILE B 235 2.75 -15.53 4.20
C ILE B 235 2.30 -14.54 5.25
N GLN B 236 3.14 -14.33 6.28
CA GLN B 236 2.88 -13.34 7.31
C GLN B 236 4.05 -12.36 7.32
N ARG B 237 3.76 -11.07 7.42
CA ARG B 237 4.83 -10.07 7.54
C ARG B 237 4.47 -9.05 8.59
N VAL B 238 5.47 -8.61 9.33
CA VAL B 238 5.29 -7.47 10.22
C VAL B 238 6.34 -6.44 9.81
N LYS B 239 5.87 -5.24 9.50
CA LYS B 239 6.71 -4.14 9.07
C LYS B 239 6.81 -3.07 10.14
N ASN B 240 8.04 -2.63 10.40
CA ASN B 240 8.33 -1.60 11.40
C ASN B 240 7.67 -1.83 12.75
N LEU B 241 7.53 -3.12 13.08
N LEU B 241 7.56 -3.10 13.14
CA LEU B 241 6.93 -3.65 14.32
CA LEU B 241 6.97 -3.51 14.42
C LEU B 241 5.45 -3.34 14.51
C LEU B 241 5.55 -3.01 14.63
N ASN B 242 4.86 -2.59 13.58
CA ASN B 242 3.50 -2.09 13.78
C ASN B 242 2.45 -2.23 12.70
N VAL B 243 2.77 -2.94 11.62
CA VAL B 243 1.80 -3.24 10.58
C VAL B 243 1.92 -4.71 10.27
N LEU B 244 0.79 -5.43 10.30
CA LEU B 244 0.76 -6.86 10.06
C LEU B 244 0.04 -7.19 8.76
N GLU B 245 0.72 -7.93 7.88
CA GLU B 245 0.16 -8.34 6.62
C GLU B 245 0.08 -9.86 6.57
N ILE B 246 -1.02 -10.36 6.06
CA ILE B 246 -1.19 -11.80 5.87
C ILE B 246 -1.63 -12.05 4.43
N GLU B 247 -0.94 -12.93 3.73
CA GLU B 247 -1.38 -13.34 2.41
C GLU B 247 -1.84 -14.78 2.52
N GLU B 248 -3.11 -15.02 2.21
CA GLU B 248 -3.73 -16.32 2.34
C GLU B 248 -4.88 -16.37 1.34
N GLY B 249 -5.07 -17.51 0.70
CA GLY B 249 -6.13 -17.65 -0.29
C GLY B 249 -6.10 -16.66 -1.44
N GLY B 250 -4.92 -16.16 -1.79
CA GLY B 250 -4.77 -15.24 -2.92
C GLY B 250 -5.12 -13.79 -2.63
N ASN B 251 -5.34 -13.45 -1.36
CA ASN B 251 -5.63 -12.06 -0.99
C ASN B 251 -4.70 -11.62 0.10
N LEU B 252 -4.46 -10.31 0.18
N LEU B 252 -4.53 -10.29 0.20
CA LEU B 252 -3.61 -9.74 1.21
CA LEU B 252 -3.63 -9.66 1.16
C LEU B 252 -4.50 -9.00 2.20
C LEU B 252 -4.42 -8.90 2.21
N THR B 253 -4.30 -9.29 3.47
CA THR B 253 -4.99 -8.62 4.55
C THR B 253 -4.00 -7.78 5.33
N LEU B 254 -4.32 -6.51 5.52
CA LEU B 254 -3.48 -5.59 6.24
C LEU B 254 -4.15 -5.10 7.52
N LYS B 255 -3.44 -5.26 8.63
N LYS B 255 -3.41 -5.22 8.62
CA LYS B 255 -3.88 -4.77 9.93
CA LYS B 255 -3.89 -4.82 9.95
C LYS B 255 -2.88 -3.76 10.46
C LYS B 255 -2.92 -3.82 10.61
N GLN B 256 -3.39 -2.60 10.87
CA GLN B 256 -2.60 -1.57 11.49
C GLN B 256 -2.68 -1.71 13.00
N SER B 257 -1.71 -1.15 13.70
CA SER B 257 -1.82 -1.04 15.15
C SER B 257 -3.00 -0.10 15.47
N GLY B 258 -3.70 -0.38 16.55
CA GLY B 258 -4.79 0.51 16.95
C GLY B 258 -4.34 1.97 17.05
N ALA B 259 -5.27 2.88 16.75
CA ALA B 259 -5.02 4.33 16.78
C ALA B 259 -4.49 4.87 18.09
N TRP B 260 -4.78 4.21 19.21
CA TRP B 260 -4.32 4.66 20.53
C TRP B 260 -3.32 3.70 21.17
N VAL B 261 -2.75 2.80 20.37
CA VAL B 261 -1.72 1.89 20.86
C VAL B 261 -0.42 2.69 20.85
N ASN B 262 0.14 2.93 22.03
CA ASN B 262 1.36 3.74 22.10
C ASN B 262 2.56 2.99 21.48
N ILE B 263 3.55 3.75 21.01
CA ILE B 263 4.67 3.15 20.29
C ILE B 263 5.52 2.21 21.14
N LEU B 264 5.53 2.41 22.45
CA LEU B 264 6.29 1.51 23.33
C LEU B 264 5.56 0.20 23.52
N LYS B 265 4.23 0.24 23.50
CA LYS B 265 3.44 -0.99 23.46
C LYS B 265 3.68 -1.71 22.13
N GLN B 266 3.65 -0.97 21.02
CA GLN B 266 3.90 -1.54 19.68
C GLN B 266 5.22 -2.30 19.61
N LYS B 267 6.29 -1.69 20.14
CA LYS B 267 7.63 -2.23 20.00
C LYS B 267 8.02 -3.27 21.01
N GLY B 268 7.18 -3.49 22.02
CA GLY B 268 7.48 -4.50 23.06
C GLY B 268 8.09 -3.97 24.34
N PHE B 269 8.44 -2.68 24.38
CA PHE B 269 9.06 -2.11 25.58
C PHE B 269 8.12 -2.12 26.78
N GLU B 270 6.85 -1.80 26.56
CA GLU B 270 5.90 -1.77 27.64
C GLU B 270 5.74 -3.16 28.25
N ASP B 271 5.55 -4.17 27.41
CA ASP B 271 5.34 -5.52 27.92
C ASP B 271 6.60 -6.15 28.55
N ILE B 272 7.77 -5.86 28.00
CA ILE B 272 9.00 -6.46 28.54
C ILE B 272 9.31 -5.85 29.91
N SER B 273 9.08 -4.53 30.05
CA SER B 273 9.35 -3.84 31.32
C SER B 273 8.36 -4.33 32.39
N ASN B 274 7.09 -4.43 32.04
CA ASN B 274 6.11 -4.93 32.96
C ASN B 274 6.39 -6.38 33.34
N HIS B 275 6.88 -7.17 32.38
CA HIS B 275 7.19 -8.58 32.65
C HIS B 275 8.33 -8.73 33.66
N PHE B 276 9.33 -7.89 33.53
CA PHE B 276 10.44 -7.88 34.50
C PHE B 276 9.92 -7.65 35.91
N ILE B 277 9.05 -6.66 36.07
CA ILE B 277 8.49 -6.35 37.37
C ILE B 277 7.64 -7.52 37.88
N ASP B 278 6.79 -8.08 37.01
N ASP B 278 6.80 -8.08 37.01
CA ASP B 278 5.92 -9.20 37.39
CA ASP B 278 5.93 -9.20 37.39
C ASP B 278 6.70 -10.44 37.85
C ASP B 278 6.71 -10.43 37.85
N CYS B 279 7.86 -10.67 37.24
CA CYS B 279 8.68 -11.84 37.61
C CYS B 279 9.26 -11.67 39.03
N ILE B 280 9.62 -10.45 39.38
CA ILE B 280 10.04 -10.14 40.75
C ILE B 280 8.88 -10.40 41.72
N GLU B 281 7.69 -9.88 41.40
CA GLU B 281 6.52 -10.10 42.25
C GLU B 281 6.21 -11.58 42.45
N ASN B 282 6.45 -12.41 41.43
CA ASN B 282 6.11 -13.84 41.49
C ASN B 282 7.26 -14.77 41.83
N ASN B 283 8.40 -14.20 42.17
CA ASN B 283 9.57 -14.96 42.55
C ASN B 283 10.04 -15.94 41.47
N ILE B 284 10.07 -15.50 40.21
CA ILE B 284 10.52 -16.37 39.14
C ILE B 284 11.45 -15.63 38.20
N LYS B 285 12.10 -16.39 37.32
N LYS B 285 12.09 -16.38 37.31
CA LYS B 285 13.00 -15.82 36.33
CA LYS B 285 13.02 -15.81 36.35
C LYS B 285 12.24 -15.50 35.04
C LYS B 285 12.34 -15.54 35.00
N PRO B 286 12.55 -14.34 34.43
CA PRO B 286 11.98 -14.05 33.08
C PRO B 286 12.51 -15.03 32.03
N ALA B 287 11.88 -15.20 30.85
CA ALA B 287 12.42 -16.19 29.87
C ALA B 287 13.78 -15.76 29.35
N ILE B 288 14.01 -14.43 29.27
CA ILE B 288 15.32 -13.95 28.90
C ILE B 288 16.19 -13.97 30.15
N ASN B 289 16.75 -15.13 30.44
CA ASN B 289 17.66 -15.30 31.56
C ASN B 289 18.73 -16.29 31.13
N GLY B 290 19.87 -16.25 31.78
CA GLY B 290 20.93 -17.19 31.52
C GLY B 290 21.40 -17.15 30.08
N GLU B 291 21.52 -18.32 29.46
CA GLU B 291 22.01 -18.40 28.09
C GLU B 291 21.17 -17.59 27.11
N GLU B 292 19.89 -17.40 27.40
CA GLU B 292 19.04 -16.56 26.53
C GLU B 292 19.56 -15.12 26.40
N CYS B 293 20.18 -14.62 27.46
CA CYS B 293 20.79 -13.26 27.46
C CYS B 293 21.95 -13.08 26.49
N ILE B 294 22.63 -14.17 26.16
CA ILE B 294 23.87 -14.12 25.40
C ILE B 294 23.95 -15.02 24.16
N LYS B 295 22.92 -15.82 23.88
CA LYS B 295 23.05 -16.79 22.75
C LYS B 295 23.24 -16.07 21.40
N ALA B 296 22.53 -14.97 21.17
CA ALA B 296 22.73 -14.19 19.94
C ALA B 296 24.13 -13.59 19.89
N GLN B 297 24.59 -13.05 21.00
CA GLN B 297 25.92 -12.45 21.08
C GLN B 297 27.01 -13.49 20.83
N ARG B 298 26.78 -14.74 21.27
CA ARG B 298 27.73 -15.83 21.05
C ARG B 298 27.94 -16.06 19.54
N LEU B 299 26.84 -16.04 18.82
CA LEU B 299 26.89 -16.23 17.38
C LEU B 299 27.65 -15.08 16.75
N LEU B 300 27.40 -13.85 17.24
CA LEU B 300 28.11 -12.67 16.68
C LEU B 300 29.62 -12.72 16.94
N GLU B 301 30.04 -13.28 18.08
CA GLU B 301 31.46 -13.39 18.36
C GLU B 301 32.15 -14.35 17.39
N LYS B 302 31.46 -15.40 16.99
CA LYS B 302 32.00 -16.33 15.97
C LYS B 302 32.21 -15.56 14.67
N ILE B 303 31.23 -14.75 14.29
CA ILE B 303 31.35 -13.91 13.12
C ILE B 303 32.54 -12.94 13.25
N ILE B 304 32.62 -12.26 14.39
CA ILE B 304 33.68 -11.27 14.61
C ILE B 304 35.05 -11.95 14.61
N ASN B 305 35.13 -13.10 15.27
CA ASN B 305 36.39 -13.86 15.31
C ASN B 305 36.86 -14.35 13.94
N SER B 306 35.92 -14.58 13.03
CA SER B 306 36.24 -15.06 11.66
C SER B 306 36.83 -13.99 10.73
N VAL B 307 36.74 -12.73 11.11
CA VAL B 307 37.25 -11.65 10.26
C VAL B 307 38.77 -11.57 10.31
N LYS C 5 -19.25 -17.64 -40.19
CA LYS C 5 -20.13 -17.99 -39.02
C LYS C 5 -21.47 -17.28 -39.20
N ASN C 6 -22.39 -17.45 -38.26
CA ASN C 6 -23.71 -16.82 -38.35
C ASN C 6 -23.62 -15.29 -38.44
N ILE C 7 -22.91 -14.68 -37.50
CA ILE C 7 -22.82 -13.21 -37.43
C ILE C 7 -21.62 -12.65 -38.16
N LYS C 8 -21.88 -11.69 -39.06
N LYS C 8 -21.88 -11.69 -39.06
CA LYS C 8 -20.84 -11.01 -39.83
CA LYS C 8 -20.84 -11.02 -39.83
C LYS C 8 -20.60 -9.61 -39.26
C LYS C 8 -20.62 -9.63 -39.21
N MET C 9 -19.38 -9.35 -38.79
CA MET C 9 -19.04 -8.08 -38.15
C MET C 9 -18.01 -7.31 -38.96
N GLY C 10 -18.19 -5.99 -38.96
CA GLY C 10 -17.26 -5.08 -39.58
C GLY C 10 -16.91 -4.00 -38.58
N MET C 11 -15.80 -3.32 -38.82
CA MET C 11 -15.34 -2.25 -37.97
C MET C 11 -15.10 -1.00 -38.82
N ILE C 12 -15.63 0.12 -38.34
CA ILE C 12 -15.43 1.42 -38.98
C ILE C 12 -14.67 2.31 -37.99
N GLY C 13 -13.52 2.83 -38.44
CA GLY C 13 -12.63 3.63 -37.59
C GLY C 13 -11.57 2.71 -37.02
N LEU C 14 -10.33 2.94 -37.43
CA LEU C 14 -9.21 2.10 -37.02
C LEU C 14 -8.13 2.93 -36.32
N GLY C 15 -8.60 3.93 -35.57
CA GLY C 15 -7.75 4.85 -34.83
C GLY C 15 -7.22 4.27 -33.51
N SER C 16 -6.67 5.14 -32.66
N SER C 16 -6.69 5.15 -32.67
CA SER C 16 -6.05 4.71 -31.41
CA SER C 16 -6.08 4.74 -31.40
C SER C 16 -6.97 3.88 -30.49
C SER C 16 -6.98 3.89 -30.50
N ILE C 17 -8.24 4.28 -30.33
CA ILE C 17 -9.17 3.53 -29.49
C ILE C 17 -9.49 2.15 -30.05
N ALA C 18 -9.75 2.09 -31.36
CA ALA C 18 -9.99 0.81 -32.01
C ALA C 18 -8.79 -0.11 -31.80
N GLN C 19 -7.61 0.45 -31.98
CA GLN C 19 -6.36 -0.34 -31.91
C GLN C 19 -6.01 -0.85 -30.53
N LYS C 20 -6.36 -0.10 -29.50
CA LYS C 20 -5.96 -0.50 -28.15
C LYS C 20 -7.08 -1.17 -27.39
N ALA C 21 -8.33 -0.75 -27.64
CA ALA C 21 -9.45 -1.20 -26.79
C ALA C 21 -10.38 -2.20 -27.41
N TYR C 22 -10.35 -2.37 -28.75
CA TYR C 22 -11.27 -3.29 -29.46
C TYR C 22 -10.61 -4.34 -30.33
N LEU C 23 -9.77 -3.89 -31.25
CA LEU C 23 -9.09 -4.83 -32.15
C LEU C 23 -8.41 -5.98 -31.44
N PRO C 24 -7.71 -5.72 -30.30
CA PRO C 24 -7.02 -6.81 -29.62
C PRO C 24 -7.92 -7.94 -29.16
N ILE C 25 -9.20 -7.65 -28.93
N ILE C 25 -9.20 -7.68 -28.94
CA ILE C 25 -10.16 -8.69 -28.55
CA ILE C 25 -10.11 -8.75 -28.58
C ILE C 25 -10.93 -9.22 -29.77
C ILE C 25 -10.94 -9.23 -29.77
N LEU C 26 -11.41 -8.32 -30.63
CA LEU C 26 -12.24 -8.72 -31.77
C LEU C 26 -11.52 -9.47 -32.90
N THR C 27 -10.19 -9.31 -32.97
CA THR C 27 -9.39 -10.00 -34.00
C THR C 27 -9.20 -11.48 -33.68
N LYS C 28 -9.51 -11.89 -32.44
CA LYS C 28 -9.58 -13.32 -32.10
C LYS C 28 -11.06 -13.60 -32.29
N SER C 29 -11.44 -13.84 -33.54
CA SER C 29 -12.86 -13.87 -33.92
C SER C 29 -13.53 -15.22 -33.71
N GLU C 30 -13.90 -15.50 -32.46
CA GLU C 30 -14.48 -16.80 -32.10
C GLU C 30 -15.98 -16.91 -32.36
N ARG C 31 -16.71 -15.83 -32.13
CA ARG C 31 -18.18 -15.85 -32.21
C ARG C 31 -18.79 -15.12 -33.39
N PHE C 32 -17.98 -14.81 -34.39
CA PHE C 32 -18.44 -14.10 -35.56
C PHE C 32 -17.37 -14.16 -36.63
N GLU C 33 -17.76 -13.76 -37.84
CA GLU C 33 -16.82 -13.60 -38.93
C GLU C 33 -16.42 -12.13 -38.99
N PHE C 34 -15.12 -11.85 -38.92
CA PHE C 34 -14.64 -10.47 -39.06
C PHE C 34 -14.55 -10.24 -40.58
N VAL C 35 -15.63 -9.72 -41.15
CA VAL C 35 -15.74 -9.53 -42.62
C VAL C 35 -14.78 -8.50 -43.18
N GLY C 36 -14.55 -7.43 -42.45
CA GLY C 36 -13.65 -6.40 -42.92
C GLY C 36 -13.65 -5.15 -42.11
N ALA C 37 -12.89 -4.17 -42.56
CA ALA C 37 -12.80 -2.92 -41.86
C ALA C 37 -12.57 -1.76 -42.80
N PHE C 38 -12.98 -0.59 -42.33
CA PHE C 38 -12.80 0.63 -43.09
C PHE C 38 -12.36 1.75 -42.18
N THR C 39 -11.48 2.59 -42.72
CA THR C 39 -11.09 3.83 -42.08
C THR C 39 -10.68 4.71 -43.26
N PRO C 40 -10.92 6.03 -43.16
CA PRO C 40 -10.68 6.93 -44.30
C PRO C 40 -9.26 6.95 -44.89
N ASN C 41 -8.24 6.91 -44.04
CA ASN C 41 -6.85 6.91 -44.51
C ASN C 41 -6.54 5.53 -45.09
N LYS C 42 -6.38 5.48 -46.42
CA LYS C 42 -6.12 4.22 -47.12
C LYS C 42 -4.85 3.54 -46.67
N VAL C 43 -3.75 4.29 -46.53
CA VAL C 43 -2.50 3.69 -46.07
C VAL C 43 -2.68 2.99 -44.69
N LYS C 44 -3.32 3.67 -43.73
CA LYS C 44 -3.52 3.12 -42.39
C LYS C 44 -4.48 1.94 -42.44
N ARG C 45 -5.53 2.10 -43.24
CA ARG C 45 -6.50 1.06 -43.46
C ARG C 45 -5.82 -0.21 -43.92
N GLU C 46 -4.99 -0.11 -44.96
CA GLU C 46 -4.36 -1.31 -45.52
C GLU C 46 -3.30 -1.90 -44.60
N LYS C 47 -2.61 -1.07 -43.82
CA LYS C 47 -1.61 -1.57 -42.86
C LYS C 47 -2.27 -2.38 -41.75
N ILE C 48 -3.28 -1.81 -41.11
CA ILE C 48 -3.96 -2.48 -40.00
C ILE C 48 -4.68 -3.73 -40.48
N CYS C 49 -5.33 -3.65 -41.65
CA CYS C 49 -6.03 -4.83 -42.18
C CYS C 49 -5.03 -5.93 -42.53
N SER C 50 -3.88 -5.55 -43.05
CA SER C 50 -2.82 -6.50 -43.37
C SER C 50 -2.27 -7.16 -42.10
N ASP C 51 -2.07 -6.36 -41.05
CA ASP C 51 -1.55 -6.87 -39.77
C ASP C 51 -2.40 -8.01 -39.23
N TYR C 52 -3.72 -7.89 -39.39
CA TYR C 52 -4.67 -8.84 -38.82
C TYR C 52 -5.31 -9.78 -39.84
N ARG C 53 -4.87 -9.69 -41.09
CA ARG C 53 -5.38 -10.52 -42.19
C ARG C 53 -6.89 -10.35 -42.36
N ILE C 54 -7.34 -9.10 -42.27
N ILE C 54 -7.37 -9.13 -42.26
CA ILE C 54 -8.74 -8.71 -42.43
CA ILE C 54 -8.78 -8.88 -42.52
C ILE C 54 -8.88 -8.07 -43.83
C ILE C 54 -8.92 -8.06 -43.79
N MET C 55 -10.06 -8.20 -44.45
CA MET C 55 -10.28 -7.56 -45.74
C MET C 55 -10.57 -6.06 -45.58
N PRO C 56 -9.76 -5.21 -46.25
CA PRO C 56 -10.06 -3.79 -46.23
C PRO C 56 -11.21 -3.43 -47.20
N PHE C 57 -12.07 -2.51 -46.77
CA PHE C 57 -13.19 -2.03 -47.60
C PHE C 57 -12.98 -0.54 -47.91
N ASP C 58 -13.44 -0.08 -49.07
CA ASP C 58 -13.16 1.30 -49.50
C ASP C 58 -14.21 2.34 -49.08
N SER C 59 -15.28 1.91 -48.43
CA SER C 59 -16.30 2.84 -47.95
C SER C 59 -17.13 2.25 -46.82
N ILE C 60 -17.80 3.13 -46.09
CA ILE C 60 -18.74 2.73 -45.05
C ILE C 60 -19.87 1.88 -45.62
N GLU C 61 -20.39 2.31 -46.76
CA GLU C 61 -21.51 1.64 -47.39
C GLU C 61 -21.17 0.25 -47.92
N SER C 62 -20.02 0.09 -48.58
CA SER C 62 -19.64 -1.21 -49.13
C SER C 62 -19.41 -2.23 -48.01
N LEU C 63 -18.88 -1.76 -46.89
CA LEU C 63 -18.67 -2.64 -45.74
C LEU C 63 -20.02 -3.03 -45.10
N ALA C 64 -20.86 -2.04 -44.84
CA ALA C 64 -22.16 -2.27 -44.19
C ALA C 64 -23.01 -3.30 -44.92
N LYS C 65 -22.97 -3.26 -46.25
CA LYS C 65 -23.75 -4.17 -47.08
C LYS C 65 -23.33 -5.64 -46.91
N LYS C 66 -22.12 -5.88 -46.39
CA LYS C 66 -21.62 -7.24 -46.19
C LYS C 66 -21.63 -7.66 -44.72
N CYS C 67 -22.18 -6.82 -43.83
CA CYS C 67 -22.19 -7.10 -42.40
C CYS C 67 -23.57 -7.16 -41.76
N ASP C 68 -23.64 -7.82 -40.61
CA ASP C 68 -24.85 -7.84 -39.77
C ASP C 68 -24.75 -6.78 -38.68
N CYS C 69 -23.51 -6.45 -38.31
CA CYS C 69 -23.25 -5.48 -37.25
C CYS C 69 -21.91 -4.78 -37.45
N ILE C 70 -21.79 -3.58 -36.90
CA ILE C 70 -20.60 -2.77 -37.02
C ILE C 70 -20.19 -2.20 -35.67
N PHE C 71 -18.90 -2.28 -35.38
CA PHE C 71 -18.28 -1.58 -34.27
C PHE C 71 -17.76 -0.28 -34.88
N LEU C 72 -18.25 0.85 -34.38
CA LEU C 72 -17.93 2.17 -34.89
C LEU C 72 -17.12 2.96 -33.90
N HIS C 73 -15.90 3.33 -34.30
CA HIS C 73 -14.97 4.04 -33.41
C HIS C 73 -14.52 5.34 -34.03
N SER C 74 -15.46 6.12 -34.54
CA SER C 74 -15.14 7.40 -35.17
C SER C 74 -15.33 8.58 -34.22
N SER C 75 -14.94 9.77 -34.67
CA SER C 75 -15.05 10.97 -33.86
C SER C 75 -16.52 11.26 -33.53
N THR C 76 -16.75 11.80 -32.34
CA THR C 76 -18.13 12.10 -31.90
C THR C 76 -18.94 12.87 -32.93
N GLU C 77 -18.35 13.93 -33.51
CA GLU C 77 -19.04 14.75 -34.49
C GLU C 77 -19.60 13.98 -35.72
N THR C 78 -18.99 12.85 -36.08
CA THR C 78 -19.48 12.07 -37.22
C THR C 78 -20.44 10.93 -36.86
N HIS C 79 -20.70 10.71 -35.56
CA HIS C 79 -21.58 9.61 -35.18
C HIS C 79 -22.97 9.69 -35.79
N TYR C 80 -23.62 10.85 -35.69
CA TYR C 80 -24.99 11.00 -36.15
C TYR C 80 -25.15 10.61 -37.63
N GLU C 81 -24.34 11.19 -38.51
CA GLU C 81 -24.46 10.91 -39.95
C GLU C 81 -24.13 9.46 -40.29
N ILE C 82 -23.08 8.91 -39.66
CA ILE C 82 -22.67 7.54 -39.94
C ILE C 82 -23.70 6.54 -39.41
N ILE C 83 -24.20 6.77 -38.21
CA ILE C 83 -25.16 5.84 -37.61
C ILE C 83 -26.50 5.82 -38.36
N LYS C 84 -26.95 6.97 -38.84
CA LYS C 84 -28.16 7.01 -39.68
C LYS C 84 -27.96 6.13 -40.90
N ILE C 85 -26.79 6.23 -41.53
CA ILE C 85 -26.48 5.45 -42.73
C ILE C 85 -26.50 3.95 -42.44
N LEU C 86 -25.90 3.57 -41.31
CA LEU C 86 -25.82 2.16 -40.94
C LEU C 86 -27.16 1.55 -40.55
N LEU C 87 -27.94 2.27 -39.75
CA LEU C 87 -29.24 1.74 -39.31
C LEU C 87 -30.16 1.60 -40.53
N ASN C 88 -30.06 2.53 -41.47
CA ASN C 88 -30.87 2.46 -42.67
C ASN C 88 -30.42 1.36 -43.63
N LEU C 89 -29.17 0.90 -43.45
CA LEU C 89 -28.65 -0.24 -44.21
C LEU C 89 -28.89 -1.59 -43.51
N GLY C 90 -29.55 -1.55 -42.34
CA GLY C 90 -29.95 -2.75 -41.64
C GLY C 90 -28.88 -3.41 -40.79
N VAL C 91 -27.92 -2.62 -40.30
CA VAL C 91 -26.86 -3.18 -39.45
C VAL C 91 -26.99 -2.71 -38.00
N HIS C 92 -26.81 -3.65 -37.07
CA HIS C 92 -26.72 -3.32 -35.64
C HIS C 92 -25.46 -2.50 -35.43
N VAL C 93 -25.49 -1.59 -34.48
CA VAL C 93 -24.39 -0.68 -34.27
C VAL C 93 -23.93 -0.61 -32.81
N TYR C 94 -22.63 -0.77 -32.60
CA TYR C 94 -21.99 -0.53 -31.32
C TYR C 94 -21.12 0.71 -31.57
N VAL C 95 -21.25 1.73 -30.73
CA VAL C 95 -20.48 2.96 -30.88
C VAL C 95 -19.91 3.43 -29.54
N ASP C 96 -18.72 4.01 -29.55
CA ASP C 96 -18.16 4.57 -28.32
C ASP C 96 -18.98 5.77 -27.89
N LYS C 97 -18.91 6.07 -26.59
CA LYS C 97 -19.62 7.23 -26.06
C LYS C 97 -19.05 8.53 -26.57
N PRO C 98 -19.87 9.58 -26.64
CA PRO C 98 -21.31 9.56 -26.45
C PRO C 98 -22.00 9.13 -27.75
N LEU C 99 -23.30 8.83 -27.69
CA LEU C 99 -24.05 8.37 -28.85
C LEU C 99 -23.89 9.35 -30.03
N ALA C 100 -24.20 10.63 -29.81
CA ALA C 100 -24.02 11.67 -30.84
C ALA C 100 -23.66 12.98 -30.14
N SER C 101 -23.34 14.02 -30.94
CA SER C 101 -22.92 15.31 -30.40
C SER C 101 -23.97 15.94 -29.50
N THR C 102 -25.24 15.70 -29.80
CA THR C 102 -26.34 16.20 -28.98
C THR C 102 -27.33 15.12 -28.58
N VAL C 103 -28.04 15.34 -27.48
CA VAL C 103 -29.07 14.43 -27.03
C VAL C 103 -30.22 14.37 -28.06
N SER C 104 -30.52 15.51 -28.69
CA SER C 104 -31.55 15.57 -29.75
C SER C 104 -31.23 14.53 -30.83
N GLN C 105 -29.98 14.54 -31.26
CA GLN C 105 -29.52 13.59 -32.28
C GLN C 105 -29.59 12.15 -31.79
N GLY C 106 -29.16 11.93 -30.55
CA GLY C 106 -29.20 10.61 -29.97
C GLY C 106 -30.61 10.07 -29.90
N GLU C 107 -31.56 10.90 -29.47
CA GLU C 107 -32.95 10.47 -29.41
C GLU C 107 -33.44 10.02 -30.79
N GLU C 108 -33.08 10.76 -31.83
CA GLU C 108 -33.46 10.41 -33.20
C GLU C 108 -32.89 9.04 -33.60
N LEU C 109 -31.62 8.81 -33.29
CA LEU C 109 -30.98 7.55 -33.65
C LEU C 109 -31.61 6.36 -32.91
N ILE C 110 -31.93 6.56 -31.64
CA ILE C 110 -32.60 5.51 -30.85
C ILE C 110 -33.96 5.14 -31.49
N GLU C 111 -34.75 6.15 -31.80
CA GLU C 111 -36.05 5.92 -32.42
C GLU C 111 -35.88 5.19 -33.77
N LEU C 112 -34.85 5.57 -34.54
CA LEU C 112 -34.56 4.92 -35.81
C LEU C 112 -34.18 3.45 -35.62
N SER C 113 -33.41 3.14 -34.57
CA SER C 113 -33.04 1.75 -34.30
C SER C 113 -34.26 0.91 -33.91
N THR C 114 -35.17 1.49 -33.13
CA THR C 114 -36.40 0.79 -32.76
C THR C 114 -37.24 0.50 -34.01
N LYS C 115 -37.40 1.50 -34.89
CA LYS C 115 -38.17 1.35 -36.13
C LYS C 115 -37.61 0.26 -37.03
N LYS C 116 -36.28 0.15 -37.11
CA LYS C 116 -35.62 -0.86 -37.94
C LYS C 116 -35.39 -2.21 -37.25
N ASN C 117 -35.80 -2.31 -35.98
N ASN C 117 -35.79 -2.31 -35.97
CA ASN C 117 -35.58 -3.51 -35.16
CA ASN C 117 -35.59 -3.51 -35.17
C ASN C 117 -34.09 -3.88 -35.08
C ASN C 117 -34.10 -3.88 -35.09
N LEU C 118 -33.27 -2.89 -34.76
CA LEU C 118 -31.83 -3.08 -34.69
C LEU C 118 -31.35 -2.64 -33.32
N ASN C 119 -30.22 -3.20 -32.88
CA ASN C 119 -29.60 -2.82 -31.63
C ASN C 119 -28.62 -1.69 -31.86
N LEU C 120 -28.72 -0.66 -31.04
CA LEU C 120 -27.82 0.50 -31.04
C LEU C 120 -27.33 0.60 -29.62
N MET C 121 -26.04 0.32 -29.42
CA MET C 121 -25.46 0.25 -28.10
C MET C 121 -24.30 1.20 -27.97
N VAL C 122 -24.24 1.92 -26.84
CA VAL C 122 -23.15 2.83 -26.55
C VAL C 122 -22.16 2.14 -25.61
N GLY C 123 -20.89 2.33 -25.91
CA GLY C 123 -19.78 1.66 -25.22
C GLY C 123 -19.42 2.15 -23.84
N PHE C 124 -20.35 2.03 -22.89
CA PHE C 124 -20.03 2.38 -21.50
C PHE C 124 -19.41 1.14 -20.83
N ASN C 125 -18.14 0.89 -21.17
CA ASN C 125 -17.43 -0.29 -20.69
C ASN C 125 -17.40 -0.48 -19.18
N ARG C 126 -17.47 0.61 -18.42
CA ARG C 126 -17.38 0.47 -16.97
C ARG C 126 -18.50 -0.33 -16.38
N ARG C 127 -19.66 -0.34 -17.04
CA ARG C 127 -20.78 -1.17 -16.57
C ARG C 127 -20.50 -2.68 -16.66
N PHE C 128 -19.46 -3.04 -17.42
CA PHE C 128 -19.02 -4.40 -17.61
C PHE C 128 -17.67 -4.69 -16.97
N CYS C 129 -17.10 -3.69 -16.30
CA CYS C 129 -15.83 -3.85 -15.56
C CYS C 129 -16.06 -4.88 -14.46
N PRO C 130 -15.36 -6.03 -14.51
CA PRO C 130 -15.60 -7.07 -13.52
C PRO C 130 -15.54 -6.61 -12.06
N MET C 131 -14.54 -5.80 -11.70
CA MET C 131 -14.45 -5.38 -10.30
C MET C 131 -15.52 -4.38 -9.90
N TYR C 132 -15.94 -3.56 -10.84
CA TYR C 132 -17.06 -2.64 -10.58
C TYR C 132 -18.35 -3.45 -10.36
N LYS C 133 -18.57 -4.45 -11.19
CA LYS C 133 -19.74 -5.30 -10.99
C LYS C 133 -19.69 -6.01 -9.65
N GLU C 134 -18.50 -6.49 -9.26
CA GLU C 134 -18.36 -7.16 -7.98
C GLU C 134 -18.73 -6.27 -6.82
N ILE C 135 -18.20 -5.06 -6.76
CA ILE C 135 -18.53 -4.18 -5.62
C ILE C 135 -19.99 -3.74 -5.64
N LYS C 136 -20.54 -3.50 -6.83
CA LYS C 136 -21.95 -3.13 -6.94
C LYS C 136 -22.82 -4.27 -6.41
N ASN C 137 -22.49 -5.49 -6.82
CA ASN C 137 -23.27 -6.66 -6.40
C ASN C 137 -23.17 -6.98 -4.91
N ASN C 138 -22.05 -6.57 -4.28
CA ASN C 138 -21.81 -6.92 -2.88
C ASN C 138 -22.14 -5.81 -1.89
N ALA C 139 -22.55 -4.65 -2.40
CA ALA C 139 -22.90 -3.55 -1.54
C ALA C 139 -24.37 -3.63 -1.14
N THR C 140 -24.63 -3.48 0.15
CA THR C 140 -26.02 -3.34 0.63
C THR C 140 -26.03 -2.22 1.66
N GLU C 141 -27.15 -1.52 1.75
CA GLU C 141 -27.31 -0.40 2.67
C GLU C 141 -26.20 0.63 2.51
N ILE C 142 -26.05 1.07 1.27
CA ILE C 142 -25.09 2.09 0.88
C ILE C 142 -25.43 3.44 1.53
N VAL C 143 -24.42 4.15 2.06
CA VAL C 143 -24.63 5.49 2.59
C VAL C 143 -23.99 6.55 1.73
N SER C 144 -23.01 6.17 0.90
CA SER C 144 -22.35 7.17 0.06
C SER C 144 -21.50 6.50 -0.99
N ILE C 145 -21.31 7.15 -2.15
CA ILE C 145 -20.42 6.65 -3.14
C ILE C 145 -19.57 7.83 -3.63
N ASN C 146 -18.27 7.58 -3.79
CA ASN C 146 -17.34 8.58 -4.37
C ASN C 146 -16.73 8.03 -5.64
N ILE C 147 -16.67 8.85 -6.71
CA ILE C 147 -16.11 8.43 -7.97
C ILE C 147 -15.23 9.54 -8.48
N CYS C 148 -13.98 9.22 -8.78
CA CYS C 148 -13.10 10.21 -9.38
C CYS C 148 -12.35 9.64 -10.57
N LYS C 149 -11.99 10.53 -11.49
CA LYS C 149 -11.18 10.16 -12.64
C LYS C 149 -10.29 11.34 -12.92
N HIS C 150 -9.03 11.25 -12.49
CA HIS C 150 -8.08 12.33 -12.63
C HIS C 150 -7.01 12.01 -13.65
N GLY C 151 -6.42 13.08 -14.20
CA GLY C 151 -5.37 12.94 -15.20
C GLY C 151 -4.12 13.72 -14.89
N LEU C 152 -3.00 13.23 -15.42
CA LEU C 152 -1.71 13.89 -15.35
C LEU C 152 -1.50 14.61 -16.68
N ASN C 153 -1.30 15.92 -16.63
CA ASN C 153 -1.05 16.71 -17.84
C ASN C 153 -2.09 16.38 -18.91
N SER C 154 -3.37 16.45 -18.51
N SER C 154 -3.36 16.44 -18.52
CA SER C 154 -4.49 16.09 -19.37
CA SER C 154 -4.45 16.10 -19.42
C SER C 154 -5.34 17.29 -19.80
C SER C 154 -5.37 17.28 -19.73
N LEU C 155 -4.81 18.49 -19.66
CA LEU C 155 -5.57 19.68 -20.08
C LEU C 155 -5.62 19.59 -21.59
N ARG C 156 -6.81 19.81 -22.15
CA ARG C 156 -7.02 19.70 -23.61
C ARG C 156 -7.38 21.03 -24.20
N ASN C 157 -6.93 21.25 -25.43
CA ASN C 157 -7.13 22.48 -26.13
C ASN C 157 -8.49 22.54 -26.83
N VAL C 158 -9.53 22.19 -26.07
CA VAL C 158 -10.91 22.21 -26.55
C VAL C 158 -11.80 22.79 -25.47
N ARG C 159 -12.98 23.25 -25.86
CA ARG C 159 -13.89 23.86 -24.92
C ARG C 159 -14.35 22.79 -23.90
N PHE C 160 -14.58 23.22 -22.67
CA PHE C 160 -14.91 22.30 -21.55
C PHE C 160 -16.07 21.36 -21.84
N ASP C 161 -17.07 21.83 -22.58
CA ASP C 161 -18.24 20.99 -22.87
C ASP C 161 -17.86 19.71 -23.63
N SER C 162 -16.87 19.82 -24.52
N SER C 162 -16.86 19.83 -24.51
CA SER C 162 -16.37 18.68 -25.27
CA SER C 162 -16.36 18.70 -25.29
C SER C 162 -15.76 17.66 -24.33
C SER C 162 -15.70 17.67 -24.39
N THR C 163 -14.92 18.13 -23.43
CA THR C 163 -14.26 17.26 -22.47
C THR C 163 -15.28 16.62 -21.53
N LEU C 164 -16.32 17.38 -21.16
CA LEU C 164 -17.35 16.79 -20.28
C LEU C 164 -18.07 15.60 -20.96
N ILE C 165 -18.48 15.81 -22.20
N ILE C 165 -18.54 15.75 -22.20
CA ILE C 165 -19.20 14.83 -22.99
CA ILE C 165 -19.27 14.64 -22.85
C ILE C 165 -18.35 13.60 -23.38
C ILE C 165 -18.34 13.54 -23.40
N ASP C 166 -17.05 13.83 -23.57
CA ASP C 166 -16.09 12.83 -24.03
C ASP C 166 -15.51 11.99 -22.90
N ASP C 167 -15.30 12.60 -21.73
CA ASP C 167 -14.59 11.92 -20.63
C ASP C 167 -15.33 11.91 -19.28
N TYR C 168 -15.80 13.08 -18.83
CA TYR C 168 -16.54 13.07 -17.57
C TYR C 168 -17.81 12.21 -17.66
N ILE C 169 -18.31 12.00 -18.88
CA ILE C 169 -19.47 11.17 -19.09
C ILE C 169 -19.28 9.77 -18.47
N HIS C 170 -18.04 9.24 -18.46
CA HIS C 170 -17.79 7.93 -17.84
C HIS C 170 -18.05 7.95 -16.34
N VAL C 171 -17.69 9.05 -15.71
CA VAL C 171 -17.88 9.22 -14.28
C VAL C 171 -19.38 9.30 -13.98
N ILE C 172 -20.09 10.14 -14.74
CA ILE C 172 -21.52 10.31 -14.55
C ILE C 172 -22.28 9.02 -14.89
N ASP C 173 -21.93 8.37 -15.99
CA ASP C 173 -22.61 7.12 -16.35
C ASP C 173 -22.43 6.06 -15.25
N THR C 174 -21.20 5.92 -14.76
CA THR C 174 -20.95 4.96 -13.70
C THR C 174 -21.76 5.32 -12.45
N ALA C 175 -21.84 6.61 -12.13
CA ALA C 175 -22.64 7.06 -10.98
C ALA C 175 -24.12 6.67 -11.09
N LEU C 176 -24.70 6.90 -12.26
CA LEU C 176 -26.11 6.65 -12.46
C LEU C 176 -26.38 5.14 -12.47
N TRP C 177 -25.44 4.37 -12.98
CA TRP C 177 -25.54 2.90 -12.99
C TRP C 177 -25.50 2.33 -11.57
N LEU C 178 -24.62 2.87 -10.74
CA LEU C 178 -24.54 2.47 -9.33
C LEU C 178 -25.71 2.99 -8.50
N ALA C 179 -26.25 4.16 -8.84
CA ALA C 179 -27.37 4.72 -8.08
C ALA C 179 -28.61 3.87 -8.23
N ASN C 180 -28.92 3.53 -9.48
CA ASN C 180 -30.15 2.80 -9.80
C ASN C 180 -31.40 3.40 -9.13
N GLU C 181 -31.40 4.72 -8.98
CA GLU C 181 -32.54 5.50 -8.45
C GLU C 181 -32.34 6.90 -9.00
N ASP C 182 -33.39 7.71 -9.03
CA ASP C 182 -33.28 9.07 -9.56
C ASP C 182 -32.35 9.90 -8.67
N VAL C 183 -31.61 10.83 -9.28
CA VAL C 183 -30.76 11.73 -8.53
C VAL C 183 -30.97 13.17 -8.97
N GLU C 184 -30.61 14.10 -8.09
CA GLU C 184 -30.70 15.51 -8.36
C GLU C 184 -29.35 16.13 -8.02
N ILE C 185 -28.89 17.09 -8.82
CA ILE C 185 -27.62 17.75 -8.55
C ILE C 185 -27.79 18.61 -7.31
N SER C 186 -27.01 18.33 -6.26
CA SER C 186 -27.11 19.06 -5.00
C SER C 186 -25.86 19.89 -4.72
N GLY C 187 -24.90 19.83 -5.64
CA GLY C 187 -23.67 20.61 -5.53
C GLY C 187 -22.88 20.48 -6.82
N GLU C 188 -22.10 21.51 -7.12
CA GLU C 188 -21.32 21.58 -8.36
C GLU C 188 -20.13 22.51 -8.21
N ASP C 189 -18.97 22.05 -8.69
CA ASP C 189 -17.80 22.89 -8.92
C ASP C 189 -17.44 22.77 -10.39
N LEU C 190 -17.09 23.89 -11.02
CA LEU C 190 -16.62 23.87 -12.39
C LEU C 190 -15.57 24.94 -12.55
N PHE C 191 -14.32 24.52 -12.74
CA PHE C 191 -13.19 25.44 -12.88
C PHE C 191 -12.59 25.31 -14.27
N LEU C 192 -12.48 26.45 -14.96
CA LEU C 192 -12.04 26.52 -16.35
C LEU C 192 -10.80 27.41 -16.52
N THR C 193 -10.05 27.18 -17.59
CA THR C 193 -8.93 28.06 -17.94
C THR C 193 -9.52 29.33 -18.53
N ASP C 194 -8.66 30.29 -18.86
CA ASP C 194 -9.10 31.56 -19.45
C ASP C 194 -9.77 31.29 -20.80
N ASN C 195 -9.20 30.32 -21.55
CA ASN C 195 -9.73 29.93 -22.86
C ASN C 195 -10.91 28.94 -22.77
N LYS C 196 -11.50 28.79 -21.58
CA LYS C 196 -12.69 27.92 -21.34
C LYS C 196 -12.41 26.41 -21.46
N ASN C 197 -11.18 26.00 -21.17
CA ASN C 197 -10.82 24.58 -21.18
C ASN C 197 -11.13 24.02 -19.79
N LEU C 198 -11.48 22.75 -19.71
CA LEU C 198 -11.79 22.13 -18.40
C LEU C 198 -10.56 21.90 -17.56
N ILE C 199 -10.58 22.41 -16.32
CA ILE C 199 -9.55 22.09 -15.33
C ILE C 199 -10.11 21.08 -14.30
N PHE C 200 -11.22 21.42 -13.67
CA PHE C 200 -11.81 20.58 -12.61
C PHE C 200 -13.32 20.66 -12.64
N VAL C 201 -13.97 19.51 -12.46
CA VAL C 201 -15.39 19.48 -12.33
C VAL C 201 -15.75 18.50 -11.23
N SER C 202 -16.76 18.87 -10.46
CA SER C 202 -17.32 17.95 -9.47
C SER C 202 -18.79 18.17 -9.25
N HIS C 203 -19.48 17.10 -8.90
CA HIS C 203 -20.89 17.17 -8.56
C HIS C 203 -21.26 16.31 -7.36
N LYS C 204 -22.34 16.71 -6.69
CA LYS C 204 -22.96 15.83 -5.69
C LYS C 204 -24.32 15.48 -6.29
N LEU C 205 -24.59 14.19 -6.41
CA LEU C 205 -25.81 13.69 -7.01
C LEU C 205 -26.58 13.05 -5.88
N LYS C 206 -27.70 13.68 -5.51
CA LYS C 206 -28.44 13.28 -4.33
C LYS C 206 -29.60 12.40 -4.70
N GLY C 207 -29.62 11.18 -4.13
CA GLY C 207 -30.74 10.26 -4.28
C GLY C 207 -31.48 10.14 -2.94
N LYS C 208 -32.59 9.41 -2.95
CA LYS C 208 -33.38 9.24 -1.73
C LYS C 208 -32.59 8.55 -0.61
N ASN C 209 -31.76 7.59 -0.99
CA ASN C 209 -31.05 6.76 0.00
C ASN C 209 -29.59 7.14 0.25
N PHE C 210 -28.96 7.73 -0.75
CA PHE C 210 -27.58 8.15 -0.59
C PHE C 210 -27.22 9.09 -1.73
N SER C 211 -26.06 9.72 -1.61
CA SER C 211 -25.52 10.61 -2.64
C SER C 211 -24.26 10.03 -3.26
N ILE C 212 -23.93 10.52 -4.46
CA ILE C 212 -22.75 10.11 -5.15
C ILE C 212 -21.96 11.38 -5.44
N ASN C 213 -20.72 11.41 -5.02
CA ASN C 213 -19.82 12.51 -5.25
C ASN C 213 -18.88 12.20 -6.40
N THR C 214 -19.00 12.96 -7.48
CA THR C 214 -18.21 12.73 -8.68
C THR C 214 -17.19 13.84 -8.87
N SER C 215 -16.02 13.49 -9.36
CA SER C 215 -15.01 14.52 -9.65
C SER C 215 -14.01 14.12 -10.70
N MET C 216 -13.45 15.14 -11.31
CA MET C 216 -12.45 14.95 -12.34
C MET C 216 -11.55 16.16 -12.38
N HIS C 217 -10.27 15.91 -12.11
CA HIS C 217 -9.24 16.93 -12.20
C HIS C 217 -8.29 16.59 -13.36
N ARG C 218 -8.20 17.49 -14.35
CA ARG C 218 -7.43 17.24 -15.56
C ARG C 218 -5.96 17.59 -15.40
N ASP C 219 -5.61 18.24 -14.29
CA ASP C 219 -4.23 18.71 -14.03
C ASP C 219 -3.79 18.27 -12.64
N SER C 220 -3.94 16.96 -12.41
CA SER C 220 -3.65 16.32 -11.13
C SER C 220 -2.21 15.80 -11.13
N GLY C 221 -1.88 14.99 -10.15
CA GLY C 221 -0.53 14.50 -9.99
C GLY C 221 -0.34 13.11 -10.54
N THR C 222 -1.41 12.51 -11.04
CA THR C 222 -1.31 11.16 -11.61
C THR C 222 -2.60 10.85 -12.37
N LYS C 223 -2.59 9.77 -13.14
CA LYS C 223 -3.78 9.29 -13.80
C LYS C 223 -4.31 8.24 -12.84
N LEU C 224 -5.53 8.48 -12.42
N LEU C 224 -5.49 8.49 -12.29
CA LEU C 224 -6.18 7.68 -11.39
CA LEU C 224 -6.13 7.57 -11.32
C LEU C 224 -7.66 7.59 -11.69
C LEU C 224 -7.63 7.62 -11.38
N GLU C 225 -8.24 6.44 -11.39
CA GLU C 225 -9.70 6.32 -11.36
C GLU C 225 -9.99 5.55 -10.10
N GLN C 226 -11.05 5.95 -9.42
CA GLN C 226 -11.47 5.21 -8.21
C GLN C 226 -12.96 5.27 -8.02
N VAL C 227 -13.54 4.14 -7.63
CA VAL C 227 -14.91 4.10 -7.16
C VAL C 227 -14.82 3.60 -5.71
N GLU C 228 -15.42 4.34 -4.80
CA GLU C 228 -15.50 3.95 -3.39
C GLU C 228 -16.95 3.94 -2.94
N ILE C 229 -17.37 2.83 -2.35
CA ILE C 229 -18.73 2.67 -1.85
C ILE C 229 -18.67 2.49 -0.34
N LEU C 230 -19.31 3.38 0.37
N LEU C 230 -19.32 3.38 0.39
CA LEU C 230 -19.46 3.29 1.83
CA LEU C 230 -19.44 3.27 1.83
C LEU C 230 -20.80 2.65 2.07
C LEU C 230 -20.81 2.69 2.13
N SER C 231 -20.84 1.59 2.86
CA SER C 231 -22.08 0.93 3.21
C SER C 231 -22.00 0.44 4.64
N LYS C 232 -23.10 -0.09 5.13
N LYS C 232 -23.10 -0.08 5.15
CA LYS C 232 -23.14 -0.62 6.48
CA LYS C 232 -23.11 -0.51 6.52
C LYS C 232 -22.02 -1.63 6.71
C LYS C 232 -22.06 -1.61 6.75
N GLY C 233 -21.14 -1.31 7.66
CA GLY C 233 -20.06 -2.21 8.04
C GLY C 233 -18.96 -2.43 7.03
N LYS C 234 -18.86 -1.59 5.98
CA LYS C 234 -17.94 -1.89 4.92
C LYS C 234 -17.57 -0.69 4.07
N ILE C 235 -16.33 -0.68 3.62
CA ILE C 235 -15.90 0.23 2.56
C ILE C 235 -15.36 -0.64 1.45
N GLN C 236 -15.78 -0.38 0.21
CA GLN C 236 -15.26 -1.09 -0.96
C GLN C 236 -14.68 -0.05 -1.90
N ARG C 237 -13.50 -0.33 -2.45
CA ARG C 237 -12.89 0.57 -3.43
C ARG C 237 -12.33 -0.22 -4.58
N VAL C 238 -12.45 0.33 -5.79
CA VAL C 238 -11.77 -0.24 -6.95
C VAL C 238 -10.95 0.87 -7.56
N LYS C 239 -9.66 0.59 -7.69
CA LYS C 239 -8.71 1.57 -8.18
C LYS C 239 -8.21 1.17 -9.56
N ASN C 240 -8.17 2.13 -10.48
CA ASN C 240 -7.75 1.92 -11.85
C ASN C 240 -8.36 0.68 -12.49
N LEU C 241 -9.61 0.42 -12.11
CA LEU C 241 -10.43 -0.70 -12.60
C LEU C 241 -9.84 -2.09 -12.39
N ASN C 242 -8.74 -2.20 -11.64
CA ASN C 242 -8.09 -3.49 -11.54
C ASN C 242 -7.49 -3.90 -10.19
N VAL C 243 -7.73 -3.09 -9.14
CA VAL C 243 -7.40 -3.46 -7.76
C VAL C 243 -8.64 -3.25 -6.89
N LEU C 244 -9.00 -4.28 -6.12
N LEU C 244 -9.02 -4.27 -6.12
CA LEU C 244 -10.16 -4.25 -5.25
CA LEU C 244 -10.24 -4.21 -5.28
C LEU C 244 -9.72 -4.20 -3.80
C LEU C 244 -9.90 -4.30 -3.78
N GLU C 245 -10.27 -3.25 -3.05
CA GLU C 245 -9.98 -3.13 -1.61
C GLU C 245 -11.27 -3.20 -0.84
N ILE C 246 -11.28 -3.96 0.23
CA ILE C 246 -12.45 -4.05 1.12
C ILE C 246 -11.97 -3.76 2.54
N GLU C 247 -12.61 -2.82 3.22
CA GLU C 247 -12.35 -2.56 4.62
C GLU C 247 -13.56 -3.02 5.40
N GLU C 248 -13.35 -3.99 6.29
CA GLU C 248 -14.40 -4.61 7.04
C GLU C 248 -13.80 -5.19 8.30
N GLY C 249 -14.51 -5.07 9.42
CA GLY C 249 -14.04 -5.66 10.67
C GLY C 249 -12.71 -5.09 11.15
N GLY C 250 -12.39 -3.89 10.69
CA GLY C 250 -11.16 -3.20 11.08
C GLY C 250 -9.89 -3.59 10.32
N ASN C 251 -10.03 -4.30 9.21
N ASN C 251 -10.07 -4.37 9.26
CA ASN C 251 -8.85 -4.63 8.40
CA ASN C 251 -8.94 -4.82 8.45
C ASN C 251 -9.12 -4.49 6.92
C ASN C 251 -9.16 -4.43 7.01
N LEU C 252 -8.06 -4.21 6.17
N LEU C 252 -8.08 -4.43 6.26
CA LEU C 252 -8.17 -3.96 4.74
CA LEU C 252 -8.12 -4.09 4.86
C LEU C 252 -7.64 -5.13 3.94
C LEU C 252 -7.73 -5.34 4.11
N THR C 253 -8.52 -5.68 3.09
CA THR C 253 -8.20 -6.81 2.24
C THR C 253 -8.01 -6.27 0.84
N LEU C 254 -6.92 -6.68 0.22
N LEU C 254 -6.89 -6.66 0.24
CA LEU C 254 -6.58 -6.21 -1.11
CA LEU C 254 -6.52 -6.23 -1.10
C LEU C 254 -6.52 -7.40 -2.05
C LEU C 254 -6.53 -7.42 -2.05
N LYS C 255 -7.22 -7.26 -3.18
CA LYS C 255 -7.27 -8.29 -4.22
C LYS C 255 -6.86 -7.65 -5.55
N GLN C 256 -5.83 -8.21 -6.17
CA GLN C 256 -5.36 -7.77 -7.47
C GLN C 256 -6.10 -8.56 -8.54
N SER C 257 -6.06 -8.07 -9.77
CA SER C 257 -6.54 -8.83 -10.89
C SER C 257 -5.60 -10.01 -11.10
N GLY C 258 -6.13 -11.12 -11.57
CA GLY C 258 -5.30 -12.26 -11.85
C GLY C 258 -4.14 -11.94 -12.78
N ALA C 259 -3.00 -12.64 -12.58
CA ALA C 259 -1.78 -12.40 -13.39
C ALA C 259 -1.96 -12.50 -14.90
N TRP C 260 -2.93 -13.29 -15.35
CA TRP C 260 -3.19 -13.48 -16.77
C TRP C 260 -4.52 -12.90 -17.25
N VAL C 261 -5.12 -12.04 -16.43
CA VAL C 261 -6.33 -11.33 -16.82
C VAL C 261 -5.88 -10.12 -17.68
N ASN C 262 -6.24 -10.12 -18.96
CA ASN C 262 -5.79 -9.08 -19.86
C ASN C 262 -6.49 -7.76 -19.55
N ILE C 263 -5.88 -6.65 -19.96
CA ILE C 263 -6.37 -5.34 -19.55
C ILE C 263 -7.74 -5.01 -20.13
N LEU C 264 -8.11 -5.60 -21.26
CA LEU C 264 -9.42 -5.33 -21.83
C LEU C 264 -10.51 -6.08 -21.07
N LYS C 265 -10.16 -7.24 -20.51
CA LYS C 265 -11.07 -7.96 -19.62
C LYS C 265 -11.23 -7.12 -18.34
N GLN C 266 -10.10 -6.67 -17.80
CA GLN C 266 -10.10 -5.81 -16.61
C GLN C 266 -11.04 -4.62 -16.74
N LYS C 267 -10.95 -3.90 -17.87
CA LYS C 267 -11.69 -2.66 -18.04
C LYS C 267 -13.12 -2.79 -18.50
N GLY C 268 -13.56 -4.01 -18.84
CA GLY C 268 -14.93 -4.24 -19.30
C GLY C 268 -15.10 -4.30 -20.82
N PHE C 269 -14.06 -3.94 -21.58
CA PHE C 269 -14.15 -3.95 -23.05
C PHE C 269 -14.44 -5.34 -23.60
N GLU C 270 -13.79 -6.36 -23.04
CA GLU C 270 -14.02 -7.70 -23.51
C GLU C 270 -15.46 -8.12 -23.31
N ASP C 271 -15.98 -7.93 -22.10
CA ASP C 271 -17.32 -8.38 -21.78
C ASP C 271 -18.40 -7.56 -22.49
N ILE C 272 -18.18 -6.26 -22.65
CA ILE C 272 -19.22 -5.43 -23.31
C ILE C 272 -19.32 -5.81 -24.78
N SER C 273 -18.17 -6.06 -25.40
CA SER C 273 -18.13 -6.40 -26.83
C SER C 273 -18.79 -7.77 -27.05
N ASN C 274 -18.48 -8.73 -26.18
CA ASN C 274 -19.11 -10.03 -26.29
C ASN C 274 -20.61 -10.00 -25.99
N HIS C 275 -21.03 -9.11 -25.10
CA HIS C 275 -22.43 -8.99 -24.79
C HIS C 275 -23.19 -8.44 -25.99
N PHE C 276 -22.59 -7.47 -26.66
CA PHE C 276 -23.22 -6.92 -27.87
C PHE C 276 -23.51 -8.03 -28.88
N ILE C 277 -22.52 -8.88 -29.11
CA ILE C 277 -22.67 -9.98 -30.07
C ILE C 277 -23.70 -11.00 -29.57
N ASP C 278 -23.63 -11.36 -28.29
CA ASP C 278 -24.58 -12.30 -27.69
C ASP C 278 -26.03 -11.85 -27.82
N CYS C 279 -26.27 -10.55 -27.72
CA CYS C 279 -27.61 -10.05 -27.82
C CYS C 279 -28.15 -10.18 -29.25
N ILE C 280 -27.27 -10.01 -30.24
CA ILE C 280 -27.67 -10.21 -31.62
C ILE C 280 -28.03 -11.68 -31.82
N GLU C 281 -27.16 -12.56 -31.32
CA GLU C 281 -27.39 -14.01 -31.43
C GLU C 281 -28.73 -14.44 -30.80
N ASN C 282 -29.13 -13.79 -29.70
CA ASN C 282 -30.37 -14.13 -29.00
C ASN C 282 -31.58 -13.25 -29.27
N ASN C 283 -31.49 -12.37 -30.25
N ASN C 283 -31.46 -12.35 -30.24
CA ASN C 283 -32.59 -11.47 -30.58
CA ASN C 283 -32.55 -11.45 -30.62
C ASN C 283 -33.09 -10.75 -29.33
C ASN C 283 -33.08 -10.57 -29.48
N ILE C 284 -32.17 -10.08 -28.64
CA ILE C 284 -32.52 -9.26 -27.46
C ILE C 284 -31.79 -7.92 -27.52
N LYS C 285 -32.31 -6.92 -26.80
CA LYS C 285 -31.61 -5.63 -26.72
C LYS C 285 -30.62 -5.68 -25.57
N PRO C 286 -29.40 -5.17 -25.80
CA PRO C 286 -28.44 -5.13 -24.73
C PRO C 286 -28.81 -4.15 -23.64
N ALA C 287 -28.13 -4.26 -22.50
CA ALA C 287 -28.40 -3.47 -21.31
C ALA C 287 -28.48 -1.98 -21.60
N ILE C 288 -27.47 -1.53 -22.31
CA ILE C 288 -27.32 -0.16 -22.68
C ILE C 288 -28.07 0.03 -24.00
N ASN C 289 -29.32 0.45 -23.89
CA ASN C 289 -30.16 0.72 -25.03
C ASN C 289 -31.17 1.77 -24.59
N GLY C 290 -31.73 2.48 -25.55
CA GLY C 290 -32.72 3.49 -25.26
C GLY C 290 -32.16 4.59 -24.38
N GLU C 291 -32.94 4.99 -23.38
CA GLU C 291 -32.56 6.06 -22.47
C GLU C 291 -31.21 5.79 -21.78
N GLU C 292 -30.86 4.52 -21.61
CA GLU C 292 -29.56 4.19 -21.01
C GLU C 292 -28.38 4.71 -21.83
N CYS C 293 -28.56 4.80 -23.15
CA CYS C 293 -27.52 5.30 -24.06
C CYS C 293 -27.24 6.78 -23.89
N ILE C 294 -28.22 7.54 -23.39
CA ILE C 294 -28.13 8.99 -23.31
C ILE C 294 -28.42 9.62 -21.94
N LYS C 295 -28.68 8.80 -20.93
N LYS C 295 -28.70 8.82 -20.91
CA LYS C 295 -29.02 9.27 -19.58
CA LYS C 295 -29.07 9.41 -19.62
C LYS C 295 -27.93 10.18 -19.00
C LYS C 295 -27.93 10.22 -18.97
N ALA C 296 -26.69 9.74 -19.08
CA ALA C 296 -25.56 10.50 -18.56
C ALA C 296 -25.37 11.81 -19.38
N GLN C 297 -25.48 11.70 -20.70
CA GLN C 297 -25.35 12.85 -21.58
C GLN C 297 -26.43 13.89 -21.32
N ARG C 298 -27.63 13.43 -21.01
CA ARG C 298 -28.74 14.30 -20.71
C ARG C 298 -28.40 15.16 -19.50
N LEU C 299 -27.86 14.52 -18.46
CA LEU C 299 -27.48 15.25 -17.27
C LEU C 299 -26.39 16.25 -17.57
N LEU C 300 -25.43 15.84 -18.39
CA LEU C 300 -24.33 16.75 -18.77
C LEU C 300 -24.81 17.94 -19.58
N GLU C 301 -25.78 17.72 -20.47
CA GLU C 301 -26.34 18.82 -21.24
C GLU C 301 -27.00 19.84 -20.32
N LYS C 302 -27.67 19.38 -19.27
N LYS C 302 -27.67 19.36 -19.28
CA LYS C 302 -28.29 20.27 -18.30
CA LYS C 302 -28.27 20.22 -18.27
C LYS C 302 -27.22 21.07 -17.56
C LYS C 302 -27.19 21.07 -17.62
N ILE C 303 -26.11 20.40 -17.22
CA ILE C 303 -24.99 21.05 -16.58
C ILE C 303 -24.38 22.13 -17.50
N ILE C 304 -24.11 21.75 -18.74
CA ILE C 304 -23.51 22.65 -19.72
C ILE C 304 -24.40 23.86 -19.96
N ASN C 305 -25.71 23.62 -20.10
CA ASN C 305 -26.66 24.73 -20.34
C ASN C 305 -26.79 25.66 -19.13
N SER C 306 -26.52 25.17 -17.94
CA SER C 306 -26.66 26.00 -16.72
C SER C 306 -25.49 26.97 -16.51
N VAL C 307 -24.38 26.77 -17.23
CA VAL C 307 -23.18 27.59 -17.07
C VAL C 307 -23.40 29.01 -17.60
N LYS D 5 9.68 26.84 38.85
CA LYS D 5 9.35 27.26 37.46
C LYS D 5 8.33 28.38 37.45
N ASN D 6 8.44 29.22 36.43
CA ASN D 6 7.60 30.39 36.29
C ASN D 6 6.11 30.02 36.20
N ILE D 7 5.77 28.96 35.47
CA ILE D 7 4.36 28.62 35.22
C ILE D 7 3.88 27.42 36.02
N LYS D 8 2.78 27.61 36.74
CA LYS D 8 2.16 26.58 37.54
C LYS D 8 0.92 26.06 36.82
N MET D 9 0.85 24.75 36.60
CA MET D 9 -0.25 24.17 35.87
C MET D 9 -0.96 23.12 36.70
N GLY D 10 -2.28 23.08 36.56
CA GLY D 10 -3.08 22.05 37.21
C GLY D 10 -3.99 21.45 36.16
N MET D 11 -4.55 20.29 36.48
N MET D 11 -4.52 20.27 36.46
CA MET D 11 -5.44 19.59 35.58
CA MET D 11 -5.46 19.61 35.57
C MET D 11 -6.74 19.25 36.30
C MET D 11 -6.74 19.31 36.32
N ILE D 12 -7.86 19.50 35.63
CA ILE D 12 -9.20 19.21 36.18
C ILE D 12 -9.88 18.26 35.23
N GLY D 13 -10.30 17.11 35.74
CA GLY D 13 -10.89 16.07 34.92
C GLY D 13 -9.80 15.07 34.56
N LEU D 14 -9.89 13.86 35.08
CA LEU D 14 -8.88 12.85 34.80
C LEU D 14 -9.51 11.61 34.16
N GLY D 15 -10.42 11.87 33.23
CA GLY D 15 -11.14 10.83 32.47
C GLY D 15 -10.28 10.18 31.40
N SER D 16 -10.92 9.43 30.52
N SER D 16 -10.95 9.44 30.51
CA SER D 16 -10.18 8.67 29.51
CA SER D 16 -10.27 8.68 29.46
C SER D 16 -9.32 9.53 28.56
C SER D 16 -9.34 9.53 28.60
N ILE D 17 -9.84 10.65 28.08
CA ILE D 17 -9.05 11.52 27.18
C ILE D 17 -7.87 12.15 27.92
N ALA D 18 -8.08 12.62 29.14
CA ALA D 18 -6.97 13.15 29.92
C ALA D 18 -5.89 12.07 30.07
N GLN D 19 -6.31 10.85 30.37
CA GLN D 19 -5.36 9.75 30.59
C GLN D 19 -4.60 9.31 29.35
N LYS D 20 -5.23 9.34 28.19
CA LYS D 20 -4.53 8.86 26.98
C LYS D 20 -3.91 9.96 26.14
N ALA D 21 -4.49 11.17 26.16
CA ALA D 21 -4.07 12.26 25.23
C ALA D 21 -3.34 13.43 25.84
N TYR D 22 -3.39 13.58 27.18
CA TYR D 22 -2.77 14.72 27.87
C TYR D 22 -1.78 14.35 28.95
N LEU D 23 -2.19 13.55 29.96
CA LEU D 23 -1.28 13.11 31.02
C LEU D 23 0.04 12.55 30.52
N PRO D 24 0.04 11.71 29.43
CA PRO D 24 1.35 11.18 29.00
C PRO D 24 2.36 12.25 28.51
N ILE D 25 1.84 13.39 28.05
CA ILE D 25 2.63 14.58 27.66
C ILE D 25 2.99 15.44 28.87
N LEU D 26 1.97 15.86 29.61
CA LEU D 26 2.13 16.86 30.65
C LEU D 26 2.86 16.40 31.88
N THR D 27 2.84 15.09 32.14
CA THR D 27 3.54 14.53 33.30
C THR D 27 5.03 14.54 33.15
N LYS D 28 5.53 14.81 31.94
CA LYS D 28 6.97 15.11 31.71
C LYS D 28 6.98 16.63 31.68
N SER D 29 7.03 17.19 32.88
CA SER D 29 6.76 18.61 33.10
C SER D 29 8.00 19.46 32.95
N GLU D 30 8.36 19.69 31.70
CA GLU D 30 9.60 20.42 31.37
C GLU D 30 9.54 21.94 31.47
N ARG D 31 8.39 22.48 31.10
N ARG D 31 8.42 22.53 31.09
CA ARG D 31 8.18 23.94 30.92
CA ARG D 31 8.34 23.99 31.03
C ARG D 31 7.35 24.59 32.02
C ARG D 31 7.27 24.57 31.96
N PHE D 32 6.91 23.80 32.97
CA PHE D 32 5.98 24.25 34.01
C PHE D 32 6.09 23.31 35.19
N GLU D 33 5.54 23.74 36.32
CA GLU D 33 5.40 22.90 37.51
C GLU D 33 4.00 22.30 37.47
N PHE D 34 3.90 20.97 37.60
CA PHE D 34 2.60 20.29 37.64
C PHE D 34 2.16 20.35 39.12
N VAL D 35 1.42 21.39 39.47
CA VAL D 35 1.03 21.66 40.86
C VAL D 35 0.10 20.60 41.45
N GLY D 36 -0.83 20.13 40.64
CA GLY D 36 -1.80 19.16 41.13
C GLY D 36 -2.90 18.87 40.16
N ALA D 37 -3.78 17.96 40.57
CA ALA D 37 -4.91 17.55 39.76
C ALA D 37 -6.14 17.28 40.62
N PHE D 38 -7.29 17.56 40.04
CA PHE D 38 -8.56 17.28 40.66
C PHE D 38 -9.47 16.53 39.69
N THR D 39 -10.26 15.59 40.22
CA THR D 39 -11.35 14.97 39.48
C THR D 39 -12.40 14.59 40.55
N PRO D 40 -13.71 14.66 40.23
CA PRO D 40 -14.74 14.44 41.26
C PRO D 40 -14.64 13.12 42.01
N ASN D 41 -14.23 12.05 41.33
CA ASN D 41 -14.14 10.75 41.97
C ASN D 41 -12.84 10.67 42.78
N LYS D 42 -12.95 10.72 44.12
CA LYS D 42 -11.75 10.72 44.98
C LYS D 42 -10.83 9.52 44.82
N VAL D 43 -11.40 8.32 44.73
CA VAL D 43 -10.59 7.12 44.57
C VAL D 43 -9.74 7.16 43.28
N LYS D 44 -10.36 7.54 42.16
CA LYS D 44 -9.64 7.66 40.90
C LYS D 44 -8.61 8.78 40.98
N ARG D 45 -9.01 9.89 41.55
CA ARG D 45 -8.13 11.03 41.73
C ARG D 45 -6.86 10.60 42.44
N GLU D 46 -7.00 9.91 43.56
CA GLU D 46 -5.81 9.55 44.33
C GLU D 46 -4.94 8.50 43.63
N LYS D 47 -5.57 7.59 42.90
CA LYS D 47 -4.81 6.56 42.18
C LYS D 47 -3.96 7.20 41.09
N ILE D 48 -4.60 8.00 40.25
CA ILE D 48 -3.88 8.64 39.14
C ILE D 48 -2.78 9.55 39.65
N CYS D 49 -3.07 10.34 40.68
CA CYS D 49 -2.07 11.24 41.22
C CYS D 49 -0.88 10.44 41.80
N SER D 50 -1.17 9.31 42.46
CA SER D 50 -0.12 8.44 43.00
C SER D 50 0.79 7.91 41.90
N ASP D 51 0.19 7.47 40.80
CA ASP D 51 0.95 6.90 39.68
C ASP D 51 1.98 7.90 39.13
N TYR D 52 1.63 9.18 39.10
CA TYR D 52 2.48 10.19 38.51
C TYR D 52 3.18 11.10 39.51
N ARG D 53 2.98 10.83 40.80
CA ARG D 53 3.58 11.64 41.86
C ARG D 53 3.15 13.10 41.79
N ILE D 54 1.85 13.28 41.52
CA ILE D 54 1.20 14.56 41.48
C ILE D 54 0.37 14.75 42.76
N MET D 55 0.26 15.98 43.23
CA MET D 55 -0.53 16.26 44.43
C MET D 55 -2.04 16.26 44.10
N PRO D 56 -2.85 15.43 44.80
CA PRO D 56 -4.28 15.49 44.57
C PRO D 56 -4.88 16.70 45.30
N PHE D 57 -5.87 17.33 44.69
CA PHE D 57 -6.57 18.48 45.30
C PHE D 57 -8.04 18.11 45.51
N ASP D 58 -8.67 18.77 46.48
CA ASP D 58 -10.04 18.44 46.90
C ASP D 58 -11.16 19.11 46.12
N SER D 59 -10.83 20.14 45.34
CA SER D 59 -11.84 20.88 44.63
C SER D 59 -11.22 21.69 43.50
N ILE D 60 -12.08 22.13 42.60
CA ILE D 60 -11.69 23.00 41.49
C ILE D 60 -11.04 24.28 42.03
N GLU D 61 -11.68 24.88 43.03
CA GLU D 61 -11.25 26.17 43.56
C GLU D 61 -9.92 26.08 44.28
N SER D 62 -9.74 25.05 45.11
CA SER D 62 -8.49 24.92 45.86
C SER D 62 -7.30 24.72 44.92
N LEU D 63 -7.50 23.97 43.84
CA LEU D 63 -6.45 23.81 42.84
C LEU D 63 -6.19 25.12 42.08
N ALA D 64 -7.26 25.75 41.58
CA ALA D 64 -7.15 26.97 40.77
C ALA D 64 -6.37 28.07 41.47
N LYS D 65 -6.58 28.20 42.79
CA LYS D 65 -5.86 29.20 43.58
C LYS D 65 -4.35 28.97 43.64
N LYS D 66 -3.89 27.76 43.32
CA LYS D 66 -2.45 27.49 43.33
C LYS D 66 -1.84 27.38 41.93
N CYS D 67 -2.61 27.73 40.90
CA CYS D 67 -2.18 27.58 39.50
C CYS D 67 -2.24 28.87 38.74
N ASP D 68 -1.46 28.92 37.65
CA ASP D 68 -1.51 30.00 36.66
C ASP D 68 -2.40 29.56 35.46
N CYS D 69 -2.51 28.25 35.25
CA CYS D 69 -3.27 27.70 34.12
C CYS D 69 -3.78 26.31 34.45
N ILE D 70 -4.88 25.95 33.79
CA ILE D 70 -5.54 24.68 33.98
C ILE D 70 -5.87 24.05 32.64
N PHE D 71 -5.58 22.75 32.53
CA PHE D 71 -6.05 21.89 31.46
C PHE D 71 -7.34 21.26 31.98
N LEU D 72 -8.47 21.57 31.32
CA LEU D 72 -9.80 21.12 31.77
C LEU D 72 -10.36 20.06 30.81
N HIS D 73 -10.63 18.87 31.33
CA HIS D 73 -11.12 17.76 30.49
C HIS D 73 -12.39 17.23 31.11
N SER D 74 -13.41 18.06 31.20
CA SER D 74 -14.70 17.65 31.75
C SER D 74 -15.76 17.56 30.64
N SER D 75 -16.94 17.13 31.03
CA SER D 75 -18.03 16.97 30.10
C SER D 75 -18.48 18.32 29.60
N THR D 76 -18.82 18.37 28.32
CA THR D 76 -19.28 19.59 27.67
C THR D 76 -20.27 20.43 28.50
N GLU D 77 -21.32 19.79 29.06
CA GLU D 77 -22.30 20.54 29.83
C GLU D 77 -21.76 21.21 31.09
N THR D 78 -20.63 20.74 31.61
CA THR D 78 -20.02 21.32 32.80
C THR D 78 -19.00 22.43 32.48
N HIS D 79 -18.59 22.52 31.22
CA HIS D 79 -17.57 23.51 30.81
C HIS D 79 -17.91 24.92 31.23
N TYR D 80 -19.11 25.36 30.90
CA TYR D 80 -19.47 26.75 31.11
C TYR D 80 -19.29 27.26 32.55
N GLU D 81 -19.93 26.63 33.55
N GLU D 81 -19.92 26.56 33.50
CA GLU D 81 -19.78 27.16 34.91
CA GLU D 81 -19.86 26.93 34.92
C GLU D 81 -18.36 26.92 35.46
C GLU D 81 -18.43 26.87 35.47
N ILE D 82 -17.69 25.84 35.07
CA ILE D 82 -16.31 25.64 35.52
C ILE D 82 -15.37 26.72 34.98
N ILE D 83 -15.45 26.97 33.67
CA ILE D 83 -14.60 27.97 33.06
C ILE D 83 -14.86 29.36 33.65
N LYS D 84 -16.12 29.67 33.93
N LYS D 84 -16.11 29.71 33.92
CA LYS D 84 -16.47 30.96 34.55
CA LYS D 84 -16.39 31.01 34.54
C LYS D 84 -15.72 31.08 35.89
C LYS D 84 -15.72 31.11 35.93
N ILE D 85 -15.75 30.01 36.69
CA ILE D 85 -15.07 29.97 37.97
C ILE D 85 -13.56 30.18 37.81
N LEU D 86 -12.97 29.49 36.84
CA LEU D 86 -11.53 29.53 36.64
C LEU D 86 -11.07 30.90 36.15
N LEU D 87 -11.78 31.48 35.19
CA LEU D 87 -11.36 32.76 34.64
C LEU D 87 -11.50 33.83 35.74
N ASN D 88 -12.55 33.72 36.55
CA ASN D 88 -12.74 34.68 37.64
C ASN D 88 -11.66 34.54 38.73
N LEU D 89 -11.01 33.37 38.82
CA LEU D 89 -9.88 33.17 39.76
C LEU D 89 -8.53 33.46 39.11
N GLY D 90 -8.54 33.99 37.88
CA GLY D 90 -7.33 34.44 37.20
C GLY D 90 -6.45 33.37 36.60
N VAL D 91 -7.06 32.29 36.12
N VAL D 91 -7.01 32.23 36.20
CA VAL D 91 -6.33 31.17 35.56
CA VAL D 91 -6.19 31.20 35.54
C VAL D 91 -6.60 31.03 34.06
C VAL D 91 -6.56 31.04 34.09
N HIS D 92 -5.54 30.83 33.27
CA HIS D 92 -5.71 30.55 31.84
C HIS D 92 -6.30 29.16 31.72
N VAL D 93 -7.08 28.92 30.67
CA VAL D 93 -7.76 27.65 30.53
C VAL D 93 -7.62 27.05 29.15
N TYR D 94 -7.22 25.79 29.12
CA TYR D 94 -7.26 24.96 27.92
C TYR D 94 -8.37 23.94 28.16
N VAL D 95 -9.25 23.77 27.20
CA VAL D 95 -10.36 22.87 27.33
C VAL D 95 -10.54 22.08 26.04
N ASP D 96 -11.00 20.84 26.18
CA ASP D 96 -11.38 20.07 25.00
C ASP D 96 -12.64 20.64 24.36
N LYS D 97 -12.78 20.37 23.08
CA LYS D 97 -13.95 20.85 22.34
C LYS D 97 -15.25 20.15 22.80
N PRO D 98 -16.39 20.83 22.64
CA PRO D 98 -16.50 22.24 22.26
C PRO D 98 -16.35 23.15 23.50
N LEU D 99 -16.15 24.44 23.28
CA LEU D 99 -15.98 25.40 24.36
C LEU D 99 -17.07 25.28 25.44
N ALA D 100 -18.32 25.51 25.03
CA ALA D 100 -19.47 25.37 25.93
C ALA D 100 -20.62 24.67 25.21
N SER D 101 -21.71 24.40 25.92
CA SER D 101 -22.87 23.72 25.32
C SER D 101 -23.47 24.46 24.13
N THR D 102 -23.41 25.79 24.18
CA THR D 102 -23.93 26.61 23.10
C THR D 102 -22.88 27.62 22.69
N VAL D 103 -22.98 28.09 21.47
CA VAL D 103 -22.09 29.12 20.96
C VAL D 103 -22.23 30.43 21.75
N SER D 104 -23.44 30.83 22.10
CA SER D 104 -23.60 32.11 22.83
C SER D 104 -22.94 32.01 24.21
N GLN D 105 -23.01 30.84 24.86
CA GLN D 105 -22.27 30.66 26.10
C GLN D 105 -20.74 30.76 25.86
N GLY D 106 -20.23 30.15 24.79
CA GLY D 106 -18.81 30.24 24.47
C GLY D 106 -18.40 31.68 24.22
N GLU D 107 -19.25 32.41 23.50
CA GLU D 107 -18.95 33.82 23.23
C GLU D 107 -18.79 34.61 24.50
N GLU D 108 -19.66 34.34 25.47
CA GLU D 108 -19.57 35.01 26.76
C GLU D 108 -18.24 34.69 27.45
N LEU D 109 -17.85 33.42 27.44
CA LEU D 109 -16.60 32.98 28.09
C LEU D 109 -15.40 33.65 27.44
N ILE D 110 -15.41 33.75 26.11
CA ILE D 110 -14.33 34.41 25.39
C ILE D 110 -14.23 35.86 25.83
N GLU D 111 -15.38 36.57 25.91
CA GLU D 111 -15.35 37.95 26.36
C GLU D 111 -14.84 38.09 27.78
N LEU D 112 -15.20 37.14 28.64
CA LEU D 112 -14.72 37.13 30.02
C LEU D 112 -13.20 36.94 30.07
N SER D 113 -12.68 36.06 29.20
CA SER D 113 -11.23 35.81 29.18
C SER D 113 -10.53 37.11 28.77
N THR D 114 -11.09 37.78 27.77
CA THR D 114 -10.52 39.09 27.33
C THR D 114 -10.51 40.10 28.47
N LYS D 115 -11.63 40.24 29.16
CA LYS D 115 -11.75 41.19 30.27
C LYS D 115 -10.72 40.90 31.36
N LYS D 116 -10.44 39.62 31.61
CA LYS D 116 -9.49 39.21 32.64
C LYS D 116 -8.05 39.10 32.14
N ASN D 117 -7.83 39.38 30.86
CA ASN D 117 -6.51 39.27 30.25
C ASN D 117 -5.93 37.86 30.39
N LEU D 118 -6.76 36.87 30.06
CA LEU D 118 -6.39 35.45 30.16
C LEU D 118 -6.64 34.74 28.85
N ASN D 119 -5.88 33.69 28.60
CA ASN D 119 -6.09 32.86 27.41
C ASN D 119 -7.09 31.73 27.69
N LEU D 120 -8.03 31.57 26.77
CA LEU D 120 -9.02 30.51 26.75
C LEU D 120 -8.84 29.82 25.41
N MET D 121 -8.36 28.58 25.43
CA MET D 121 -8.07 27.84 24.21
C MET D 121 -8.86 26.55 24.14
N VAL D 122 -9.36 26.21 22.95
CA VAL D 122 -10.08 24.96 22.72
C VAL D 122 -9.16 23.98 21.99
N GLY D 123 -9.19 22.74 22.43
CA GLY D 123 -8.29 21.68 21.97
C GLY D 123 -8.53 21.09 20.59
N PHE D 124 -8.38 21.91 19.54
CA PHE D 124 -8.48 21.40 18.19
C PHE D 124 -7.09 20.89 17.78
N ASN D 125 -6.72 19.73 18.30
CA ASN D 125 -5.38 19.18 18.06
C ASN D 125 -4.98 19.01 16.58
N ARG D 126 -5.95 18.81 15.70
CA ARG D 126 -5.62 18.56 14.30
C ARG D 126 -4.94 19.76 13.65
N ARG D 127 -5.18 20.97 14.18
CA ARG D 127 -4.49 22.16 13.69
C ARG D 127 -2.99 22.12 13.99
N PHE D 128 -2.58 21.21 14.88
CA PHE D 128 -1.20 21.04 15.28
C PHE D 128 -0.62 19.68 14.83
N CYS D 129 -1.44 18.88 14.13
CA CYS D 129 -0.99 17.60 13.60
C CYS D 129 0.16 17.89 12.61
N PRO D 130 1.36 17.34 12.86
CA PRO D 130 2.47 17.69 11.97
C PRO D 130 2.22 17.43 10.50
N MET D 131 1.64 16.29 10.15
CA MET D 131 1.46 15.99 8.74
C MET D 131 0.37 16.81 8.10
N TYR D 132 -0.64 17.15 8.89
CA TYR D 132 -1.68 18.08 8.38
C TYR D 132 -1.06 19.46 8.11
N LYS D 133 -0.24 19.95 9.04
CA LYS D 133 0.48 21.20 8.79
C LYS D 133 1.35 21.14 7.53
N GLU D 134 2.03 20.02 7.32
CA GLU D 134 2.93 19.86 6.18
C GLU D 134 2.15 19.97 4.87
N ILE D 135 1.04 19.26 4.75
CA ILE D 135 0.26 19.30 3.49
C ILE D 135 -0.37 20.67 3.30
N LYS D 136 -0.79 21.30 4.39
CA LYS D 136 -1.36 22.67 4.30
C LYS D 136 -0.30 23.65 3.76
N ASN D 137 0.90 23.58 4.33
CA ASN D 137 2.01 24.46 3.97
C ASN D 137 2.49 24.26 2.54
N ASN D 138 2.35 23.05 2.00
CA ASN D 138 2.89 22.74 0.66
C ASN D 138 1.87 22.79 -0.47
N ALA D 139 0.61 23.01 -0.13
CA ALA D 139 -0.47 23.05 -1.12
C ALA D 139 -0.63 24.44 -1.66
N THR D 140 -0.63 24.55 -2.97
CA THR D 140 -0.96 25.79 -3.63
C THR D 140 -1.87 25.49 -4.82
N GLU D 141 -2.72 26.45 -5.16
CA GLU D 141 -3.66 26.31 -6.27
C GLU D 141 -4.54 25.08 -6.07
N ILE D 142 -5.12 25.03 -4.89
CA ILE D 142 -6.01 23.96 -4.52
C ILE D 142 -7.31 24.02 -5.33
N VAL D 143 -7.80 22.84 -5.77
CA VAL D 143 -9.06 22.73 -6.48
C VAL D 143 -10.15 22.02 -5.67
N SER D 144 -9.77 21.24 -4.67
CA SER D 144 -10.75 20.50 -3.87
C SER D 144 -10.08 19.85 -2.66
N ILE D 145 -10.83 19.69 -1.57
CA ILE D 145 -10.35 19.03 -0.38
C ILE D 145 -11.43 18.06 0.08
N ASN D 146 -11.04 16.88 0.48
CA ASN D 146 -11.97 15.86 1.02
C ASN D 146 -11.49 15.45 2.37
N ILE D 147 -12.40 15.45 3.34
CA ILE D 147 -12.05 15.05 4.69
C ILE D 147 -13.04 14.08 5.20
N CYS D 148 -12.55 12.94 5.67
CA CYS D 148 -13.47 11.97 6.27
C CYS D 148 -12.96 11.41 7.56
N LYS D 149 -13.91 11.00 8.40
CA LYS D 149 -13.60 10.41 9.69
C LYS D 149 -14.65 9.35 9.96
N HIS D 150 -14.27 8.10 9.77
CA HIS D 150 -15.19 6.97 9.90
C HIS D 150 -14.84 6.08 11.08
N GLY D 151 -15.86 5.43 11.61
CA GLY D 151 -15.65 4.56 12.74
C GLY D 151 -16.20 3.18 12.54
N LEU D 152 -15.59 2.24 13.27
CA LEU D 152 -16.00 0.87 13.28
C LEU D 152 -16.80 0.67 14.57
N ASN D 153 -18.05 0.25 14.44
CA ASN D 153 -18.93 0.05 15.60
C ASN D 153 -19.02 1.31 16.48
N SER D 154 -19.06 2.47 15.84
CA SER D 154 -19.08 3.77 16.54
C SER D 154 -20.48 4.37 16.71
N LEU D 155 -21.52 3.57 16.51
CA LEU D 155 -22.88 4.02 16.73
C LEU D 155 -23.09 4.04 18.22
N ARG D 156 -23.44 5.20 18.77
CA ARG D 156 -23.72 5.31 20.20
C ARG D 156 -25.19 5.71 20.40
N ASN D 157 -25.78 5.23 21.50
CA ASN D 157 -27.19 5.54 21.80
C ASN D 157 -27.35 6.94 22.42
N VAL D 158 -26.87 7.95 21.69
CA VAL D 158 -27.01 9.35 22.08
C VAL D 158 -27.57 10.12 20.88
N ARG D 159 -28.23 11.24 21.15
CA ARG D 159 -28.85 12.02 20.09
C ARG D 159 -27.78 12.53 19.11
N PHE D 160 -28.12 12.53 17.83
CA PHE D 160 -27.18 12.87 16.77
C PHE D 160 -26.44 14.20 17.01
N ASP D 161 -27.14 15.19 17.57
CA ASP D 161 -26.51 16.51 17.81
C ASP D 161 -25.30 16.46 18.73
N SER D 162 -25.32 15.54 19.71
CA SER D 162 -24.19 15.36 20.60
C SER D 162 -22.98 14.83 19.85
N THR D 163 -23.21 13.87 18.95
CA THR D 163 -22.14 13.28 18.16
C THR D 163 -21.56 14.33 17.18
N LEU D 164 -22.43 15.15 16.59
CA LEU D 164 -21.96 16.19 15.70
C LEU D 164 -21.05 17.18 16.43
N ILE D 165 -21.43 17.66 17.62
CA ILE D 165 -20.60 18.67 18.30
C ILE D 165 -19.40 18.08 19.04
N ASP D 166 -19.44 16.78 19.34
N ASP D 166 -19.44 16.78 19.30
CA ASP D 166 -18.32 16.13 20.03
CA ASP D 166 -18.36 16.09 20.00
C ASP D 166 -17.29 15.50 19.07
C ASP D 166 -17.31 15.54 19.06
N ASP D 167 -17.73 15.03 17.91
CA ASP D 167 -16.82 14.36 16.97
C ASP D 167 -16.73 14.96 15.55
N TYR D 168 -17.87 15.16 14.90
CA TYR D 168 -17.88 15.79 13.57
C TYR D 168 -17.25 17.18 13.59
N ILE D 169 -17.33 17.86 14.75
CA ILE D 169 -16.72 19.17 14.88
C ILE D 169 -15.24 19.18 14.50
N HIS D 170 -14.55 18.03 14.71
CA HIS D 170 -13.15 17.93 14.31
C HIS D 170 -12.99 17.97 12.81
N VAL D 171 -13.92 17.36 12.10
CA VAL D 171 -13.92 17.36 10.65
C VAL D 171 -14.17 18.78 10.15
N ILE D 172 -15.20 19.40 10.68
CA ILE D 172 -15.57 20.75 10.29
C ILE D 172 -14.46 21.75 10.64
N ASP D 173 -13.90 21.65 11.84
CA ASP D 173 -12.83 22.57 12.21
C ASP D 173 -11.62 22.46 11.28
N THR D 174 -11.21 21.23 10.98
CA THR D 174 -10.08 21.01 10.10
C THR D 174 -10.37 21.61 8.71
N ALA D 175 -11.59 21.43 8.22
CA ALA D 175 -12.01 22.01 6.94
C ALA D 175 -11.86 23.53 6.94
N LEU D 176 -12.40 24.18 7.98
CA LEU D 176 -12.36 25.64 8.06
C LEU D 176 -10.91 26.14 8.19
N TRP D 177 -10.09 25.40 8.94
CA TRP D 177 -8.67 25.76 9.09
C TRP D 177 -7.94 25.64 7.76
N LEU D 178 -8.24 24.60 6.98
CA LEU D 178 -7.64 24.43 5.65
C LEU D 178 -8.20 25.42 4.63
N ALA D 179 -9.47 25.80 4.77
CA ALA D 179 -10.09 26.72 3.82
C ALA D 179 -9.42 28.07 3.87
N ASN D 180 -9.24 28.60 5.08
CA ASN D 180 -8.68 29.93 5.28
C ASN D 180 -9.38 30.98 4.40
N GLU D 181 -10.66 30.74 4.11
CA GLU D 181 -11.53 31.64 3.35
C GLU D 181 -12.96 31.30 3.75
N ASP D 182 -13.86 32.26 3.59
CA ASP D 182 -15.27 32.06 3.94
C ASP D 182 -15.84 30.90 3.14
N VAL D 183 -16.73 30.12 3.75
CA VAL D 183 -17.42 29.04 3.04
C VAL D 183 -18.91 29.02 3.35
N GLU D 184 -19.66 28.46 2.41
CA GLU D 184 -21.09 28.28 2.58
C GLU D 184 -21.43 26.81 2.48
N ILE D 185 -22.24 26.37 3.44
N ILE D 185 -22.40 26.33 3.24
CA ILE D 185 -22.65 24.99 3.56
CA ILE D 185 -22.87 24.95 3.06
C ILE D 185 -23.73 24.68 2.56
C ILE D 185 -23.61 24.87 1.72
N SER D 186 -23.70 23.44 2.09
N SER D 186 -23.19 23.95 0.85
CA SER D 186 -24.67 22.97 1.13
CA SER D 186 -23.81 23.83 -0.48
C SER D 186 -24.49 21.47 1.02
C SER D 186 -24.39 22.44 -0.73
N GLY D 187 -25.32 20.85 0.19
N GLY D 187 -24.26 21.56 0.25
CA GLY D 187 -25.22 19.42 -0.10
CA GLY D 187 -24.78 20.21 0.13
C GLY D 187 -25.14 18.55 1.13
C GLY D 187 -24.78 19.55 1.49
N GLU D 188 -26.02 18.79 2.08
N GLU D 188 -25.71 18.62 1.71
CA GLU D 188 -26.03 18.01 3.30
CA GLU D 188 -25.82 17.96 3.01
C GLU D 188 -26.64 16.63 3.12
C GLU D 188 -26.50 16.58 2.93
N ASP D 189 -25.95 15.62 3.66
CA ASP D 189 -26.54 14.28 3.82
C ASP D 189 -26.59 14.16 5.33
N LEU D 190 -27.71 13.75 5.88
CA LEU D 190 -27.80 13.53 7.32
C LEU D 190 -28.72 12.35 7.56
N PHE D 191 -28.13 11.18 7.82
CA PHE D 191 -28.90 9.96 8.02
C PHE D 191 -28.87 9.54 9.47
N LEU D 192 -30.07 9.35 10.03
CA LEU D 192 -30.24 9.03 11.44
C LEU D 192 -31.00 7.72 11.63
N THR D 193 -30.80 7.10 12.78
CA THR D 193 -31.56 5.90 13.14
C THR D 193 -32.97 6.35 13.52
N ASP D 194 -33.88 5.40 13.72
CA ASP D 194 -35.22 5.75 14.14
C ASP D 194 -35.18 6.47 15.48
N ASN D 195 -34.22 6.08 16.33
N ASN D 195 -34.24 6.09 16.35
CA ASN D 195 -34.04 6.68 17.65
CA ASN D 195 -34.09 6.73 17.66
C ASN D 195 -33.24 7.99 17.60
C ASN D 195 -33.24 8.00 17.59
N LYS D 196 -33.00 8.50 16.38
CA LYS D 196 -32.26 9.76 16.16
C LYS D 196 -30.77 9.73 16.50
N ASN D 197 -30.16 8.55 16.40
CA ASN D 197 -28.71 8.41 16.54
C ASN D 197 -28.08 8.72 15.17
N LEU D 198 -26.88 9.29 15.16
CA LEU D 198 -26.20 9.60 13.89
C LEU D 198 -25.65 8.35 13.23
N ILE D 199 -26.01 8.14 11.97
CA ILE D 199 -25.42 7.05 11.17
C ILE D 199 -24.36 7.66 10.25
N PHE D 200 -24.77 8.64 9.45
CA PHE D 200 -23.88 9.26 8.47
C PHE D 200 -24.18 10.74 8.28
N VAL D 201 -23.12 11.54 8.13
CA VAL D 201 -23.30 12.94 7.86
C VAL D 201 -22.24 13.35 6.84
N SER D 202 -22.64 14.21 5.92
CA SER D 202 -21.70 14.81 4.98
C SER D 202 -22.16 16.17 4.55
N HIS D 203 -21.19 17.02 4.19
CA HIS D 203 -21.46 18.35 3.70
C HIS D 203 -20.50 18.75 2.61
N LYS D 204 -20.92 19.72 1.83
CA LYS D 204 -20.02 20.37 0.92
C LYS D 204 -19.90 21.81 1.39
N LEU D 205 -18.69 22.25 1.67
CA LEU D 205 -18.45 23.62 2.11
C LEU D 205 -17.82 24.36 0.95
N LYS D 206 -18.58 25.26 0.34
CA LYS D 206 -18.12 25.94 -0.87
C LYS D 206 -17.49 27.30 -0.63
N GLY D 207 -16.23 27.43 -1.05
CA GLY D 207 -15.49 28.70 -0.99
C GLY D 207 -15.40 29.30 -2.38
N LYS D 208 -14.85 30.50 -2.46
CA LYS D 208 -14.69 31.18 -3.74
C LYS D 208 -13.74 30.41 -4.69
N ASN D 209 -12.67 29.82 -4.14
CA ASN D 209 -11.67 29.13 -4.96
C ASN D 209 -11.74 27.59 -4.98
N PHE D 210 -12.37 26.99 -3.99
CA PHE D 210 -12.57 25.55 -3.98
C PHE D 210 -13.53 25.18 -2.89
N SER D 211 -13.93 23.93 -2.92
CA SER D 211 -14.84 23.39 -1.92
C SER D 211 -14.18 22.29 -1.10
N ILE D 212 -14.76 22.06 0.07
CA ILE D 212 -14.32 21.01 0.96
C ILE D 212 -15.48 20.06 1.20
N ASN D 213 -15.28 18.80 0.89
CA ASN D 213 -16.29 17.76 1.10
C ASN D 213 -15.96 17.01 2.38
N THR D 214 -16.87 17.06 3.34
CA THR D 214 -16.68 16.46 4.65
C THR D 214 -17.62 15.30 4.83
N SER D 215 -17.16 14.24 5.48
CA SER D 215 -18.03 13.10 5.76
C SER D 215 -17.60 12.31 7.00
N MET D 216 -18.59 11.63 7.55
CA MET D 216 -18.36 10.82 8.71
C MET D 216 -19.43 9.72 8.74
N HIS D 217 -18.96 8.47 8.66
CA HIS D 217 -19.81 7.29 8.79
C HIS D 217 -19.47 6.58 10.08
N ARG D 218 -20.47 6.44 10.94
CA ARG D 218 -20.31 5.86 12.26
C ARG D 218 -20.45 4.35 12.30
N ASP D 219 -20.80 3.72 11.18
CA ASP D 219 -21.02 2.28 11.13
C ASP D 219 -20.31 1.75 9.88
N SER D 220 -19.06 2.13 9.78
CA SER D 220 -18.20 1.78 8.67
C SER D 220 -17.48 0.43 8.91
N GLY D 221 -16.53 0.11 8.04
CA GLY D 221 -15.78 -1.11 8.12
C GLY D 221 -14.43 -1.01 8.79
N THR D 222 -14.06 0.20 9.19
CA THR D 222 -12.81 0.40 9.89
C THR D 222 -12.82 1.78 10.52
N LYS D 223 -11.91 2.02 11.44
CA LYS D 223 -11.69 3.35 11.97
C LYS D 223 -10.63 3.99 11.08
N LEU D 224 -11.00 5.06 10.41
CA LEU D 224 -10.01 5.77 9.63
C LEU D 224 -10.30 7.27 9.57
N GLU D 225 -9.25 8.04 9.32
CA GLU D 225 -9.38 9.45 9.07
C GLU D 225 -8.53 9.75 7.88
N GLN D 226 -9.00 10.66 7.04
CA GLN D 226 -8.20 11.07 5.89
C GLN D 226 -8.49 12.49 5.49
N VAL D 227 -7.42 13.21 5.18
CA VAL D 227 -7.52 14.49 4.53
C VAL D 227 -6.84 14.34 3.17
N GLU D 228 -7.54 14.75 2.13
CA GLU D 228 -7.00 14.71 0.78
C GLU D 228 -7.12 16.07 0.14
N ILE D 229 -6.02 16.59 -0.36
CA ILE D 229 -6.00 17.88 -1.04
C ILE D 229 -5.63 17.68 -2.51
N LEU D 230 -6.52 18.09 -3.39
N LEU D 230 -6.51 18.14 -3.40
CA LEU D 230 -6.24 18.10 -4.83
CA LEU D 230 -6.26 18.12 -4.84
C LEU D 230 -5.76 19.52 -5.18
C LEU D 230 -5.81 19.52 -5.24
N SER D 231 -4.62 19.62 -5.83
CA SER D 231 -4.11 20.94 -6.23
C SER D 231 -3.44 20.81 -7.58
N LYS D 232 -2.98 21.92 -8.15
CA LYS D 232 -2.40 21.88 -9.46
C LYS D 232 -1.20 20.93 -9.46
N GLY D 233 -1.28 19.89 -10.28
CA GLY D 233 -0.20 18.94 -10.44
C GLY D 233 0.05 18.01 -9.27
N LYS D 234 -0.89 17.90 -8.32
CA LYS D 234 -0.57 17.18 -7.10
C LYS D 234 -1.80 16.69 -6.36
N ILE D 235 -1.67 15.53 -5.76
CA ILE D 235 -2.62 15.06 -4.75
C ILE D 235 -1.81 14.83 -3.47
N GLN D 236 -2.30 15.35 -2.34
CA GLN D 236 -1.67 15.05 -1.03
C GLN D 236 -2.73 14.39 -0.15
N ARG D 237 -2.33 13.38 0.60
CA ARG D 237 -3.23 12.75 1.54
C ARG D 237 -2.52 12.48 2.83
N VAL D 238 -3.26 12.59 3.94
CA VAL D 238 -2.73 12.17 5.23
C VAL D 238 -3.78 11.22 5.75
N LYS D 239 -3.33 10.01 6.10
CA LYS D 239 -4.17 8.94 6.59
C LYS D 239 -3.87 8.68 8.04
N ASN D 240 -4.93 8.60 8.82
CA ASN D 240 -4.88 8.36 10.27
C ASN D 240 -3.86 9.24 11.00
N LEU D 241 -3.74 10.46 10.48
CA LEU D 241 -2.84 11.51 11.01
C LEU D 241 -1.37 11.13 10.99
N ASN D 242 -0.98 9.99 10.41
CA ASN D 242 0.39 9.57 10.55
C ASN D 242 1.10 8.94 9.34
N VAL D 243 0.42 8.93 8.18
CA VAL D 243 1.04 8.54 6.90
C VAL D 243 0.73 9.61 5.86
N LEU D 244 1.76 10.10 5.18
CA LEU D 244 1.61 11.15 4.20
C LEU D 244 1.90 10.62 2.79
N GLU D 245 0.92 10.77 1.90
CA GLU D 245 1.04 10.32 0.51
C GLU D 245 1.04 11.54 -0.40
N ILE D 246 1.90 11.54 -1.42
CA ILE D 246 1.91 12.61 -2.42
C ILE D 246 1.89 11.97 -3.80
N GLU D 247 0.93 12.35 -4.63
CA GLU D 247 0.92 11.88 -6.00
C GLU D 247 1.32 13.06 -6.86
N GLU D 248 2.40 12.90 -7.60
CA GLU D 248 2.89 13.94 -8.51
C GLU D 248 3.79 13.30 -9.54
N GLY D 249 3.74 13.84 -10.75
CA GLY D 249 4.52 13.31 -11.88
C GLY D 249 4.24 11.86 -12.20
N GLY D 250 3.05 11.38 -11.86
CA GLY D 250 2.66 10.00 -12.16
C GLY D 250 3.15 8.96 -11.17
N ASN D 251 3.71 9.41 -10.04
CA ASN D 251 4.21 8.50 -9.01
C ASN D 251 3.54 8.78 -7.69
N LEU D 252 3.42 7.76 -6.85
N LEU D 252 3.46 7.77 -6.83
CA LEU D 252 2.93 7.96 -5.50
CA LEU D 252 2.89 7.88 -5.49
C LEU D 252 4.12 7.82 -4.57
C LEU D 252 3.98 7.73 -4.43
N THR D 253 4.27 8.80 -3.69
CA THR D 253 5.34 8.77 -2.70
C THR D 253 4.70 8.70 -1.32
N LEU D 254 5.15 7.75 -0.52
N LEU D 254 5.11 7.71 -0.55
CA LEU D 254 4.58 7.51 0.77
CA LEU D 254 4.58 7.47 0.79
C LEU D 254 5.64 7.73 1.84
C LEU D 254 5.64 7.75 1.84
N LYS D 255 5.26 8.52 2.85
CA LYS D 255 6.16 8.82 3.96
C LYS D 255 5.49 8.47 5.28
N GLN D 256 6.11 7.60 6.06
N GLN D 256 6.14 7.61 6.05
CA GLN D 256 5.55 7.25 7.36
CA GLN D 256 5.66 7.19 7.37
C GLN D 256 6.10 8.19 8.42
C GLN D 256 6.11 8.20 8.42
N SER D 257 5.43 8.24 9.56
CA SER D 257 5.92 8.99 10.69
C SER D 257 7.20 8.28 11.14
N GLY D 258 8.15 9.03 11.65
CA GLY D 258 9.38 8.46 12.16
C GLY D 258 9.12 7.35 13.17
N ALA D 259 10.03 6.38 13.20
CA ALA D 259 9.91 5.24 14.14
C ALA D 259 9.79 5.61 15.62
N TRP D 260 10.31 6.78 16.01
CA TRP D 260 10.27 7.22 17.41
C TRP D 260 9.38 8.42 17.67
N VAL D 261 8.48 8.72 16.70
CA VAL D 261 7.53 9.82 16.85
C VAL D 261 6.35 9.24 17.63
N ASN D 262 6.14 9.74 18.84
CA ASN D 262 5.09 9.19 19.70
C ASN D 262 3.71 9.56 19.16
N ILE D 263 2.69 8.79 19.53
CA ILE D 263 1.37 9.01 18.91
C ILE D 263 0.76 10.36 19.26
N LEU D 264 1.12 10.95 20.39
CA LEU D 264 0.55 12.22 20.75
C LEU D 264 1.20 13.35 19.96
N LYS D 265 2.46 13.16 19.62
CA LYS D 265 3.15 14.05 18.70
C LYS D 265 2.49 13.90 17.32
N GLN D 266 2.27 12.67 16.88
CA GLN D 266 1.59 12.40 15.57
C GLN D 266 0.27 13.13 15.46
N LYS D 267 -0.54 13.06 16.51
CA LYS D 267 -1.92 13.59 16.46
C LYS D 267 -2.06 15.08 16.71
N GLY D 268 -1.00 15.74 17.18
CA GLY D 268 -1.00 17.17 17.45
C GLY D 268 -1.21 17.53 18.91
N PHE D 269 -1.49 16.53 19.77
CA PHE D 269 -1.69 16.79 21.21
C PHE D 269 -0.45 17.36 21.85
N GLU D 270 0.72 16.87 21.48
CA GLU D 270 1.94 17.35 22.08
C GLU D 270 2.20 18.81 21.74
N ASP D 271 2.09 19.16 20.46
CA ASP D 271 2.38 20.51 20.03
C ASP D 271 1.31 21.50 20.49
N ILE D 272 0.05 21.08 20.54
CA ILE D 272 -0.99 22.03 20.95
C ILE D 272 -0.84 22.35 22.44
N SER D 273 -0.55 21.33 23.24
N SER D 273 -0.55 21.33 23.24
CA SER D 273 -0.39 21.53 24.69
CA SER D 273 -0.39 21.54 24.70
C SER D 273 0.83 22.43 24.97
C SER D 273 0.83 22.42 24.98
N ASN D 274 1.94 22.13 24.32
CA ASN D 274 3.15 22.95 24.48
C ASN D 274 2.94 24.39 23.98
N HIS D 275 2.14 24.55 22.93
CA HIS D 275 1.81 25.87 22.40
C HIS D 275 1.04 26.70 23.44
N PHE D 276 0.09 26.06 24.11
CA PHE D 276 -0.69 26.74 25.14
C PHE D 276 0.26 27.30 26.23
N ILE D 277 1.18 26.48 26.69
CA ILE D 277 2.13 26.89 27.72
C ILE D 277 3.09 27.97 27.20
N ASP D 278 3.60 27.80 25.99
N ASP D 278 3.61 27.79 25.99
CA ASP D 278 4.53 28.78 25.42
CA ASP D 278 4.54 28.76 25.40
C ASP D 278 3.89 30.15 25.31
C ASP D 278 3.90 30.14 25.22
N CYS D 279 2.61 30.17 24.95
CA CYS D 279 1.92 31.43 24.78
C CYS D 279 1.82 32.13 26.12
N ILE D 280 1.59 31.38 27.19
CA ILE D 280 1.55 31.97 28.53
C ILE D 280 2.92 32.55 28.85
N GLU D 281 3.96 31.79 28.58
CA GLU D 281 5.32 32.22 28.84
C GLU D 281 5.69 33.51 28.09
N ASN D 282 5.19 33.68 26.87
CA ASN D 282 5.55 34.85 26.05
C ASN D 282 4.49 35.94 26.00
N ASN D 283 3.47 35.83 26.84
CA ASN D 283 2.44 36.86 26.96
C ASN D 283 1.70 37.12 25.64
N ILE D 284 1.29 36.07 24.97
CA ILE D 284 0.53 36.22 23.73
C ILE D 284 -0.63 35.26 23.68
N LYS D 285 -1.53 35.51 22.73
CA LYS D 285 -2.69 34.66 22.56
C LYS D 285 -2.40 33.49 21.64
N PRO D 286 -2.86 32.27 22.02
CA PRO D 286 -2.67 31.11 21.17
C PRO D 286 -3.42 31.22 19.85
N ALA D 287 -3.02 30.39 18.89
CA ALA D 287 -3.61 30.36 17.55
C ALA D 287 -5.12 30.22 17.58
N ILE D 288 -5.57 29.31 18.42
CA ILE D 288 -6.98 29.04 18.59
C ILE D 288 -7.42 29.98 19.71
N ASN D 289 -7.97 31.11 19.32
N ASN D 289 -8.02 31.09 19.28
CA ASN D 289 -8.55 32.07 20.26
CA ASN D 289 -8.44 32.16 20.16
C ASN D 289 -9.71 32.74 19.58
C ASN D 289 -9.65 32.88 19.56
N GLY D 290 -10.59 33.30 20.40
CA GLY D 290 -11.73 34.05 19.92
C GLY D 290 -12.62 33.23 19.00
N GLU D 291 -12.95 33.80 17.83
CA GLU D 291 -13.83 33.12 16.88
C GLU D 291 -13.30 31.76 16.44
N GLU D 292 -11.99 31.56 16.46
CA GLU D 292 -11.42 30.25 16.11
C GLU D 292 -11.93 29.13 17.02
N CYS D 293 -12.26 29.49 18.26
CA CYS D 293 -12.73 28.51 19.24
C CYS D 293 -14.14 27.98 18.95
N ILE D 294 -14.94 28.76 18.23
CA ILE D 294 -16.37 28.48 18.08
C ILE D 294 -16.89 28.49 16.64
N LYS D 295 -16.03 28.79 15.66
CA LYS D 295 -16.51 28.88 14.28
C LYS D 295 -17.08 27.55 13.74
N ALA D 296 -16.42 26.43 14.06
CA ALA D 296 -16.93 25.13 13.65
C ALA D 296 -18.24 24.83 14.35
N GLN D 297 -18.30 25.14 15.64
CA GLN D 297 -19.51 24.92 16.43
C GLN D 297 -20.69 25.75 15.92
N ARG D 298 -20.41 26.97 15.49
CA ARG D 298 -21.45 27.85 14.95
C ARG D 298 -22.07 27.22 13.70
N LEU D 299 -21.22 26.65 12.85
CA LEU D 299 -21.69 26.02 11.64
C LEU D 299 -22.58 24.80 11.98
N LEU D 300 -22.14 24.01 12.96
CA LEU D 300 -22.91 22.83 13.41
C LEU D 300 -24.23 23.21 14.07
N GLU D 301 -24.29 24.34 14.77
CA GLU D 301 -25.55 24.80 15.37
C GLU D 301 -26.53 25.13 14.27
N LYS D 302 -26.05 25.78 13.21
CA LYS D 302 -26.90 26.10 12.05
C LYS D 302 -27.43 24.80 11.43
N ILE D 303 -26.56 23.80 11.33
CA ILE D 303 -26.94 22.50 10.80
C ILE D 303 -27.98 21.82 11.68
N ILE D 304 -27.72 21.75 12.97
CA ILE D 304 -28.63 21.11 13.91
C ILE D 304 -29.99 21.84 13.92
N ASN D 305 -29.95 23.17 13.90
CA ASN D 305 -31.19 23.97 13.89
C ASN D 305 -32.03 23.84 12.60
N SER D 306 -31.39 23.43 11.50
CA SER D 306 -32.10 23.28 10.23
C SER D 306 -32.81 21.92 10.08
N VAL D 307 -32.53 20.98 11.00
CA VAL D 307 -33.13 19.64 10.93
C VAL D 307 -34.64 19.72 11.15
CL CL E . -3.50 -7.27 -22.07
CL CL F . -0.36 3.63 -20.81
CL CL G . 21.14 -10.67 -21.67
CL CL H . -2.26 -29.87 -30.04
C1 GOL I . 19.78 -7.19 -22.49
O1 GOL I . 20.35 -7.82 -21.35
C2 GOL I . 18.28 -7.09 -22.25
O2 GOL I . 17.89 -8.23 -21.55
C3 GOL I . 17.48 -6.99 -23.55
O3 GOL I . 17.07 -5.66 -23.79
C1 PEG J . 11.43 -16.71 1.10
O1 PEG J . 12.72 -17.17 1.49
C2 PEG J . 11.45 -15.42 0.27
O2 PEG J . 10.15 -15.13 -0.30
C3 PEG J . 9.48 -14.00 0.27
C4 PEG J . 8.54 -13.30 -0.72
O4 PEG J . 7.40 -12.72 -0.05
OH2 1PE K . 20.52 -15.27 3.49
C12 1PE K . 21.08 -13.96 3.67
C22 1PE K . 20.04 -12.97 4.13
OH3 1PE K . 19.27 -12.55 2.99
C13 1PE K . 17.19 -11.39 2.52
C23 1PE K . 18.50 -11.41 3.30
OH4 1PE K . 17.15 -12.50 1.63
C14 1PE K . 16.00 -14.53 1.70
C24 1PE K . 15.85 -13.05 1.46
OH5 1PE K . 14.85 -15.22 1.24
C15 1PE K . 15.84 -17.33 0.53
C25 1PE K . 15.13 -16.05 0.13
OH6 1PE K . 16.74 -17.62 -0.54
C16 1PE K . 18.66 -17.46 1.08
C26 1PE K . 18.12 -17.90 -0.27
OH7 1PE K . 20.06 -17.25 0.95
CL CL L . 3.33 6.84 22.03
CL CL M . -6.50 1.66 19.89
CL CL N . 24.58 11.57 32.00
C1 GOL O . 8.00 -15.55 25.37
O1 GOL O . 8.63 -16.36 24.37
C2 GOL O . 7.96 -14.11 24.90
O2 GOL O . 7.35 -14.05 23.64
C3 GOL O . 7.27 -13.21 25.93
O3 GOL O . 5.87 -13.38 26.04
C1 PEG P . 23.00 0.70 25.17
O1 PEG P . 23.38 -0.61 25.66
C2 PEG P . 21.49 0.91 25.11
O2 PEG P . 20.88 0.03 24.15
C3 PEG P . 20.34 0.64 22.96
C4 PEG P . 18.85 0.34 22.83
O4 PEG P . 18.30 1.05 21.69
CL CL Q . -5.13 -15.11 -14.04
CL CL R . -16.80 -6.70 -2.78
CL CL S . -8.28 7.08 -40.62
C1 GOL T . -25.90 -4.70 -16.14
O1 GOL T . -26.33 -3.66 -15.26
C2 GOL T . -24.43 -4.48 -16.45
O2 GOL T . -23.71 -4.49 -15.26
C3 GOL T . -23.88 -5.51 -17.46
O3 GOL T . -23.69 -6.81 -16.96
C1 PGE U . -13.92 5.97 -26.49
O1 PGE U . -13.57 7.36 -26.67
C2 PGE U . -13.28 5.32 -25.26
O2 PGE U . -14.29 5.09 -24.25
C3 PGE U . -14.09 3.91 -23.46
C4 PGE U . -13.76 4.30 -22.01
O4 PGE U . -11.45 2.20 -19.58
C6 PGE U . -10.75 3.37 -20.04
C5 PGE U . -11.58 4.15 -21.06
O3 PGE U . -12.79 3.46 -21.39
C1 PEG V . -14.16 16.56 -5.44
O1 PEG V . -12.93 16.02 -4.93
C2 PEG V . -15.33 16.26 -4.51
O2 PEG V . -16.14 15.17 -4.94
C3 PEG V . -17.35 15.49 -5.66
C4 PEG V . -18.25 16.60 -5.10
O4 PEG V . -19.08 16.21 -3.99
CL CL W . 11.85 9.16 14.69
CL CL X . -13.85 11.55 38.10
CL CL Y . -5.12 28.50 13.58
C1 GOL Z . -1.92 27.40 13.30
O1 GOL Z . -2.85 27.50 12.26
C2 GOL Z . -1.64 25.93 13.59
O2 GOL Z . -1.31 25.26 12.40
C3 GOL Z . -0.55 25.78 14.66
O3 GOL Z . 0.78 25.80 14.18
C1 PEG AA . -19.03 15.12 1.34
O1 PEG AA . -19.69 15.88 0.30
C2 PEG AA . -18.72 13.69 0.91
O2 PEG AA . -17.33 13.50 0.62
C3 PEG AA . -17.06 12.75 -0.58
C4 PEG AA . -15.71 13.07 -1.20
O4 PEG AA . -15.83 14.01 -2.29
#